data_6F64
# 
_entry.id   6F64 
# 
_audit_conform.dict_name       mmcif_pdbx.dic 
_audit_conform.dict_version    5.398 
_audit_conform.dict_location   http://mmcif.pdb.org/dictionaries/ascii/mmcif_pdbx.dic 
# 
loop_
_database_2.database_id 
_database_2.database_code 
_database_2.pdbx_database_accession 
_database_2.pdbx_DOI 
PDB   6F64         pdb_00006f64 10.2210/pdb6f64/pdb 
WWPDB D_1200007806 ?            ?                   
# 
loop_
_pdbx_audit_revision_history.ordinal 
_pdbx_audit_revision_history.data_content_type 
_pdbx_audit_revision_history.major_revision 
_pdbx_audit_revision_history.minor_revision 
_pdbx_audit_revision_history.revision_date 
1 'Structure model' 1 0 2018-06-06 
2 'Structure model' 1 1 2018-07-04 
3 'Structure model' 1 2 2018-08-01 
4 'Structure model' 1 3 2020-04-22 
5 'Structure model' 1 4 2024-11-13 
# 
_pdbx_audit_revision_details.ordinal             1 
_pdbx_audit_revision_details.revision_ordinal    1 
_pdbx_audit_revision_details.data_content_type   'Structure model' 
_pdbx_audit_revision_details.provider            repository 
_pdbx_audit_revision_details.type                'Initial release' 
_pdbx_audit_revision_details.description         ? 
_pdbx_audit_revision_details.details             ? 
# 
loop_
_pdbx_audit_revision_group.ordinal 
_pdbx_audit_revision_group.revision_ordinal 
_pdbx_audit_revision_group.data_content_type 
_pdbx_audit_revision_group.group 
1 2 'Structure model' 'Data collection'     
2 2 'Structure model' 'Database references' 
3 3 'Structure model' 'Data collection'     
4 3 'Structure model' 'Database references' 
5 4 'Structure model' 'Database references' 
6 5 'Structure model' 'Data collection'     
7 5 'Structure model' 'Database references' 
8 5 'Structure model' 'Structure summary'   
# 
loop_
_pdbx_audit_revision_category.ordinal 
_pdbx_audit_revision_category.revision_ordinal 
_pdbx_audit_revision_category.data_content_type 
_pdbx_audit_revision_category.category 
1 2 'Structure model' citation                  
2 3 'Structure model' citation                  
3 4 'Structure model' pdbx_related_exp_data_set 
4 5 'Structure model' chem_comp_atom            
5 5 'Structure model' chem_comp_bond            
6 5 'Structure model' database_2                
7 5 'Structure model' pdbx_entry_details        
8 5 'Structure model' pdbx_modification_feature 
# 
loop_
_pdbx_audit_revision_item.ordinal 
_pdbx_audit_revision_item.revision_ordinal 
_pdbx_audit_revision_item.data_content_type 
_pdbx_audit_revision_item.item 
1 2 'Structure model' '_citation.journal_abbrev'            
2 2 'Structure model' '_citation.pdbx_database_id_DOI'      
3 2 'Structure model' '_citation.pdbx_database_id_PubMed'   
4 2 'Structure model' '_citation.title'                     
5 3 'Structure model' '_citation.journal_volume'            
6 3 'Structure model' '_citation.page_first'                
7 3 'Structure model' '_citation.page_last'                 
8 5 'Structure model' '_database_2.pdbx_DOI'                
9 5 'Structure model' '_database_2.pdbx_database_accession' 
# 
_pdbx_database_status.status_code                     REL 
_pdbx_database_status.status_code_sf                  REL 
_pdbx_database_status.status_code_mr                  ? 
_pdbx_database_status.entry_id                        6F64 
_pdbx_database_status.recvd_initial_deposition_date   2017-12-04 
_pdbx_database_status.SG_entry                        N 
_pdbx_database_status.deposit_site                    PDBE 
_pdbx_database_status.process_site                    PDBE 
_pdbx_database_status.status_code_cs                  ? 
_pdbx_database_status.methods_development_category    ? 
_pdbx_database_status.pdb_format_compatible           Y 
_pdbx_database_status.status_code_nmr_data            ? 
# 
_pdbx_database_related.db_name        PDB 
_pdbx_database_related.details        '6F63 contains the same structure in a different spacegroup' 
_pdbx_database_related.db_id          6F63 
_pdbx_database_related.content_type   unspecified 
# 
loop_
_audit_author.name 
_audit_author.pdbx_ordinal 
_audit_author.identifier_ORCID 
'Dunce, J.M.'  1 ?                   
'Millan, C.'   2 ?                   
'Uson, I.'     3 ?                   
'Davies, O.R.' 4 0000-0002-3806-5403 
# 
_citation.abstract                  ? 
_citation.abstract_id_CAS           ? 
_citation.book_id_ISBN              ? 
_citation.book_publisher            ? 
_citation.book_publisher_city       ? 
_citation.book_title                ? 
_citation.coordinate_linkage        ? 
_citation.country                   US 
_citation.database_id_Medline       ? 
_citation.details                   ? 
_citation.id                        primary 
_citation.journal_abbrev            'Nat. Struct. Mol. Biol.' 
_citation.journal_id_ASTM           ? 
_citation.journal_id_CSD            ? 
_citation.journal_id_ISSN           1545-9985 
_citation.journal_full              ? 
_citation.journal_issue             ? 
_citation.journal_volume            25 
_citation.language                  ? 
_citation.page_first                557 
_citation.page_last                 569 
_citation.title                     'Structural basis of meiotic chromosome synapsis through SYCP1 self-assembly.' 
_citation.year                      2018 
_citation.database_id_CSD           ? 
_citation.pdbx_database_id_DOI      10.1038/s41594-018-0078-9 
_citation.pdbx_database_id_PubMed   29915389 
_citation.unpublished_flag          ? 
# 
loop_
_citation_author.citation_id 
_citation_author.name 
_citation_author.ordinal 
_citation_author.identifier_ORCID 
primary 'Dunce, J.M.'  1 ? 
primary 'Dunne, O.M.'  2 ? 
primary 'Ratcliff, M.' 3 ? 
primary 'Millan, C.'   4 ? 
primary 'Madgwick, S.' 5 ? 
primary 'Uson, I.'     6 ? 
primary 'Davies, O.R.' 7 ? 
# 
loop_
_entity.id 
_entity.type 
_entity.src_method 
_entity.pdbx_description 
_entity.formula_weight 
_entity.pdbx_number_of_molecules 
_entity.pdbx_ec 
_entity.pdbx_mutation 
_entity.pdbx_fragment 
_entity.details 
1 polymer     man 'Synaptonemal complex protein 1' 11384.086 1  ? ? ? ? 
2 non-polymer syn 'ACETATE ION'                    59.044    1  ? ? ? ? 
3 water       nat water                            18.015    16 ? ? ? ? 
# 
_entity_name_com.entity_id   1 
_entity_name_com.name        'SCP-1,Cancer/testis antigen 8,CT8' 
# 
_entity_poly.entity_id                      1 
_entity_poly.type                           'polypeptide(L)' 
_entity_poly.nstd_linkage                   no 
_entity_poly.nstd_monomer                   no 
_entity_poly.pdbx_seq_one_letter_code       
;GSMENLLEEVEKAKVIADEAVKLQKEIDKRCQHKIAEMVALMEKHKHQYDKIIEERDSELGLYKSKEQEQSSLRASLEIE
LSNLKAELLSVKKQLEIE
;
_entity_poly.pdbx_seq_one_letter_code_can   
;GSMENLLEEVEKAKVIADEAVKLQKEIDKRCQHKIAEMVALMEKHKHQYDKIIEERDSELGLYKSKEQEQSSLRASLEIE
LSNLKAELLSVKKQLEIE
;
_entity_poly.pdbx_strand_id                 A 
_entity_poly.pdbx_target_identifier         ? 
# 
loop_
_pdbx_entity_nonpoly.entity_id 
_pdbx_entity_nonpoly.name 
_pdbx_entity_nonpoly.comp_id 
2 'ACETATE ION' ACT 
3 water         HOH 
# 
loop_
_entity_poly_seq.entity_id 
_entity_poly_seq.num 
_entity_poly_seq.mon_id 
_entity_poly_seq.hetero 
1 1  GLY n 
1 2  SER n 
1 3  MET n 
1 4  GLU n 
1 5  ASN n 
1 6  LEU n 
1 7  LEU n 
1 8  GLU n 
1 9  GLU n 
1 10 VAL n 
1 11 GLU n 
1 12 LYS n 
1 13 ALA n 
1 14 LYS n 
1 15 VAL n 
1 16 ILE n 
1 17 ALA n 
1 18 ASP n 
1 19 GLU n 
1 20 ALA n 
1 21 VAL n 
1 22 LYS n 
1 23 LEU n 
1 24 GLN n 
1 25 LYS n 
1 26 GLU n 
1 27 ILE n 
1 28 ASP n 
1 29 LYS n 
1 30 ARG n 
1 31 CYS n 
1 32 GLN n 
1 33 HIS n 
1 34 LYS n 
1 35 ILE n 
1 36 ALA n 
1 37 GLU n 
1 38 MET n 
1 39 VAL n 
1 40 ALA n 
1 41 LEU n 
1 42 MET n 
1 43 GLU n 
1 44 LYS n 
1 45 HIS n 
1 46 LYS n 
1 47 HIS n 
1 48 GLN n 
1 49 TYR n 
1 50 ASP n 
1 51 LYS n 
1 52 ILE n 
1 53 ILE n 
1 54 GLU n 
1 55 GLU n 
1 56 ARG n 
1 57 ASP n 
1 58 SER n 
1 59 GLU n 
1 60 LEU n 
1 61 GLY n 
1 62 LEU n 
1 63 TYR n 
1 64 LYS n 
1 65 SER n 
1 66 LYS n 
1 67 GLU n 
1 68 GLN n 
1 69 GLU n 
1 70 GLN n 
1 71 SER n 
1 72 SER n 
1 73 LEU n 
1 74 ARG n 
1 75 ALA n 
1 76 SER n 
1 77 LEU n 
1 78 GLU n 
1 79 ILE n 
1 80 GLU n 
1 81 LEU n 
1 82 SER n 
1 83 ASN n 
1 84 LEU n 
1 85 LYS n 
1 86 ALA n 
1 87 GLU n 
1 88 LEU n 
1 89 LEU n 
1 90 SER n 
1 91 VAL n 
1 92 LYS n 
1 93 LYS n 
1 94 GLN n 
1 95 LEU n 
1 96 GLU n 
1 97 ILE n 
1 98 GLU n 
# 
_entity_src_gen.entity_id                          1 
_entity_src_gen.pdbx_src_id                        1 
_entity_src_gen.pdbx_alt_source_flag               sample 
_entity_src_gen.pdbx_seq_type                      'Biological sequence' 
_entity_src_gen.pdbx_beg_seq_num                   1 
_entity_src_gen.pdbx_end_seq_num                   98 
_entity_src_gen.gene_src_common_name               Human 
_entity_src_gen.gene_src_genus                     ? 
_entity_src_gen.pdbx_gene_src_gene                 'SYCP1, SCP1' 
_entity_src_gen.gene_src_species                   ? 
_entity_src_gen.gene_src_strain                    ? 
_entity_src_gen.gene_src_tissue                    ? 
_entity_src_gen.gene_src_tissue_fraction           ? 
_entity_src_gen.gene_src_details                   ? 
_entity_src_gen.pdbx_gene_src_fragment             ? 
_entity_src_gen.pdbx_gene_src_scientific_name      'Homo sapiens' 
_entity_src_gen.pdbx_gene_src_ncbi_taxonomy_id     9606 
_entity_src_gen.pdbx_gene_src_variant              ? 
_entity_src_gen.pdbx_gene_src_cell_line            ? 
_entity_src_gen.pdbx_gene_src_atcc                 ? 
_entity_src_gen.pdbx_gene_src_organ                ? 
_entity_src_gen.pdbx_gene_src_organelle            ? 
_entity_src_gen.pdbx_gene_src_cell                 ? 
_entity_src_gen.pdbx_gene_src_cellular_location    ? 
_entity_src_gen.host_org_common_name               ? 
_entity_src_gen.pdbx_host_org_scientific_name      'Escherichia coli' 
_entity_src_gen.pdbx_host_org_ncbi_taxonomy_id     562 
_entity_src_gen.host_org_genus                     ? 
_entity_src_gen.pdbx_host_org_gene                 ? 
_entity_src_gen.pdbx_host_org_organ                ? 
_entity_src_gen.host_org_species                   ? 
_entity_src_gen.pdbx_host_org_tissue               ? 
_entity_src_gen.pdbx_host_org_tissue_fraction      ? 
_entity_src_gen.pdbx_host_org_strain               ? 
_entity_src_gen.pdbx_host_org_variant              ? 
_entity_src_gen.pdbx_host_org_cell_line            ? 
_entity_src_gen.pdbx_host_org_atcc                 ? 
_entity_src_gen.pdbx_host_org_culture_collection   ? 
_entity_src_gen.pdbx_host_org_cell                 ? 
_entity_src_gen.pdbx_host_org_organelle            ? 
_entity_src_gen.pdbx_host_org_cellular_location    ? 
_entity_src_gen.pdbx_host_org_vector_type          ? 
_entity_src_gen.pdbx_host_org_vector               ? 
_entity_src_gen.host_org_details                   ? 
_entity_src_gen.expression_system_id               ? 
_entity_src_gen.plasmid_name                       ? 
_entity_src_gen.plasmid_details                    ? 
_entity_src_gen.pdbx_description                   ? 
# 
loop_
_chem_comp.id 
_chem_comp.type 
_chem_comp.mon_nstd_flag 
_chem_comp.name 
_chem_comp.pdbx_synonyms 
_chem_comp.formula 
_chem_comp.formula_weight 
ACT non-polymer         . 'ACETATE ION'   ? 'C2 H3 O2 -1'    59.044  
ALA 'L-peptide linking' y ALANINE         ? 'C3 H7 N O2'     89.093  
ARG 'L-peptide linking' y ARGININE        ? 'C6 H15 N4 O2 1' 175.209 
ASN 'L-peptide linking' y ASPARAGINE      ? 'C4 H8 N2 O3'    132.118 
ASP 'L-peptide linking' y 'ASPARTIC ACID' ? 'C4 H7 N O4'     133.103 
CYS 'L-peptide linking' y CYSTEINE        ? 'C3 H7 N O2 S'   121.158 
GLN 'L-peptide linking' y GLUTAMINE       ? 'C5 H10 N2 O3'   146.144 
GLU 'L-peptide linking' y 'GLUTAMIC ACID' ? 'C5 H9 N O4'     147.129 
GLY 'peptide linking'   y GLYCINE         ? 'C2 H5 N O2'     75.067  
HIS 'L-peptide linking' y HISTIDINE       ? 'C6 H10 N3 O2 1' 156.162 
HOH non-polymer         . WATER           ? 'H2 O'           18.015  
ILE 'L-peptide linking' y ISOLEUCINE      ? 'C6 H13 N O2'    131.173 
LEU 'L-peptide linking' y LEUCINE         ? 'C6 H13 N O2'    131.173 
LYS 'L-peptide linking' y LYSINE          ? 'C6 H15 N2 O2 1' 147.195 
MET 'L-peptide linking' y METHIONINE      ? 'C5 H11 N O2 S'  149.211 
SER 'L-peptide linking' y SERINE          ? 'C3 H7 N O3'     105.093 
TYR 'L-peptide linking' y TYROSINE        ? 'C9 H11 N O3'    181.189 
VAL 'L-peptide linking' y VALINE          ? 'C5 H11 N O2'    117.146 
# 
loop_
_pdbx_poly_seq_scheme.asym_id 
_pdbx_poly_seq_scheme.entity_id 
_pdbx_poly_seq_scheme.seq_id 
_pdbx_poly_seq_scheme.mon_id 
_pdbx_poly_seq_scheme.ndb_seq_num 
_pdbx_poly_seq_scheme.pdb_seq_num 
_pdbx_poly_seq_scheme.auth_seq_num 
_pdbx_poly_seq_scheme.pdb_mon_id 
_pdbx_poly_seq_scheme.auth_mon_id 
_pdbx_poly_seq_scheme.pdb_strand_id 
_pdbx_poly_seq_scheme.pdb_ins_code 
_pdbx_poly_seq_scheme.hetero 
A 1 1  GLY 1  673 ?   ?   ?   A . n 
A 1 2  SER 2  674 ?   ?   ?   A . n 
A 1 3  MET 3  675 675 MET MET A . n 
A 1 4  GLU 4  676 676 GLU GLU A . n 
A 1 5  ASN 5  677 677 ASN ASN A . n 
A 1 6  LEU 6  678 678 LEU LEU A . n 
A 1 7  LEU 7  679 679 LEU LEU A . n 
A 1 8  GLU 8  680 680 GLU GLU A . n 
A 1 9  GLU 9  681 681 GLU GLU A . n 
A 1 10 VAL 10 682 682 VAL VAL A . n 
A 1 11 GLU 11 683 683 GLU GLU A . n 
A 1 12 LYS 12 684 684 LYS LYS A . n 
A 1 13 ALA 13 685 685 ALA ALA A . n 
A 1 14 LYS 14 686 686 LYS LYS A . n 
A 1 15 VAL 15 687 687 VAL VAL A . n 
A 1 16 ILE 16 688 688 ILE ILE A . n 
A 1 17 ALA 17 689 689 ALA ALA A . n 
A 1 18 ASP 18 690 690 ASP ASP A . n 
A 1 19 GLU 19 691 691 GLU GLU A . n 
A 1 20 ALA 20 692 692 ALA ALA A . n 
A 1 21 VAL 21 693 693 VAL VAL A . n 
A 1 22 LYS 22 694 694 LYS LYS A . n 
A 1 23 LEU 23 695 695 LEU LEU A . n 
A 1 24 GLN 24 696 696 GLN GLN A . n 
A 1 25 LYS 25 697 697 LYS LYS A . n 
A 1 26 GLU 26 698 698 GLU GLU A . n 
A 1 27 ILE 27 699 699 ILE ILE A . n 
A 1 28 ASP 28 700 700 ASP ASP A . n 
A 1 29 LYS 29 701 701 LYS LYS A . n 
A 1 30 ARG 30 702 702 ARG ARG A . n 
A 1 31 CYS 31 703 703 CYS CYS A . n 
A 1 32 GLN 32 704 704 GLN GLN A . n 
A 1 33 HIS 33 705 705 HIS HIS A . n 
A 1 34 LYS 34 706 706 LYS LYS A . n 
A 1 35 ILE 35 707 707 ILE ILE A . n 
A 1 36 ALA 36 708 708 ALA ALA A . n 
A 1 37 GLU 37 709 709 GLU GLU A . n 
A 1 38 MET 38 710 710 MET MET A . n 
A 1 39 VAL 39 711 711 VAL VAL A . n 
A 1 40 ALA 40 712 712 ALA ALA A . n 
A 1 41 LEU 41 713 713 LEU LEU A . n 
A 1 42 MET 42 714 714 MET MET A . n 
A 1 43 GLU 43 715 715 GLU GLU A . n 
A 1 44 LYS 44 716 716 LYS LYS A . n 
A 1 45 HIS 45 717 717 HIS HIS A . n 
A 1 46 LYS 46 718 718 LYS LYS A . n 
A 1 47 HIS 47 719 719 HIS HIS A . n 
A 1 48 GLN 48 720 720 GLN GLN A . n 
A 1 49 TYR 49 721 721 TYR TYR A . n 
A 1 50 ASP 50 722 722 ASP ASP A . n 
A 1 51 LYS 51 723 723 LYS LYS A . n 
A 1 52 ILE 52 724 724 ILE ILE A . n 
A 1 53 ILE 53 725 725 ILE ILE A . n 
A 1 54 GLU 54 726 726 GLU GLU A . n 
A 1 55 GLU 55 727 727 GLU GLU A . n 
A 1 56 ARG 56 728 728 ARG ARG A . n 
A 1 57 ASP 57 729 729 ASP ASP A . n 
A 1 58 SER 58 730 730 SER SER A . n 
A 1 59 GLU 59 731 731 GLU GLU A . n 
A 1 60 LEU 60 732 732 LEU LEU A . n 
A 1 61 GLY 61 733 733 GLY GLY A . n 
A 1 62 LEU 62 734 734 LEU LEU A . n 
A 1 63 TYR 63 735 735 TYR TYR A . n 
A 1 64 LYS 64 736 736 LYS LYS A . n 
A 1 65 SER 65 737 737 SER SER A . n 
A 1 66 LYS 66 738 738 LYS LYS A . n 
A 1 67 GLU 67 739 739 GLU GLU A . n 
A 1 68 GLN 68 740 740 GLN GLN A . n 
A 1 69 GLU 69 741 741 GLU GLU A . n 
A 1 70 GLN 70 742 742 GLN GLN A . n 
A 1 71 SER 71 743 743 SER SER A . n 
A 1 72 SER 72 744 744 SER SER A . n 
A 1 73 LEU 73 745 745 LEU LEU A . n 
A 1 74 ARG 74 746 746 ARG ARG A . n 
A 1 75 ALA 75 747 747 ALA ALA A . n 
A 1 76 SER 76 748 748 SER SER A . n 
A 1 77 LEU 77 749 749 LEU LEU A . n 
A 1 78 GLU 78 750 750 GLU GLU A . n 
A 1 79 ILE 79 751 751 ILE ILE A . n 
A 1 80 GLU 80 752 752 GLU GLU A . n 
A 1 81 LEU 81 753 753 LEU LEU A . n 
A 1 82 SER 82 754 754 SER SER A . n 
A 1 83 ASN 83 755 755 ASN ASN A . n 
A 1 84 LEU 84 756 756 LEU LEU A . n 
A 1 85 LYS 85 757 757 LYS LYS A . n 
A 1 86 ALA 86 758 758 ALA ALA A . n 
A 1 87 GLU 87 759 759 GLU GLU A . n 
A 1 88 LEU 88 760 760 LEU LEU A . n 
A 1 89 LEU 89 761 761 LEU LEU A . n 
A 1 90 SER 90 762 762 SER SER A . n 
A 1 91 VAL 91 763 763 VAL VAL A . n 
A 1 92 LYS 92 764 764 LYS LYS A . n 
A 1 93 LYS 93 765 765 LYS LYS A . n 
A 1 94 GLN 94 766 766 GLN GLN A . n 
A 1 95 LEU 95 767 767 LEU LEU A . n 
A 1 96 GLU 96 768 768 GLU GLU A . n 
A 1 97 ILE 97 769 769 ILE ILE A . n 
A 1 98 GLU 98 770 ?   ?   ?   A . n 
# 
loop_
_pdbx_nonpoly_scheme.asym_id 
_pdbx_nonpoly_scheme.entity_id 
_pdbx_nonpoly_scheme.mon_id 
_pdbx_nonpoly_scheme.ndb_seq_num 
_pdbx_nonpoly_scheme.pdb_seq_num 
_pdbx_nonpoly_scheme.auth_seq_num 
_pdbx_nonpoly_scheme.pdb_mon_id 
_pdbx_nonpoly_scheme.auth_mon_id 
_pdbx_nonpoly_scheme.pdb_strand_id 
_pdbx_nonpoly_scheme.pdb_ins_code 
B 2 ACT 1  801 1  ACT ACT A . 
C 3 HOH 1  901 13 HOH HOH A . 
C 3 HOH 2  902 4  HOH HOH A . 
C 3 HOH 3  903 2  HOH HOH A . 
C 3 HOH 4  904 10 HOH HOH A . 
C 3 HOH 5  905 1  HOH HOH A . 
C 3 HOH 6  906 5  HOH HOH A . 
C 3 HOH 7  907 12 HOH HOH A . 
C 3 HOH 8  908 7  HOH HOH A . 
C 3 HOH 9  909 3  HOH HOH A . 
C 3 HOH 10 910 8  HOH HOH A . 
C 3 HOH 11 911 6  HOH HOH A . 
C 3 HOH 12 912 11 HOH HOH A . 
C 3 HOH 13 913 9  HOH HOH A . 
C 3 HOH 14 914 16 HOH HOH A . 
C 3 HOH 15 915 15 HOH HOH A . 
C 3 HOH 16 916 14 HOH HOH A . 
# 
loop_
_software.citation_id 
_software.classification 
_software.compiler_name 
_software.compiler_version 
_software.contact_author 
_software.contact_author_email 
_software.date 
_software.description 
_software.dependencies 
_software.hardware 
_software.language 
_software.location 
_software.mods 
_software.name 
_software.os 
_software.os_version 
_software.type 
_software.version 
_software.pdbx_ordinal 
? refinement       ? ? ? ? ? ? ? ? ? ? ? PHENIX     ? ? ? '(1.12rc1_2807: ???)' 1 
? 'data reduction' ? ? ? ? ? ? ? ? ? ? ? XDS        ? ? ? .                     2 
? 'data scaling'   ? ? ? ? ? ? ? ? ? ? ? XSCALE     ? ? ? .                     3 
? phasing          ? ? ? ? ? ? ? ? ? ? ? Arcimboldo ? ? ? .                     4 
# 
_cell.angle_alpha                  90.00 
_cell.angle_alpha_esd              ? 
_cell.angle_beta                   90.00 
_cell.angle_beta_esd               ? 
_cell.angle_gamma                  90.00 
_cell.angle_gamma_esd              ? 
_cell.entry_id                     6F64 
_cell.details                      ? 
_cell.formula_units_Z              ? 
_cell.length_a                     43.380 
_cell.length_a_esd                 ? 
_cell.length_b                     43.380 
_cell.length_b_esd                 ? 
_cell.length_c                     292.180 
_cell.length_c_esd                 ? 
_cell.volume                       ? 
_cell.volume_esd                   ? 
_cell.Z_PDB                        16 
_cell.reciprocal_angle_alpha       ? 
_cell.reciprocal_angle_beta        ? 
_cell.reciprocal_angle_gamma       ? 
_cell.reciprocal_angle_alpha_esd   ? 
_cell.reciprocal_angle_beta_esd    ? 
_cell.reciprocal_angle_gamma_esd   ? 
_cell.reciprocal_length_a          ? 
_cell.reciprocal_length_b          ? 
_cell.reciprocal_length_c          ? 
_cell.reciprocal_length_a_esd      ? 
_cell.reciprocal_length_b_esd      ? 
_cell.reciprocal_length_c_esd      ? 
_cell.pdbx_unique_axis             ? 
# 
_symmetry.entry_id                         6F64 
_symmetry.cell_setting                     ? 
_symmetry.Int_Tables_number                98 
_symmetry.space_group_name_Hall            ? 
_symmetry.space_group_name_H-M             'I 41 2 2' 
_symmetry.pdbx_full_space_group_name_H-M   ? 
# 
_exptl.absorpt_coefficient_mu     ? 
_exptl.absorpt_correction_T_max   ? 
_exptl.absorpt_correction_T_min   ? 
_exptl.absorpt_correction_type    ? 
_exptl.absorpt_process_details    ? 
_exptl.entry_id                   6F64 
_exptl.crystals_number            1 
_exptl.details                    ? 
_exptl.method                     'X-RAY DIFFRACTION' 
_exptl.method_details             ? 
# 
_exptl_crystal.colour                      ? 
_exptl_crystal.density_diffrn              ? 
_exptl_crystal.density_Matthews            3.02 
_exptl_crystal.density_method              ? 
_exptl_crystal.density_percent_sol         59.25 
_exptl_crystal.description                 ? 
_exptl_crystal.F_000                       ? 
_exptl_crystal.id                          1 
_exptl_crystal.preparation                 ? 
_exptl_crystal.size_max                    ? 
_exptl_crystal.size_mid                    ? 
_exptl_crystal.size_min                    ? 
_exptl_crystal.size_rad                    ? 
_exptl_crystal.colour_lustre               ? 
_exptl_crystal.colour_modifier             ? 
_exptl_crystal.colour_primary              ? 
_exptl_crystal.density_meas                ? 
_exptl_crystal.density_meas_esd            ? 
_exptl_crystal.density_meas_gt             ? 
_exptl_crystal.density_meas_lt             ? 
_exptl_crystal.density_meas_temp           ? 
_exptl_crystal.density_meas_temp_esd       ? 
_exptl_crystal.density_meas_temp_gt        ? 
_exptl_crystal.density_meas_temp_lt        ? 
_exptl_crystal.pdbx_crystal_image_url      ? 
_exptl_crystal.pdbx_crystal_image_format   ? 
_exptl_crystal.pdbx_mosaicity              ? 
_exptl_crystal.pdbx_mosaicity_esd          ? 
# 
_exptl_crystal_grow.apparatus       ? 
_exptl_crystal_grow.atmosphere      ? 
_exptl_crystal_grow.crystal_id      1 
_exptl_crystal_grow.details         ? 
_exptl_crystal_grow.method          'VAPOR DIFFUSION, HANGING DROP' 
_exptl_crystal_grow.method_ref      ? 
_exptl_crystal_grow.pH              6.5 
_exptl_crystal_grow.pressure        ? 
_exptl_crystal_grow.pressure_esd    ? 
_exptl_crystal_grow.seeding         ? 
_exptl_crystal_grow.seeding_ref     ? 
_exptl_crystal_grow.temp            293 
_exptl_crystal_grow.temp_details    ? 
_exptl_crystal_grow.temp_esd        ? 
_exptl_crystal_grow.time            ? 
_exptl_crystal_grow.pdbx_details    
'0.1 M sodium cacodylate pH 6.5, 1.4M sodium acetate; soaked in 0.1 M sodium cacodylate pH 6.5, 1.4 M sodium acetate, 20% PEG400' 
_exptl_crystal_grow.pdbx_pH_range   ? 
# 
_diffrn.ambient_environment    ? 
_diffrn.ambient_temp           100 
_diffrn.ambient_temp_details   ? 
_diffrn.ambient_temp_esd       ? 
_diffrn.crystal_id             1 
_diffrn.crystal_support        ? 
_diffrn.crystal_treatment      ? 
_diffrn.details                ? 
_diffrn.id                     1 
_diffrn.ambient_pressure       ? 
_diffrn.ambient_pressure_esd   ? 
_diffrn.ambient_pressure_gt    ? 
_diffrn.ambient_pressure_lt    ? 
_diffrn.ambient_temp_gt        ? 
_diffrn.ambient_temp_lt        ? 
# 
_diffrn_detector.details                      ? 
_diffrn_detector.detector                     PIXEL 
_diffrn_detector.diffrn_id                    1 
_diffrn_detector.type                         'DECTRIS PILATUS 6M-F' 
_diffrn_detector.area_resol_mean              ? 
_diffrn_detector.dtime                        ? 
_diffrn_detector.pdbx_frames_total            ? 
_diffrn_detector.pdbx_collection_time_total   ? 
_diffrn_detector.pdbx_collection_date         2016-02-19 
# 
_diffrn_radiation.collimation                      ? 
_diffrn_radiation.diffrn_id                        1 
_diffrn_radiation.filter_edge                      ? 
_diffrn_radiation.inhomogeneity                    ? 
_diffrn_radiation.monochromator                    ? 
_diffrn_radiation.polarisn_norm                    ? 
_diffrn_radiation.polarisn_ratio                   ? 
_diffrn_radiation.probe                            ? 
_diffrn_radiation.type                             ? 
_diffrn_radiation.xray_symbol                      ? 
_diffrn_radiation.wavelength_id                    1 
_diffrn_radiation.pdbx_monochromatic_or_laue_m_l   M 
_diffrn_radiation.pdbx_wavelength_list             ? 
_diffrn_radiation.pdbx_wavelength                  ? 
_diffrn_radiation.pdbx_diffrn_protocol             'SINGLE WAVELENGTH' 
_diffrn_radiation.pdbx_analyzer                    ? 
_diffrn_radiation.pdbx_scattering_type             x-ray 
# 
_diffrn_radiation_wavelength.id           1 
_diffrn_radiation_wavelength.wavelength   0.9795 
_diffrn_radiation_wavelength.wt           1.0 
# 
_diffrn_source.current                     ? 
_diffrn_source.details                     ? 
_diffrn_source.diffrn_id                   1 
_diffrn_source.power                       ? 
_diffrn_source.size                        ? 
_diffrn_source.source                      SYNCHROTRON 
_diffrn_source.target                      ? 
_diffrn_source.type                        'DIAMOND BEAMLINE I02' 
_diffrn_source.voltage                     ? 
_diffrn_source.take-off_angle              ? 
_diffrn_source.pdbx_wavelength_list        0.9795 
_diffrn_source.pdbx_wavelength             ? 
_diffrn_source.pdbx_synchrotron_beamline   I02 
_diffrn_source.pdbx_synchrotron_site       Diamond 
# 
_reflns.B_iso_Wilson_estimate            ? 
_reflns.entry_id                         6F64 
_reflns.data_reduction_details           ? 
_reflns.data_reduction_method            ? 
_reflns.d_resolution_high                2.48 
_reflns.d_resolution_low                 42.91 
_reflns.details                          ? 
_reflns.limit_h_max                      ? 
_reflns.limit_h_min                      ? 
_reflns.limit_k_max                      ? 
_reflns.limit_k_min                      ? 
_reflns.limit_l_max                      ? 
_reflns.limit_l_min                      ? 
_reflns.number_all                       ? 
_reflns.number_obs                       5424 
_reflns.observed_criterion               ? 
_reflns.observed_criterion_F_max         ? 
_reflns.observed_criterion_F_min         ? 
_reflns.observed_criterion_I_max         ? 
_reflns.observed_criterion_I_min         ? 
_reflns.observed_criterion_sigma_F       ? 
_reflns.observed_criterion_sigma_I       ? 
_reflns.percent_possible_obs             99.8 
_reflns.R_free_details                   ? 
_reflns.Rmerge_F_all                     ? 
_reflns.Rmerge_F_obs                     ? 
_reflns.Friedel_coverage                 ? 
_reflns.number_gt                        ? 
_reflns.threshold_expression             ? 
_reflns.pdbx_redundancy                  13.2 
_reflns.pdbx_Rmerge_I_obs                0.080 
_reflns.pdbx_Rmerge_I_all                ? 
_reflns.pdbx_Rsym_value                  ? 
_reflns.pdbx_netI_over_av_sigmaI         ? 
_reflns.pdbx_netI_over_sigmaI            14.8 
_reflns.pdbx_res_netI_over_av_sigmaI_2   ? 
_reflns.pdbx_res_netI_over_sigmaI_2      ? 
_reflns.pdbx_chi_squared                 ? 
_reflns.pdbx_scaling_rejects             ? 
_reflns.pdbx_d_res_high_opt              ? 
_reflns.pdbx_d_res_low_opt               ? 
_reflns.pdbx_d_res_opt_method            ? 
_reflns.phase_calculation_details        ? 
_reflns.pdbx_Rrim_I_all                  0.084 
_reflns.pdbx_Rpim_I_all                  0.023 
_reflns.pdbx_d_opt                       ? 
_reflns.pdbx_number_measured_all         ? 
_reflns.pdbx_diffrn_id                   1 
_reflns.pdbx_ordinal                     1 
_reflns.pdbx_CC_half                     1.000 
_reflns.pdbx_R_split                     ? 
# 
_reflns_shell.d_res_high                  2.48 
_reflns_shell.d_res_low                   2.58 
_reflns_shell.meanI_over_sigI_all         ? 
_reflns_shell.meanI_over_sigI_obs         1.5 
_reflns_shell.number_measured_all         ? 
_reflns_shell.number_measured_obs         ? 
_reflns_shell.number_possible             ? 
_reflns_shell.number_unique_all           ? 
_reflns_shell.number_unique_obs           591 
_reflns_shell.percent_possible_all        99.7 
_reflns_shell.percent_possible_obs        ? 
_reflns_shell.Rmerge_F_all                ? 
_reflns_shell.Rmerge_F_obs                ? 
_reflns_shell.Rmerge_I_all                ? 
_reflns_shell.Rmerge_I_obs                2.567 
_reflns_shell.meanI_over_sigI_gt          ? 
_reflns_shell.meanI_over_uI_all           ? 
_reflns_shell.meanI_over_uI_gt            ? 
_reflns_shell.number_measured_gt          ? 
_reflns_shell.number_unique_gt            ? 
_reflns_shell.percent_possible_gt         ? 
_reflns_shell.Rmerge_F_gt                 ? 
_reflns_shell.Rmerge_I_gt                 ? 
_reflns_shell.pdbx_redundancy             13.2 
_reflns_shell.pdbx_Rsym_value             ? 
_reflns_shell.pdbx_chi_squared            ? 
_reflns_shell.pdbx_netI_over_sigmaI_all   ? 
_reflns_shell.pdbx_netI_over_sigmaI_obs   ? 
_reflns_shell.pdbx_Rrim_I_all             2.671 
_reflns_shell.pdbx_Rpim_I_all             0.727 
_reflns_shell.pdbx_rejects                ? 
_reflns_shell.pdbx_ordinal                1 
_reflns_shell.pdbx_diffrn_id              1 
_reflns_shell.pdbx_CC_half                0.935 
_reflns_shell.pdbx_R_split                ? 
# 
_refine.aniso_B[1][1]                            ? 
_refine.aniso_B[1][2]                            ? 
_refine.aniso_B[1][3]                            ? 
_refine.aniso_B[2][2]                            ? 
_refine.aniso_B[2][3]                            ? 
_refine.aniso_B[3][3]                            ? 
_refine.B_iso_max                                ? 
_refine.B_iso_mean                               ? 
_refine.B_iso_min                                ? 
_refine.correlation_coeff_Fo_to_Fc               ? 
_refine.correlation_coeff_Fo_to_Fc_free          ? 
_refine.details                                  
'Refined against data corrected for anisotropy (FP_ISOB/SIGFP_ISOB) using the UCLA diffraction anisotropy server.' 
_refine.diff_density_max                         ? 
_refine.diff_density_max_esd                     ? 
_refine.diff_density_min                         ? 
_refine.diff_density_min_esd                     ? 
_refine.diff_density_rms                         ? 
_refine.diff_density_rms_esd                     ? 
_refine.entry_id                                 6F64 
_refine.pdbx_refine_id                           'X-RAY DIFFRACTION' 
_refine.ls_abs_structure_details                 ? 
_refine.ls_abs_structure_Flack                   ? 
_refine.ls_abs_structure_Flack_esd               ? 
_refine.ls_abs_structure_Rogers                  ? 
_refine.ls_abs_structure_Rogers_esd              ? 
_refine.ls_d_res_high                            2.493 
_refine.ls_d_res_low                             39.627 
_refine.ls_extinction_coef                       ? 
_refine.ls_extinction_coef_esd                   ? 
_refine.ls_extinction_expression                 ? 
_refine.ls_extinction_method                     ? 
_refine.ls_goodness_of_fit_all                   ? 
_refine.ls_goodness_of_fit_all_esd               ? 
_refine.ls_goodness_of_fit_obs                   ? 
_refine.ls_goodness_of_fit_obs_esd               ? 
_refine.ls_hydrogen_treatment                    ? 
_refine.ls_matrix_type                           ? 
_refine.ls_number_constraints                    ? 
_refine.ls_number_parameters                     ? 
_refine.ls_number_reflns_all                     ? 
_refine.ls_number_reflns_obs                     4138 
_refine.ls_number_reflns_R_free                  219 
_refine.ls_number_reflns_R_work                  ? 
_refine.ls_number_restraints                     ? 
_refine.ls_percent_reflns_obs                    77.16 
_refine.ls_percent_reflns_R_free                 5.29 
_refine.ls_R_factor_all                          ? 
_refine.ls_R_factor_obs                          0.2271 
_refine.ls_R_factor_R_free                       0.2517 
_refine.ls_R_factor_R_free_error                 ? 
_refine.ls_R_factor_R_free_error_details         ? 
_refine.ls_R_factor_R_work                       0.2251 
_refine.ls_R_Fsqd_factor_obs                     ? 
_refine.ls_R_I_factor_obs                        ? 
_refine.ls_redundancy_reflns_all                 ? 
_refine.ls_redundancy_reflns_obs                 ? 
_refine.ls_restrained_S_all                      ? 
_refine.ls_restrained_S_obs                      ? 
_refine.ls_shift_over_esd_max                    ? 
_refine.ls_shift_over_esd_mean                   ? 
_refine.ls_structure_factor_coef                 ? 
_refine.ls_weighting_details                     ? 
_refine.ls_weighting_scheme                      ? 
_refine.ls_wR_factor_all                         ? 
_refine.ls_wR_factor_obs                         ? 
_refine.ls_wR_factor_R_free                      ? 
_refine.ls_wR_factor_R_work                      ? 
_refine.occupancy_max                            ? 
_refine.occupancy_min                            ? 
_refine.solvent_model_details                    ? 
_refine.solvent_model_param_bsol                 ? 
_refine.solvent_model_param_ksol                 ? 
_refine.ls_R_factor_gt                           ? 
_refine.ls_goodness_of_fit_gt                    ? 
_refine.ls_goodness_of_fit_ref                   ? 
_refine.ls_shift_over_su_max                     ? 
_refine.ls_shift_over_su_max_lt                  ? 
_refine.ls_shift_over_su_mean                    ? 
_refine.ls_shift_over_su_mean_lt                 ? 
_refine.pdbx_ls_sigma_I                          ? 
_refine.pdbx_ls_sigma_F                          2.01 
_refine.pdbx_ls_sigma_Fsqd                       ? 
_refine.pdbx_data_cutoff_high_absF               ? 
_refine.pdbx_data_cutoff_high_rms_absF           ? 
_refine.pdbx_data_cutoff_low_absF                ? 
_refine.pdbx_isotropic_thermal_model             ? 
_refine.pdbx_ls_cross_valid_method               'FREE R-VALUE' 
_refine.pdbx_method_to_determine_struct          'MOLECULAR REPLACEMENT' 
_refine.pdbx_starting_model                      ? 
_refine.pdbx_stereochemistry_target_values       ? 
_refine.pdbx_R_Free_selection_details            ? 
_refine.pdbx_stereochem_target_val_spec_case     ? 
_refine.pdbx_overall_ESU_R                       ? 
_refine.pdbx_overall_ESU_R_Free                  ? 
_refine.pdbx_solvent_vdw_probe_radii             0.50 
_refine.pdbx_solvent_ion_probe_radii             ? 
_refine.pdbx_solvent_shrinkage_radii             0.00 
_refine.pdbx_real_space_R                        ? 
_refine.pdbx_density_correlation                 ? 
_refine.pdbx_pd_number_of_powder_patterns        ? 
_refine.pdbx_pd_number_of_points                 ? 
_refine.pdbx_pd_meas_number_of_points            ? 
_refine.pdbx_pd_proc_ls_prof_R_factor            ? 
_refine.pdbx_pd_proc_ls_prof_wR_factor           ? 
_refine.pdbx_pd_Marquardt_correlation_coeff      ? 
_refine.pdbx_pd_Fsqrd_R_factor                   ? 
_refine.pdbx_pd_ls_matrix_band_width             ? 
_refine.pdbx_overall_phase_error                 20.85 
_refine.pdbx_overall_SU_R_free_Cruickshank_DPI   ? 
_refine.pdbx_overall_SU_R_free_Blow_DPI          ? 
_refine.pdbx_overall_SU_R_Blow_DPI               ? 
_refine.pdbx_TLS_residual_ADP_flag               ? 
_refine.pdbx_diffrn_id                           1 
_refine.overall_SU_B                             ? 
_refine.overall_SU_ML                            0.48 
_refine.overall_SU_R_Cruickshank_DPI             ? 
_refine.overall_SU_R_free                        ? 
_refine.overall_FOM_free_R_set                   ? 
_refine.overall_FOM_work_R_set                   ? 
_refine.pdbx_average_fsc_overall                 ? 
_refine.pdbx_average_fsc_work                    ? 
_refine.pdbx_average_fsc_free                    ? 
# 
_refine_hist.pdbx_refine_id                   'X-RAY DIFFRACTION' 
_refine_hist.cycle_id                         LAST 
_refine_hist.pdbx_number_atoms_protein        774 
_refine_hist.pdbx_number_atoms_nucleic_acid   0 
_refine_hist.pdbx_number_atoms_ligand         4 
_refine_hist.number_atoms_solvent             16 
_refine_hist.number_atoms_total               794 
_refine_hist.d_res_high                       2.493 
_refine_hist.d_res_low                        39.627 
# 
loop_
_refine_ls_restr.pdbx_refine_id 
_refine_ls_restr.criterion 
_refine_ls_restr.dev_ideal 
_refine_ls_restr.dev_ideal_target 
_refine_ls_restr.number 
_refine_ls_restr.rejects 
_refine_ls_restr.type 
_refine_ls_restr.weight 
_refine_ls_restr.pdbx_restraint_function 
'X-RAY DIFFRACTION' ? 0.004  ? 795  ? f_bond_d           ? ? 
'X-RAY DIFFRACTION' ? 0.575  ? 1059 ? f_angle_d          ? ? 
'X-RAY DIFFRACTION' ? 11.548 ? 520  ? f_dihedral_angle_d ? ? 
'X-RAY DIFFRACTION' ? 0.032  ? 121  ? f_chiral_restr     ? ? 
'X-RAY DIFFRACTION' ? 0.003  ? 136  ? f_plane_restr      ? ? 
# 
loop_
_refine_ls_shell.pdbx_refine_id 
_refine_ls_shell.d_res_high 
_refine_ls_shell.d_res_low 
_refine_ls_shell.number_reflns_all 
_refine_ls_shell.number_reflns_obs 
_refine_ls_shell.number_reflns_R_free 
_refine_ls_shell.number_reflns_R_work 
_refine_ls_shell.percent_reflns_obs 
_refine_ls_shell.percent_reflns_R_free 
_refine_ls_shell.R_factor_all 
_refine_ls_shell.R_factor_obs 
_refine_ls_shell.R_factor_R_free 
_refine_ls_shell.R_factor_R_free_error 
_refine_ls_shell.R_factor_R_work 
_refine_ls_shell.redundancy_reflns_all 
_refine_ls_shell.redundancy_reflns_obs 
_refine_ls_shell.wR_factor_all 
_refine_ls_shell.wR_factor_obs 
_refine_ls_shell.wR_factor_R_free 
_refine_ls_shell.wR_factor_R_work 
_refine_ls_shell.pdbx_total_number_of_bins_used 
_refine_ls_shell.pdbx_phase_error 
_refine_ls_shell.pdbx_fsc_work 
_refine_ls_shell.pdbx_fsc_free 
'X-RAY DIFFRACTION' 2.4931 3.1409  . . 72  1302 53.00  . . . 0.3586 . 0.2626 . . . . . . . . . . 
'X-RAY DIFFRACTION' 3.1409 39.6319 . . 147 2617 100.00 . . . 0.2265 . 0.2160 . . . . . . . . . . 
# 
_struct.entry_id                     6F64 
_struct.title                        'Crystal structure of the SYCP1 C-terminal back-to-back assembly' 
_struct.pdbx_model_details           ? 
_struct.pdbx_formula_weight          ? 
_struct.pdbx_formula_weight_method   ? 
_struct.pdbx_model_type_details      ? 
_struct.pdbx_CASP_flag               N 
# 
_struct_keywords.entry_id        6F64 
_struct_keywords.text            'Meiosis, Chromosome structure, Coiled-coil, Self-assembly, STRUCTURAL PROTEIN' 
_struct_keywords.pdbx_keywords   'STRUCTURAL PROTEIN' 
# 
loop_
_struct_asym.id 
_struct_asym.pdbx_blank_PDB_chainid_flag 
_struct_asym.pdbx_modified 
_struct_asym.entity_id 
_struct_asym.details 
A N N 1 ? 
B N N 2 ? 
C N N 3 ? 
# 
_struct_ref.id                         1 
_struct_ref.db_name                    UNP 
_struct_ref.db_code                    SYCP1_HUMAN 
_struct_ref.pdbx_db_accession          Q15431 
_struct_ref.pdbx_db_isoform            ? 
_struct_ref.entity_id                  1 
_struct_ref.pdbx_seq_one_letter_code   
;ENLLEEVEKAKVIADEAVKLQKEIDKRCQHKIAEMVALMEKHKHQYDKIIEERDSELGLYKSKEQEQSSLRASLEIELSN
LKAELLSVKKQLEIE
;
_struct_ref.pdbx_align_begin           676 
# 
_struct_ref_seq.align_id                      1 
_struct_ref_seq.ref_id                        1 
_struct_ref_seq.pdbx_PDB_id_code              6F64 
_struct_ref_seq.pdbx_strand_id                A 
_struct_ref_seq.seq_align_beg                 4 
_struct_ref_seq.pdbx_seq_align_beg_ins_code   ? 
_struct_ref_seq.seq_align_end                 98 
_struct_ref_seq.pdbx_seq_align_end_ins_code   ? 
_struct_ref_seq.pdbx_db_accession             Q15431 
_struct_ref_seq.db_align_beg                  676 
_struct_ref_seq.pdbx_db_align_beg_ins_code    ? 
_struct_ref_seq.db_align_end                  770 
_struct_ref_seq.pdbx_db_align_end_ins_code    ? 
_struct_ref_seq.pdbx_auth_seq_align_beg       676 
_struct_ref_seq.pdbx_auth_seq_align_end       770 
# 
loop_
_struct_ref_seq_dif.align_id 
_struct_ref_seq_dif.pdbx_pdb_id_code 
_struct_ref_seq_dif.mon_id 
_struct_ref_seq_dif.pdbx_pdb_strand_id 
_struct_ref_seq_dif.seq_num 
_struct_ref_seq_dif.pdbx_pdb_ins_code 
_struct_ref_seq_dif.pdbx_seq_db_name 
_struct_ref_seq_dif.pdbx_seq_db_accession_code 
_struct_ref_seq_dif.db_mon_id 
_struct_ref_seq_dif.pdbx_seq_db_seq_num 
_struct_ref_seq_dif.details 
_struct_ref_seq_dif.pdbx_auth_seq_num 
_struct_ref_seq_dif.pdbx_ordinal 
1 6F64 GLY A 1 ? UNP Q15431 ? ? 'expression tag' 673 1 
1 6F64 SER A 2 ? UNP Q15431 ? ? 'expression tag' 674 2 
1 6F64 MET A 3 ? UNP Q15431 ? ? 'expression tag' 675 3 
# 
_pdbx_struct_assembly.id                   1 
_pdbx_struct_assembly.details              author_and_software_defined_assembly 
_pdbx_struct_assembly.method_details       PISA 
_pdbx_struct_assembly.oligomeric_details   tetrameric 
_pdbx_struct_assembly.oligomeric_count     4 
# 
loop_
_pdbx_struct_assembly_prop.biol_id 
_pdbx_struct_assembly_prop.type 
_pdbx_struct_assembly_prop.value 
_pdbx_struct_assembly_prop.details 
1 'ABSA (A^2)' 18390 ? 
1 MORE         -142  ? 
1 'SSA (A^2)'  21060 ? 
# 
_pdbx_struct_assembly_gen.assembly_id       1 
_pdbx_struct_assembly_gen.oper_expression   1,2,3,4 
_pdbx_struct_assembly_gen.asym_id_list      A,B,C 
# 
_pdbx_struct_assembly_auth_evidence.id                     1 
_pdbx_struct_assembly_auth_evidence.assembly_id            1 
_pdbx_struct_assembly_auth_evidence.experimental_support   SAXS 
_pdbx_struct_assembly_auth_evidence.details                
;The structure undergoes pH-induced assembly from a dimeric parallel coiled-coil at pH 8.0 to the tetrameric assembly observed in the crystal structure at pH 5.5. This has been validated by MALS and SAXS.
;
# 
loop_
_pdbx_struct_oper_list.id 
_pdbx_struct_oper_list.type 
_pdbx_struct_oper_list.name 
_pdbx_struct_oper_list.symmetry_operation 
_pdbx_struct_oper_list.matrix[1][1] 
_pdbx_struct_oper_list.matrix[1][2] 
_pdbx_struct_oper_list.matrix[1][3] 
_pdbx_struct_oper_list.vector[1] 
_pdbx_struct_oper_list.matrix[2][1] 
_pdbx_struct_oper_list.matrix[2][2] 
_pdbx_struct_oper_list.matrix[2][3] 
_pdbx_struct_oper_list.vector[2] 
_pdbx_struct_oper_list.matrix[3][1] 
_pdbx_struct_oper_list.matrix[3][2] 
_pdbx_struct_oper_list.matrix[3][3] 
_pdbx_struct_oper_list.vector[3] 
1 'identity operation'         1_555  x,y,z          1.0000000000  0.0000000000  0.0000000000  0.0000000000  0.0000000000  1.0000000000  0.0000000000  0.0000000000   0.0000000000  0.0000000000  1.0000000000  0.0000000000  
2 'crystal symmetry operation' 8_666  -y+1,-x+1,-z+1 -0.9947471947 -0.0268053299 0.0987901460  3.0151096901  -0.0268053299 -0.8632110525 -0.5041310872 -10.0024998282 0.0987901460  -0.5041310872 0.8579582472  -2.8743564327 
3 'crystal symmetry operation' 10_665 -x+1,-y+1,z    -0.9819986991 0.1825359441  0.0485714321  4.3551427318  0.1825359441  0.8509423921  0.4925217503  -2.2747207745  0.0485714321  0.4925217503  -0.8689436929 6.9345303422  
4 'crystal symmetry operation' 15_556 y,x,-z+1       0.9767458938  -0.1557306142 -0.1473615781 -0.5711184191 -0.1557306142 -0.9877313395 0.0116093369  -11.6515890724 -0.1473615781 0.0116093369  -0.9890145543 4.6521837085 
# 
_struct_conf.conf_type_id            HELX_P 
_struct_conf.id                      HELX_P1 
_struct_conf.pdbx_PDB_helix_id       AA1 
_struct_conf.beg_label_comp_id       MET 
_struct_conf.beg_label_asym_id       A 
_struct_conf.beg_label_seq_id        3 
_struct_conf.pdbx_beg_PDB_ins_code   ? 
_struct_conf.end_label_comp_id       ILE 
_struct_conf.end_label_asym_id       A 
_struct_conf.end_label_seq_id        97 
_struct_conf.pdbx_end_PDB_ins_code   ? 
_struct_conf.beg_auth_comp_id        MET 
_struct_conf.beg_auth_asym_id        A 
_struct_conf.beg_auth_seq_id         675 
_struct_conf.end_auth_comp_id        ILE 
_struct_conf.end_auth_asym_id        A 
_struct_conf.end_auth_seq_id         769 
_struct_conf.pdbx_PDB_helix_class    1 
_struct_conf.details                 ? 
_struct_conf.pdbx_PDB_helix_length   95 
# 
_struct_conf_type.id          HELX_P 
_struct_conf_type.criteria    ? 
_struct_conf_type.reference   ? 
# 
_struct_conn.id                            disulf1 
_struct_conn.conn_type_id                  disulf 
_struct_conn.pdbx_leaving_atom_flag        ? 
_struct_conn.pdbx_PDB_id                   ? 
_struct_conn.ptnr1_label_asym_id           A 
_struct_conn.ptnr1_label_comp_id           CYS 
_struct_conn.ptnr1_label_seq_id            31 
_struct_conn.ptnr1_label_atom_id           SG 
_struct_conn.pdbx_ptnr1_label_alt_id       A 
_struct_conn.pdbx_ptnr1_PDB_ins_code       ? 
_struct_conn.pdbx_ptnr1_standard_comp_id   ? 
_struct_conn.ptnr1_symmetry                1_555 
_struct_conn.ptnr2_label_asym_id           A 
_struct_conn.ptnr2_label_comp_id           CYS 
_struct_conn.ptnr2_label_seq_id            31 
_struct_conn.ptnr2_label_atom_id           SG 
_struct_conn.pdbx_ptnr2_label_alt_id       A 
_struct_conn.pdbx_ptnr2_PDB_ins_code       ? 
_struct_conn.ptnr1_auth_asym_id            A 
_struct_conn.ptnr1_auth_comp_id            CYS 
_struct_conn.ptnr1_auth_seq_id             703 
_struct_conn.ptnr2_auth_asym_id            A 
_struct_conn.ptnr2_auth_comp_id            CYS 
_struct_conn.ptnr2_auth_seq_id             703 
_struct_conn.ptnr2_symmetry                10_665 
_struct_conn.pdbx_ptnr3_label_atom_id      ? 
_struct_conn.pdbx_ptnr3_label_seq_id       ? 
_struct_conn.pdbx_ptnr3_label_comp_id      ? 
_struct_conn.pdbx_ptnr3_label_asym_id      ? 
_struct_conn.pdbx_ptnr3_label_alt_id       ? 
_struct_conn.pdbx_ptnr3_PDB_ins_code       ? 
_struct_conn.details                       ? 
_struct_conn.pdbx_dist_value               2.029 
_struct_conn.pdbx_value_order              ? 
_struct_conn.pdbx_role                     ? 
# 
_struct_conn_type.id          disulf 
_struct_conn_type.criteria    ? 
_struct_conn_type.reference   ? 
# 
_pdbx_modification_feature.ordinal                            1 
_pdbx_modification_feature.label_comp_id                      CYS 
_pdbx_modification_feature.label_asym_id                      A 
_pdbx_modification_feature.label_seq_id                       31 
_pdbx_modification_feature.label_alt_id                       A 
_pdbx_modification_feature.modified_residue_label_comp_id     CYS 
_pdbx_modification_feature.modified_residue_label_asym_id     A 
_pdbx_modification_feature.modified_residue_label_seq_id      31 
_pdbx_modification_feature.modified_residue_label_alt_id      A 
_pdbx_modification_feature.auth_comp_id                       CYS 
_pdbx_modification_feature.auth_asym_id                       A 
_pdbx_modification_feature.auth_seq_id                        703 
_pdbx_modification_feature.PDB_ins_code                       ? 
_pdbx_modification_feature.symmetry                           1_555 
_pdbx_modification_feature.modified_residue_auth_comp_id      CYS 
_pdbx_modification_feature.modified_residue_auth_asym_id      A 
_pdbx_modification_feature.modified_residue_auth_seq_id       703 
_pdbx_modification_feature.modified_residue_PDB_ins_code      ? 
_pdbx_modification_feature.modified_residue_symmetry          10_665 
_pdbx_modification_feature.comp_id_linking_atom               SG 
_pdbx_modification_feature.modified_residue_id_linking_atom   SG 
_pdbx_modification_feature.modified_residue_id                . 
_pdbx_modification_feature.ref_pcm_id                         . 
_pdbx_modification_feature.ref_comp_id                        . 
_pdbx_modification_feature.type                               None 
_pdbx_modification_feature.category                           'Disulfide bridge' 
# 
_struct_site.id                   AC1 
_struct_site.pdbx_evidence_code   Software 
_struct_site.pdbx_auth_asym_id    A 
_struct_site.pdbx_auth_comp_id    ACT 
_struct_site.pdbx_auth_seq_id     801 
_struct_site.pdbx_auth_ins_code   ? 
_struct_site.pdbx_num_residues    1 
_struct_site.details              'binding site for residue ACT A 801' 
# 
_struct_site_gen.id                   1 
_struct_site_gen.site_id              AC1 
_struct_site_gen.pdbx_num_res         1 
_struct_site_gen.label_comp_id        GLU 
_struct_site_gen.label_asym_id        A 
_struct_site_gen.label_seq_id         87 
_struct_site_gen.pdbx_auth_ins_code   ? 
_struct_site_gen.auth_comp_id         GLU 
_struct_site_gen.auth_asym_id         A 
_struct_site_gen.auth_seq_id          759 
_struct_site_gen.label_atom_id        . 
_struct_site_gen.label_alt_id         ? 
_struct_site_gen.symmetry             5_655 
_struct_site_gen.details              ? 
# 
_pdbx_entry_details.entry_id                   6F64 
_pdbx_entry_details.compound_details           ? 
_pdbx_entry_details.source_details             ? 
_pdbx_entry_details.nonpolymer_details         ? 
_pdbx_entry_details.sequence_details           ? 
_pdbx_entry_details.has_ligand_of_interest     ? 
_pdbx_entry_details.has_protein_modification   Y 
# 
_pdbx_validate_close_contact.id               1 
_pdbx_validate_close_contact.PDB_model_num    1 
_pdbx_validate_close_contact.auth_atom_id_1   NH2 
_pdbx_validate_close_contact.auth_asym_id_1   A 
_pdbx_validate_close_contact.auth_comp_id_1   ARG 
_pdbx_validate_close_contact.auth_seq_id_1    746 
_pdbx_validate_close_contact.PDB_ins_code_1   ? 
_pdbx_validate_close_contact.label_alt_id_1   ? 
_pdbx_validate_close_contact.auth_atom_id_2   O 
_pdbx_validate_close_contact.auth_asym_id_2   A 
_pdbx_validate_close_contact.auth_comp_id_2   HOH 
_pdbx_validate_close_contact.auth_seq_id_2    901 
_pdbx_validate_close_contact.PDB_ins_code_2   ? 
_pdbx_validate_close_contact.label_alt_id_2   ? 
_pdbx_validate_close_contact.dist             2.12 
# 
_pdbx_struct_special_symmetry.id              1 
_pdbx_struct_special_symmetry.PDB_model_num   1 
_pdbx_struct_special_symmetry.auth_asym_id    A 
_pdbx_struct_special_symmetry.auth_comp_id    HOH 
_pdbx_struct_special_symmetry.auth_seq_id     902 
_pdbx_struct_special_symmetry.PDB_ins_code    ? 
_pdbx_struct_special_symmetry.label_asym_id   C 
_pdbx_struct_special_symmetry.label_comp_id   HOH 
_pdbx_struct_special_symmetry.label_seq_id    . 
# 
_pdbx_distant_solvent_atoms.id                                1 
_pdbx_distant_solvent_atoms.PDB_model_num                     1 
_pdbx_distant_solvent_atoms.auth_atom_id                      O 
_pdbx_distant_solvent_atoms.label_alt_id                      ? 
_pdbx_distant_solvent_atoms.auth_asym_id                      A 
_pdbx_distant_solvent_atoms.auth_comp_id                      HOH 
_pdbx_distant_solvent_atoms.auth_seq_id                       916 
_pdbx_distant_solvent_atoms.PDB_ins_code                      ? 
_pdbx_distant_solvent_atoms.neighbor_macromolecule_distance   6.13 
_pdbx_distant_solvent_atoms.neighbor_ligand_distance          . 
# 
loop_
_pdbx_unobs_or_zero_occ_residues.id 
_pdbx_unobs_or_zero_occ_residues.PDB_model_num 
_pdbx_unobs_or_zero_occ_residues.polymer_flag 
_pdbx_unobs_or_zero_occ_residues.occupancy_flag 
_pdbx_unobs_or_zero_occ_residues.auth_asym_id 
_pdbx_unobs_or_zero_occ_residues.auth_comp_id 
_pdbx_unobs_or_zero_occ_residues.auth_seq_id 
_pdbx_unobs_or_zero_occ_residues.PDB_ins_code 
_pdbx_unobs_or_zero_occ_residues.label_asym_id 
_pdbx_unobs_or_zero_occ_residues.label_comp_id 
_pdbx_unobs_or_zero_occ_residues.label_seq_id 
1 1 Y 1 A GLY 673 ? A GLY 1  
2 1 Y 1 A SER 674 ? A SER 2  
3 1 Y 1 A GLU 770 ? A GLU 98 
# 
loop_
_chem_comp_atom.comp_id 
_chem_comp_atom.atom_id 
_chem_comp_atom.type_symbol 
_chem_comp_atom.pdbx_aromatic_flag 
_chem_comp_atom.pdbx_stereo_config 
_chem_comp_atom.pdbx_ordinal 
ACT C    C N N 1   
ACT O    O N N 2   
ACT OXT  O N N 3   
ACT CH3  C N N 4   
ACT H1   H N N 5   
ACT H2   H N N 6   
ACT H3   H N N 7   
ALA N    N N N 8   
ALA CA   C N S 9   
ALA C    C N N 10  
ALA O    O N N 11  
ALA CB   C N N 12  
ALA OXT  O N N 13  
ALA H    H N N 14  
ALA H2   H N N 15  
ALA HA   H N N 16  
ALA HB1  H N N 17  
ALA HB2  H N N 18  
ALA HB3  H N N 19  
ALA HXT  H N N 20  
ARG N    N N N 21  
ARG CA   C N S 22  
ARG C    C N N 23  
ARG O    O N N 24  
ARG CB   C N N 25  
ARG CG   C N N 26  
ARG CD   C N N 27  
ARG NE   N N N 28  
ARG CZ   C N N 29  
ARG NH1  N N N 30  
ARG NH2  N N N 31  
ARG OXT  O N N 32  
ARG H    H N N 33  
ARG H2   H N N 34  
ARG HA   H N N 35  
ARG HB2  H N N 36  
ARG HB3  H N N 37  
ARG HG2  H N N 38  
ARG HG3  H N N 39  
ARG HD2  H N N 40  
ARG HD3  H N N 41  
ARG HE   H N N 42  
ARG HH11 H N N 43  
ARG HH12 H N N 44  
ARG HH21 H N N 45  
ARG HH22 H N N 46  
ARG HXT  H N N 47  
ASN N    N N N 48  
ASN CA   C N S 49  
ASN C    C N N 50  
ASN O    O N N 51  
ASN CB   C N N 52  
ASN CG   C N N 53  
ASN OD1  O N N 54  
ASN ND2  N N N 55  
ASN OXT  O N N 56  
ASN H    H N N 57  
ASN H2   H N N 58  
ASN HA   H N N 59  
ASN HB2  H N N 60  
ASN HB3  H N N 61  
ASN HD21 H N N 62  
ASN HD22 H N N 63  
ASN HXT  H N N 64  
ASP N    N N N 65  
ASP CA   C N S 66  
ASP C    C N N 67  
ASP O    O N N 68  
ASP CB   C N N 69  
ASP CG   C N N 70  
ASP OD1  O N N 71  
ASP OD2  O N N 72  
ASP OXT  O N N 73  
ASP H    H N N 74  
ASP H2   H N N 75  
ASP HA   H N N 76  
ASP HB2  H N N 77  
ASP HB3  H N N 78  
ASP HD2  H N N 79  
ASP HXT  H N N 80  
CYS N    N N N 81  
CYS CA   C N R 82  
CYS C    C N N 83  
CYS O    O N N 84  
CYS CB   C N N 85  
CYS SG   S N N 86  
CYS OXT  O N N 87  
CYS H    H N N 88  
CYS H2   H N N 89  
CYS HA   H N N 90  
CYS HB2  H N N 91  
CYS HB3  H N N 92  
CYS HG   H N N 93  
CYS HXT  H N N 94  
GLN N    N N N 95  
GLN CA   C N S 96  
GLN C    C N N 97  
GLN O    O N N 98  
GLN CB   C N N 99  
GLN CG   C N N 100 
GLN CD   C N N 101 
GLN OE1  O N N 102 
GLN NE2  N N N 103 
GLN OXT  O N N 104 
GLN H    H N N 105 
GLN H2   H N N 106 
GLN HA   H N N 107 
GLN HB2  H N N 108 
GLN HB3  H N N 109 
GLN HG2  H N N 110 
GLN HG3  H N N 111 
GLN HE21 H N N 112 
GLN HE22 H N N 113 
GLN HXT  H N N 114 
GLU N    N N N 115 
GLU CA   C N S 116 
GLU C    C N N 117 
GLU O    O N N 118 
GLU CB   C N N 119 
GLU CG   C N N 120 
GLU CD   C N N 121 
GLU OE1  O N N 122 
GLU OE2  O N N 123 
GLU OXT  O N N 124 
GLU H    H N N 125 
GLU H2   H N N 126 
GLU HA   H N N 127 
GLU HB2  H N N 128 
GLU HB3  H N N 129 
GLU HG2  H N N 130 
GLU HG3  H N N 131 
GLU HE2  H N N 132 
GLU HXT  H N N 133 
GLY N    N N N 134 
GLY CA   C N N 135 
GLY C    C N N 136 
GLY O    O N N 137 
GLY OXT  O N N 138 
GLY H    H N N 139 
GLY H2   H N N 140 
GLY HA2  H N N 141 
GLY HA3  H N N 142 
GLY HXT  H N N 143 
HIS N    N N N 144 
HIS CA   C N S 145 
HIS C    C N N 146 
HIS O    O N N 147 
HIS CB   C N N 148 
HIS CG   C Y N 149 
HIS ND1  N Y N 150 
HIS CD2  C Y N 151 
HIS CE1  C Y N 152 
HIS NE2  N Y N 153 
HIS OXT  O N N 154 
HIS H    H N N 155 
HIS H2   H N N 156 
HIS HA   H N N 157 
HIS HB2  H N N 158 
HIS HB3  H N N 159 
HIS HD1  H N N 160 
HIS HD2  H N N 161 
HIS HE1  H N N 162 
HIS HE2  H N N 163 
HIS HXT  H N N 164 
HOH O    O N N 165 
HOH H1   H N N 166 
HOH H2   H N N 167 
ILE N    N N N 168 
ILE CA   C N S 169 
ILE C    C N N 170 
ILE O    O N N 171 
ILE CB   C N S 172 
ILE CG1  C N N 173 
ILE CG2  C N N 174 
ILE CD1  C N N 175 
ILE OXT  O N N 176 
ILE H    H N N 177 
ILE H2   H N N 178 
ILE HA   H N N 179 
ILE HB   H N N 180 
ILE HG12 H N N 181 
ILE HG13 H N N 182 
ILE HG21 H N N 183 
ILE HG22 H N N 184 
ILE HG23 H N N 185 
ILE HD11 H N N 186 
ILE HD12 H N N 187 
ILE HD13 H N N 188 
ILE HXT  H N N 189 
LEU N    N N N 190 
LEU CA   C N S 191 
LEU C    C N N 192 
LEU O    O N N 193 
LEU CB   C N N 194 
LEU CG   C N N 195 
LEU CD1  C N N 196 
LEU CD2  C N N 197 
LEU OXT  O N N 198 
LEU H    H N N 199 
LEU H2   H N N 200 
LEU HA   H N N 201 
LEU HB2  H N N 202 
LEU HB3  H N N 203 
LEU HG   H N N 204 
LEU HD11 H N N 205 
LEU HD12 H N N 206 
LEU HD13 H N N 207 
LEU HD21 H N N 208 
LEU HD22 H N N 209 
LEU HD23 H N N 210 
LEU HXT  H N N 211 
LYS N    N N N 212 
LYS CA   C N S 213 
LYS C    C N N 214 
LYS O    O N N 215 
LYS CB   C N N 216 
LYS CG   C N N 217 
LYS CD   C N N 218 
LYS CE   C N N 219 
LYS NZ   N N N 220 
LYS OXT  O N N 221 
LYS H    H N N 222 
LYS H2   H N N 223 
LYS HA   H N N 224 
LYS HB2  H N N 225 
LYS HB3  H N N 226 
LYS HG2  H N N 227 
LYS HG3  H N N 228 
LYS HD2  H N N 229 
LYS HD3  H N N 230 
LYS HE2  H N N 231 
LYS HE3  H N N 232 
LYS HZ1  H N N 233 
LYS HZ2  H N N 234 
LYS HZ3  H N N 235 
LYS HXT  H N N 236 
MET N    N N N 237 
MET CA   C N S 238 
MET C    C N N 239 
MET O    O N N 240 
MET CB   C N N 241 
MET CG   C N N 242 
MET SD   S N N 243 
MET CE   C N N 244 
MET OXT  O N N 245 
MET H    H N N 246 
MET H2   H N N 247 
MET HA   H N N 248 
MET HB2  H N N 249 
MET HB3  H N N 250 
MET HG2  H N N 251 
MET HG3  H N N 252 
MET HE1  H N N 253 
MET HE2  H N N 254 
MET HE3  H N N 255 
MET HXT  H N N 256 
SER N    N N N 257 
SER CA   C N S 258 
SER C    C N N 259 
SER O    O N N 260 
SER CB   C N N 261 
SER OG   O N N 262 
SER OXT  O N N 263 
SER H    H N N 264 
SER H2   H N N 265 
SER HA   H N N 266 
SER HB2  H N N 267 
SER HB3  H N N 268 
SER HG   H N N 269 
SER HXT  H N N 270 
TYR N    N N N 271 
TYR CA   C N S 272 
TYR C    C N N 273 
TYR O    O N N 274 
TYR CB   C N N 275 
TYR CG   C Y N 276 
TYR CD1  C Y N 277 
TYR CD2  C Y N 278 
TYR CE1  C Y N 279 
TYR CE2  C Y N 280 
TYR CZ   C Y N 281 
TYR OH   O N N 282 
TYR OXT  O N N 283 
TYR H    H N N 284 
TYR H2   H N N 285 
TYR HA   H N N 286 
TYR HB2  H N N 287 
TYR HB3  H N N 288 
TYR HD1  H N N 289 
TYR HD2  H N N 290 
TYR HE1  H N N 291 
TYR HE2  H N N 292 
TYR HH   H N N 293 
TYR HXT  H N N 294 
VAL N    N N N 295 
VAL CA   C N S 296 
VAL C    C N N 297 
VAL O    O N N 298 
VAL CB   C N N 299 
VAL CG1  C N N 300 
VAL CG2  C N N 301 
VAL OXT  O N N 302 
VAL H    H N N 303 
VAL H2   H N N 304 
VAL HA   H N N 305 
VAL HB   H N N 306 
VAL HG11 H N N 307 
VAL HG12 H N N 308 
VAL HG13 H N N 309 
VAL HG21 H N N 310 
VAL HG22 H N N 311 
VAL HG23 H N N 312 
VAL HXT  H N N 313 
# 
loop_
_chem_comp_bond.comp_id 
_chem_comp_bond.atom_id_1 
_chem_comp_bond.atom_id_2 
_chem_comp_bond.value_order 
_chem_comp_bond.pdbx_aromatic_flag 
_chem_comp_bond.pdbx_stereo_config 
_chem_comp_bond.pdbx_ordinal 
ACT C   O    doub N N 1   
ACT C   OXT  sing N N 2   
ACT C   CH3  sing N N 3   
ACT CH3 H1   sing N N 4   
ACT CH3 H2   sing N N 5   
ACT CH3 H3   sing N N 6   
ALA N   CA   sing N N 7   
ALA N   H    sing N N 8   
ALA N   H2   sing N N 9   
ALA CA  C    sing N N 10  
ALA CA  CB   sing N N 11  
ALA CA  HA   sing N N 12  
ALA C   O    doub N N 13  
ALA C   OXT  sing N N 14  
ALA CB  HB1  sing N N 15  
ALA CB  HB2  sing N N 16  
ALA CB  HB3  sing N N 17  
ALA OXT HXT  sing N N 18  
ARG N   CA   sing N N 19  
ARG N   H    sing N N 20  
ARG N   H2   sing N N 21  
ARG CA  C    sing N N 22  
ARG CA  CB   sing N N 23  
ARG CA  HA   sing N N 24  
ARG C   O    doub N N 25  
ARG C   OXT  sing N N 26  
ARG CB  CG   sing N N 27  
ARG CB  HB2  sing N N 28  
ARG CB  HB3  sing N N 29  
ARG CG  CD   sing N N 30  
ARG CG  HG2  sing N N 31  
ARG CG  HG3  sing N N 32  
ARG CD  NE   sing N N 33  
ARG CD  HD2  sing N N 34  
ARG CD  HD3  sing N N 35  
ARG NE  CZ   sing N N 36  
ARG NE  HE   sing N N 37  
ARG CZ  NH1  sing N N 38  
ARG CZ  NH2  doub N N 39  
ARG NH1 HH11 sing N N 40  
ARG NH1 HH12 sing N N 41  
ARG NH2 HH21 sing N N 42  
ARG NH2 HH22 sing N N 43  
ARG OXT HXT  sing N N 44  
ASN N   CA   sing N N 45  
ASN N   H    sing N N 46  
ASN N   H2   sing N N 47  
ASN CA  C    sing N N 48  
ASN CA  CB   sing N N 49  
ASN CA  HA   sing N N 50  
ASN C   O    doub N N 51  
ASN C   OXT  sing N N 52  
ASN CB  CG   sing N N 53  
ASN CB  HB2  sing N N 54  
ASN CB  HB3  sing N N 55  
ASN CG  OD1  doub N N 56  
ASN CG  ND2  sing N N 57  
ASN ND2 HD21 sing N N 58  
ASN ND2 HD22 sing N N 59  
ASN OXT HXT  sing N N 60  
ASP N   CA   sing N N 61  
ASP N   H    sing N N 62  
ASP N   H2   sing N N 63  
ASP CA  C    sing N N 64  
ASP CA  CB   sing N N 65  
ASP CA  HA   sing N N 66  
ASP C   O    doub N N 67  
ASP C   OXT  sing N N 68  
ASP CB  CG   sing N N 69  
ASP CB  HB2  sing N N 70  
ASP CB  HB3  sing N N 71  
ASP CG  OD1  doub N N 72  
ASP CG  OD2  sing N N 73  
ASP OD2 HD2  sing N N 74  
ASP OXT HXT  sing N N 75  
CYS N   CA   sing N N 76  
CYS N   H    sing N N 77  
CYS N   H2   sing N N 78  
CYS CA  C    sing N N 79  
CYS CA  CB   sing N N 80  
CYS CA  HA   sing N N 81  
CYS C   O    doub N N 82  
CYS C   OXT  sing N N 83  
CYS CB  SG   sing N N 84  
CYS CB  HB2  sing N N 85  
CYS CB  HB3  sing N N 86  
CYS SG  HG   sing N N 87  
CYS OXT HXT  sing N N 88  
GLN N   CA   sing N N 89  
GLN N   H    sing N N 90  
GLN N   H2   sing N N 91  
GLN CA  C    sing N N 92  
GLN CA  CB   sing N N 93  
GLN CA  HA   sing N N 94  
GLN C   O    doub N N 95  
GLN C   OXT  sing N N 96  
GLN CB  CG   sing N N 97  
GLN CB  HB2  sing N N 98  
GLN CB  HB3  sing N N 99  
GLN CG  CD   sing N N 100 
GLN CG  HG2  sing N N 101 
GLN CG  HG3  sing N N 102 
GLN CD  OE1  doub N N 103 
GLN CD  NE2  sing N N 104 
GLN NE2 HE21 sing N N 105 
GLN NE2 HE22 sing N N 106 
GLN OXT HXT  sing N N 107 
GLU N   CA   sing N N 108 
GLU N   H    sing N N 109 
GLU N   H2   sing N N 110 
GLU CA  C    sing N N 111 
GLU CA  CB   sing N N 112 
GLU CA  HA   sing N N 113 
GLU C   O    doub N N 114 
GLU C   OXT  sing N N 115 
GLU CB  CG   sing N N 116 
GLU CB  HB2  sing N N 117 
GLU CB  HB3  sing N N 118 
GLU CG  CD   sing N N 119 
GLU CG  HG2  sing N N 120 
GLU CG  HG3  sing N N 121 
GLU CD  OE1  doub N N 122 
GLU CD  OE2  sing N N 123 
GLU OE2 HE2  sing N N 124 
GLU OXT HXT  sing N N 125 
GLY N   CA   sing N N 126 
GLY N   H    sing N N 127 
GLY N   H2   sing N N 128 
GLY CA  C    sing N N 129 
GLY CA  HA2  sing N N 130 
GLY CA  HA3  sing N N 131 
GLY C   O    doub N N 132 
GLY C   OXT  sing N N 133 
GLY OXT HXT  sing N N 134 
HIS N   CA   sing N N 135 
HIS N   H    sing N N 136 
HIS N   H2   sing N N 137 
HIS CA  C    sing N N 138 
HIS CA  CB   sing N N 139 
HIS CA  HA   sing N N 140 
HIS C   O    doub N N 141 
HIS C   OXT  sing N N 142 
HIS CB  CG   sing N N 143 
HIS CB  HB2  sing N N 144 
HIS CB  HB3  sing N N 145 
HIS CG  ND1  sing Y N 146 
HIS CG  CD2  doub Y N 147 
HIS ND1 CE1  doub Y N 148 
HIS ND1 HD1  sing N N 149 
HIS CD2 NE2  sing Y N 150 
HIS CD2 HD2  sing N N 151 
HIS CE1 NE2  sing Y N 152 
HIS CE1 HE1  sing N N 153 
HIS NE2 HE2  sing N N 154 
HIS OXT HXT  sing N N 155 
HOH O   H1   sing N N 156 
HOH O   H2   sing N N 157 
ILE N   CA   sing N N 158 
ILE N   H    sing N N 159 
ILE N   H2   sing N N 160 
ILE CA  C    sing N N 161 
ILE CA  CB   sing N N 162 
ILE CA  HA   sing N N 163 
ILE C   O    doub N N 164 
ILE C   OXT  sing N N 165 
ILE CB  CG1  sing N N 166 
ILE CB  CG2  sing N N 167 
ILE CB  HB   sing N N 168 
ILE CG1 CD1  sing N N 169 
ILE CG1 HG12 sing N N 170 
ILE CG1 HG13 sing N N 171 
ILE CG2 HG21 sing N N 172 
ILE CG2 HG22 sing N N 173 
ILE CG2 HG23 sing N N 174 
ILE CD1 HD11 sing N N 175 
ILE CD1 HD12 sing N N 176 
ILE CD1 HD13 sing N N 177 
ILE OXT HXT  sing N N 178 
LEU N   CA   sing N N 179 
LEU N   H    sing N N 180 
LEU N   H2   sing N N 181 
LEU CA  C    sing N N 182 
LEU CA  CB   sing N N 183 
LEU CA  HA   sing N N 184 
LEU C   O    doub N N 185 
LEU C   OXT  sing N N 186 
LEU CB  CG   sing N N 187 
LEU CB  HB2  sing N N 188 
LEU CB  HB3  sing N N 189 
LEU CG  CD1  sing N N 190 
LEU CG  CD2  sing N N 191 
LEU CG  HG   sing N N 192 
LEU CD1 HD11 sing N N 193 
LEU CD1 HD12 sing N N 194 
LEU CD1 HD13 sing N N 195 
LEU CD2 HD21 sing N N 196 
LEU CD2 HD22 sing N N 197 
LEU CD2 HD23 sing N N 198 
LEU OXT HXT  sing N N 199 
LYS N   CA   sing N N 200 
LYS N   H    sing N N 201 
LYS N   H2   sing N N 202 
LYS CA  C    sing N N 203 
LYS CA  CB   sing N N 204 
LYS CA  HA   sing N N 205 
LYS C   O    doub N N 206 
LYS C   OXT  sing N N 207 
LYS CB  CG   sing N N 208 
LYS CB  HB2  sing N N 209 
LYS CB  HB3  sing N N 210 
LYS CG  CD   sing N N 211 
LYS CG  HG2  sing N N 212 
LYS CG  HG3  sing N N 213 
LYS CD  CE   sing N N 214 
LYS CD  HD2  sing N N 215 
LYS CD  HD3  sing N N 216 
LYS CE  NZ   sing N N 217 
LYS CE  HE2  sing N N 218 
LYS CE  HE3  sing N N 219 
LYS NZ  HZ1  sing N N 220 
LYS NZ  HZ2  sing N N 221 
LYS NZ  HZ3  sing N N 222 
LYS OXT HXT  sing N N 223 
MET N   CA   sing N N 224 
MET N   H    sing N N 225 
MET N   H2   sing N N 226 
MET CA  C    sing N N 227 
MET CA  CB   sing N N 228 
MET CA  HA   sing N N 229 
MET C   O    doub N N 230 
MET C   OXT  sing N N 231 
MET CB  CG   sing N N 232 
MET CB  HB2  sing N N 233 
MET CB  HB3  sing N N 234 
MET CG  SD   sing N N 235 
MET CG  HG2  sing N N 236 
MET CG  HG3  sing N N 237 
MET SD  CE   sing N N 238 
MET CE  HE1  sing N N 239 
MET CE  HE2  sing N N 240 
MET CE  HE3  sing N N 241 
MET OXT HXT  sing N N 242 
SER N   CA   sing N N 243 
SER N   H    sing N N 244 
SER N   H2   sing N N 245 
SER CA  C    sing N N 246 
SER CA  CB   sing N N 247 
SER CA  HA   sing N N 248 
SER C   O    doub N N 249 
SER C   OXT  sing N N 250 
SER CB  OG   sing N N 251 
SER CB  HB2  sing N N 252 
SER CB  HB3  sing N N 253 
SER OG  HG   sing N N 254 
SER OXT HXT  sing N N 255 
TYR N   CA   sing N N 256 
TYR N   H    sing N N 257 
TYR N   H2   sing N N 258 
TYR CA  C    sing N N 259 
TYR CA  CB   sing N N 260 
TYR CA  HA   sing N N 261 
TYR C   O    doub N N 262 
TYR C   OXT  sing N N 263 
TYR CB  CG   sing N N 264 
TYR CB  HB2  sing N N 265 
TYR CB  HB3  sing N N 266 
TYR CG  CD1  doub Y N 267 
TYR CG  CD2  sing Y N 268 
TYR CD1 CE1  sing Y N 269 
TYR CD1 HD1  sing N N 270 
TYR CD2 CE2  doub Y N 271 
TYR CD2 HD2  sing N N 272 
TYR CE1 CZ   doub Y N 273 
TYR CE1 HE1  sing N N 274 
TYR CE2 CZ   sing Y N 275 
TYR CE2 HE2  sing N N 276 
TYR CZ  OH   sing N N 277 
TYR OH  HH   sing N N 278 
TYR OXT HXT  sing N N 279 
VAL N   CA   sing N N 280 
VAL N   H    sing N N 281 
VAL N   H2   sing N N 282 
VAL CA  C    sing N N 283 
VAL CA  CB   sing N N 284 
VAL CA  HA   sing N N 285 
VAL C   O    doub N N 286 
VAL C   OXT  sing N N 287 
VAL CB  CG1  sing N N 288 
VAL CB  CG2  sing N N 289 
VAL CB  HB   sing N N 290 
VAL CG1 HG11 sing N N 291 
VAL CG1 HG12 sing N N 292 
VAL CG1 HG13 sing N N 293 
VAL CG2 HG21 sing N N 294 
VAL CG2 HG22 sing N N 295 
VAL CG2 HG23 sing N N 296 
VAL OXT HXT  sing N N 297 
# 
_pdbx_audit_support.funding_organization   'Wellcome Trust and Royal Society' 
_pdbx_audit_support.country                'United Kingdom' 
_pdbx_audit_support.grant_number           104158/Z/14/Z 
_pdbx_audit_support.ordinal                1 
# 
_pdbx_related_exp_data_set.ordinal          1 
_pdbx_related_exp_data_set.data_reference   10.18430/m36f64 
_pdbx_related_exp_data_set.data_set_type    'diffraction image data' 
# 
_atom_sites.entry_id                    6F64 
_atom_sites.fract_transf_matrix[1][1]   0.01536983 
_atom_sites.fract_transf_matrix[1][2]   0.00298622 
_atom_sites.fract_transf_matrix[1][3]   -0.01691880 
_atom_sites.fract_transf_matrix[2][1]   0.01704055 
_atom_sites.fract_transf_matrix[2][2]   -0.00553956 
_atom_sites.fract_transf_matrix[2][3]   0.01450268 
_atom_sites.fract_transf_matrix[3][1]   -0.00032475 
_atom_sites.fract_transf_matrix[3][2]   -0.00329297 
_atom_sites.fract_transf_matrix[3][3]   -0.00087624 
_atom_sites.fract_transf_vector[1]      0.528587 
_atom_sites.fract_transf_vector[2]      0.406306 
_atom_sites.fract_transf_vector[3]      0.482827 
# 
loop_
_atom_type.symbol 
C 
H 
N 
O 
S 
# 
loop_
_atom_site.group_PDB 
_atom_site.id 
_atom_site.type_symbol 
_atom_site.label_atom_id 
_atom_site.label_alt_id 
_atom_site.label_comp_id 
_atom_site.label_asym_id 
_atom_site.label_entity_id 
_atom_site.label_seq_id 
_atom_site.pdbx_PDB_ins_code 
_atom_site.Cartn_x 
_atom_site.Cartn_y 
_atom_site.Cartn_z 
_atom_site.occupancy 
_atom_site.B_iso_or_equiv 
_atom_site.pdbx_formal_charge 
_atom_site.auth_seq_id 
_atom_site.auth_comp_id 
_atom_site.auth_asym_id 
_atom_site.auth_atom_id 
_atom_site.pdbx_PDB_model_num 
ATOM   1    N N    . MET A 1 3  ? -9.355  -69.655 -7.713  1.00 106.60 ? 675 MET A N    1 
ATOM   2    C CA   . MET A 1 3  ? -9.180  -68.874 -8.933  1.00 110.53 ? 675 MET A CA   1 
ATOM   3    C C    . MET A 1 3  ? -9.889  -67.530 -8.814  1.00 77.30  ? 675 MET A C    1 
ATOM   4    O O    . MET A 1 3  ? -9.480  -66.549 -9.435  1.00 74.44  ? 675 MET A O    1 
ATOM   5    C CB   . MET A 1 3  ? -9.711  -69.636 -10.148 1.00 117.55 ? 675 MET A CB   1 
ATOM   6    C CG   . MET A 1 3  ? -9.438  -68.946 -11.483 1.00 62.95  ? 675 MET A CG   1 
ATOM   7    S SD   . MET A 1 3  ? -7.672  -68.770 -11.837 1.00 75.04  ? 675 MET A SD   1 
ATOM   8    C CE   . MET A 1 3  ? -7.706  -67.908 -13.408 1.00 58.44  ? 675 MET A CE   1 
ATOM   9    H HA   . MET A 1 3  ? -8.233  -68.717 -9.071  1.00 132.71 ? 675 MET A HA   1 
ATOM   10   H HB2  . MET A 1 3  ? -9.291  -70.510 -10.176 1.00 141.13 ? 675 MET A HB2  1 
ATOM   11   H HB3  . MET A 1 3  ? -10.671 -69.737 -10.058 1.00 141.13 ? 675 MET A HB3  1 
ATOM   12   H HG2  . MET A 1 3  ? -9.836  -69.470 -12.196 1.00 75.62  ? 675 MET A HG2  1 
ATOM   13   H HG3  . MET A 1 3  ? -9.830  -68.059 -11.466 1.00 75.62  ? 675 MET A HG3  1 
ATOM   14   H HE1  . MET A 1 3  ? -6.795  -67.755 -13.704 1.00 70.20  ? 675 MET A HE1  1 
ATOM   15   H HE2  . MET A 1 3  ? -8.178  -68.453 -14.057 1.00 70.20  ? 675 MET A HE2  1 
ATOM   16   H HE3  . MET A 1 3  ? -8.164  -67.060 -13.293 1.00 70.20  ? 675 MET A HE3  1 
ATOM   17   N N    . GLU A 1 4  ? -10.970 -67.492 -8.032  1.00 77.05  ? 676 GLU A N    1 
ATOM   18   C CA   . GLU A 1 4  ? -11.556 -66.213 -7.648  1.00 92.78  ? 676 GLU A CA   1 
ATOM   19   C C    . GLU A 1 4  ? -10.623 -65.413 -6.749  1.00 90.81  ? 676 GLU A C    1 
ATOM   20   O O    . GLU A 1 4  ? -10.847 -64.215 -6.549  1.00 78.73  ? 676 GLU A O    1 
ATOM   21   C CB   . GLU A 1 4  ? -12.893 -66.427 -6.939  1.00 79.90  ? 676 GLU A CB   1 
ATOM   22   C CG   . GLU A 1 4  ? -14.069 -66.637 -7.874  1.00 120.26 ? 676 GLU A CG   1 
ATOM   23   C CD   . GLU A 1 4  ? -15.401 -66.509 -7.163  1.00 146.32 ? 676 GLU A CD   1 
ATOM   24   O OE1  . GLU A 1 4  ? -15.399 -66.412 -5.917  1.00 130.29 ? 676 GLU A OE1  1 
ATOM   25   O OE2  . GLU A 1 4  ? -16.448 -66.500 -7.848  1.00 120.78 ? 676 GLU A OE2  1 
ATOM   26   H H    . GLU A 1 4  ? -11.375 -68.182 -7.716  1.00 92.53  ? 676 GLU A H    1 
ATOM   27   H HA   . GLU A 1 4  ? -11.722 -65.690 -8.447  1.00 111.41 ? 676 GLU A HA   1 
ATOM   28   H HB2  . GLU A 1 4  ? -12.823 -67.211 -6.373  1.00 95.95  ? 676 GLU A HB2  1 
ATOM   29   H HB3  . GLU A 1 4  ? -13.085 -65.647 -6.395  1.00 95.95  ? 676 GLU A HB3  1 
ATOM   30   H HG2  . GLU A 1 4  ? -14.037 -65.969 -8.578  1.00 144.39 ? 676 GLU A HG2  1 
ATOM   31   H HG3  . GLU A 1 4  ? -14.015 -67.527 -8.257  1.00 144.39 ? 676 GLU A HG3  1 
ATOM   32   N N    . ASN A 1 5  ? -9.597  -66.057 -6.190  1.00 77.82  ? 677 ASN A N    1 
ATOM   33   C CA   . ASN A 1 5  ? -8.570  -65.332 -5.453  1.00 70.42  ? 677 ASN A CA   1 
ATOM   34   C C    . ASN A 1 5  ? -8.032  -64.177 -6.289  1.00 68.76  ? 677 ASN A C    1 
ATOM   35   O O    . ASN A 1 5  ? -8.053  -63.016 -5.862  1.00 91.80  ? 677 ASN A O    1 
ATOM   36   C CB   . ASN A 1 5  ? -7.443  -66.295 -5.062  1.00 89.37  ? 677 ASN A CB   1 
ATOM   37   C CG   . ASN A 1 5  ? -6.973  -66.105 -3.630  1.00 96.07  ? 677 ASN A CG   1 
ATOM   38   O OD1  . ASN A 1 5  ? -6.834  -64.978 -3.148  1.00 106.99 ? 677 ASN A OD1  1 
ATOM   39   N ND2  . ASN A 1 5  ? -6.721  -67.216 -2.941  1.00 86.73  ? 677 ASN A ND2  1 
ATOM   40   H H    . ASN A 1 5  ? -9.476  -66.909 -6.223  1.00 93.46  ? 677 ASN A H    1 
ATOM   41   H HA   . ASN A 1 5  ? -8.955  -64.967 -4.641  1.00 84.58  ? 677 ASN A HA   1 
ATOM   42   H HB2  . ASN A 1 5  ? -7.761  -67.207 -5.155  1.00 107.31 ? 677 ASN A HB2  1 
ATOM   43   H HB3  . ASN A 1 5  ? -6.685  -66.148 -5.649  1.00 107.31 ? 677 ASN A HB3  1 
ATOM   44   H HD21 . ASN A 1 5  ? -6.452  -67.164 -2.126  1.00 104.15 ? 677 ASN A HD21 1 
ATOM   45   H HD22 . ASN A 1 5  ? -6.828  -67.985 -3.310  1.00 104.15 ? 677 ASN A HD22 1 
ATOM   46   N N    . LEU A 1 6  ? -7.563  -64.483 -7.500  1.00 52.66  ? 678 LEU A N    1 
ATOM   47   C CA   . LEU A 1 6  ? -6.966  -63.459 -8.349  1.00 76.21  ? 678 LEU A CA   1 
ATOM   48   C C    . LEU A 1 6  ? -7.983  -62.392 -8.729  1.00 56.26  ? 678 LEU A C    1 
ATOM   49   O O    . LEU A 1 6  ? -7.655  -61.202 -8.776  1.00 63.88  ? 678 LEU A O    1 
ATOM   50   C CB   . LEU A 1 6  ? -6.376  -64.094 -9.607  1.00 60.68  ? 678 LEU A CB   1 
ATOM   51   C CG   . LEU A 1 6  ? -5.078  -64.886 -9.456  1.00 50.55  ? 678 LEU A CG   1 
ATOM   52   C CD1  . LEU A 1 6  ? -5.283  -66.105 -8.576  1.00 62.71  ? 678 LEU A CD1  1 
ATOM   53   C CD2  . LEU A 1 6  ? -4.541  -65.295 -10.836 1.00 50.48  ? 678 LEU A CD2  1 
ATOM   54   H H    . LEU A 1 6  ? -7.579  -65.269 -7.848  1.00 63.27  ? 678 LEU A H    1 
ATOM   55   H HA   . LEU A 1 6  ? -6.246  -63.027 -7.864  1.00 91.52  ? 678 LEU A HA   1 
ATOM   56   H HB2  . LEU A 1 6  ? -7.038  -64.700 -9.974  1.00 72.89  ? 678 LEU A HB2  1 
ATOM   57   H HB3  . LEU A 1 6  ? -6.203  -63.386 -10.247 1.00 72.89  ? 678 LEU A HB3  1 
ATOM   58   H HG   . LEU A 1 6  ? -4.413  -64.322 -9.033  1.00 60.73  ? 678 LEU A HG   1 
ATOM   59   H HD11 . LEU A 1 6  ? -4.443  -66.585 -8.502  1.00 75.33  ? 678 LEU A HD11 1 
ATOM   60   H HD12 . LEU A 1 6  ? -5.578  -65.814 -7.699  1.00 75.33  ? 678 LEU A HD12 1 
ATOM   61   H HD13 . LEU A 1 6  ? -5.956  -66.675 -8.979  1.00 75.33  ? 678 LEU A HD13 1 
ATOM   62   H HD21 . LEU A 1 6  ? -3.718  -65.796 -10.718 1.00 60.65  ? 678 LEU A HD21 1 
ATOM   63   H HD22 . LEU A 1 6  ? -5.203  -65.846 -11.282 1.00 60.65  ? 678 LEU A HD22 1 
ATOM   64   H HD23 . LEU A 1 6  ? -4.369  -64.496 -11.356 1.00 60.65  ? 678 LEU A HD23 1 
ATOM   65   N N    . LEU A 1 7  ? -9.220  -62.796 -9.017  1.00 44.70  ? 679 LEU A N    1 
ATOM   66   C CA   . LEU A 1 7  ? -10.243 -61.824 -9.389  1.00 55.02  ? 679 LEU A CA   1 
ATOM   67   C C    . LEU A 1 7  ? -10.505 -60.843 -8.253  1.00 50.67  ? 679 LEU A C    1 
ATOM   68   O O    . LEU A 1 7  ? -10.557 -59.624 -8.463  1.00 63.74  ? 679 LEU A O    1 
ATOM   69   C CB   . LEU A 1 7  ? -11.529 -62.544 -9.794  1.00 52.52  ? 679 LEU A CB   1 
ATOM   70   C CG   . LEU A 1 7  ? -11.798 -62.529 -11.299 1.00 65.87  ? 679 LEU A CG   1 
ATOM   71   C CD1  . LEU A 1 7  ? -10.757 -63.367 -12.030 1.00 51.29  ? 679 LEU A CD1  1 
ATOM   72   C CD2  . LEU A 1 7  ? -13.212 -63.006 -11.598 1.00 76.66  ? 679 LEU A CD2  1 
ATOM   73   H H    . LEU A 1 7  ? -9.488  -63.614 -9.006  1.00 53.71  ? 679 LEU A H    1 
ATOM   74   H HA   . LEU A 1 7  ? -9.931  -61.318 -10.155 1.00 66.10  ? 679 LEU A HA   1 
ATOM   75   H HB2  . LEU A 1 7  ? -11.471 -63.471 -9.512  1.00 63.10  ? 679 LEU A HB2  1 
ATOM   76   H HB3  . LEU A 1 7  ? -12.280 -62.114 -9.355  1.00 63.10  ? 679 LEU A HB3  1 
ATOM   77   H HG   . LEU A 1 7  ? -11.720 -61.616 -11.620 1.00 79.12  ? 679 LEU A HG   1 
ATOM   78   H HD11 . LEU A 1 7  ? -10.945 -63.344 -12.982 1.00 61.62  ? 679 LEU A HD11 1 
ATOM   79   H HD12 . LEU A 1 7  ? -9.876  -62.998 -11.857 1.00 61.62  ? 679 LEU A HD12 1 
ATOM   80   H HD13 . LEU A 1 7  ? -10.802 -64.280 -11.705 1.00 61.62  ? 679 LEU A HD13 1 
ATOM   81   H HD21 . LEU A 1 7  ? -13.356 -62.986 -12.557 1.00 92.07  ? 679 LEU A HD21 1 
ATOM   82   H HD22 . LEU A 1 7  ? -13.316 -63.912 -11.266 1.00 92.07  ? 679 LEU A HD22 1 
ATOM   83   H HD23 . LEU A 1 7  ? -13.844 -62.417 -11.156 1.00 92.07  ? 679 LEU A HD23 1 
ATOM   84   N N    . GLU A 1 8  ? -10.668 -61.358 -7.033  1.00 46.67  ? 680 GLU A N    1 
ATOM   85   C CA   . GLU A 1 8  ? -10.885 -60.479 -5.891  1.00 65.74  ? 680 GLU A CA   1 
ATOM   86   C C    . GLU A 1 8  ? -9.674  -59.587 -5.649  1.00 75.32  ? 680 GLU A C    1 
ATOM   87   O O    . GLU A 1 8  ? -9.823  -58.414 -5.284  1.00 48.94  ? 680 GLU A O    1 
ATOM   88   C CB   . GLU A 1 8  ? -11.204 -61.298 -4.640  1.00 84.52  ? 680 GLU A CB   1 
ATOM   89   C CG   . GLU A 1 8  ? -12.677 -61.675 -4.494  1.00 84.95  ? 680 GLU A CG   1 
ATOM   90   C CD   . GLU A 1 8  ? -12.992 -62.266 -3.130  1.00 114.73 ? 680 GLU A CD   1 
ATOM   91   O OE1  . GLU A 1 8  ? -12.037 -62.571 -2.383  1.00 123.31 ? 680 GLU A OE1  1 
ATOM   92   O OE2  . GLU A 1 8  ? -14.189 -62.421 -2.801  1.00 74.16  ? 680 GLU A OE2  1 
ATOM   93   H H    . GLU A 1 8  ? -10.656 -62.197 -6.845  1.00 56.08  ? 680 GLU A H    1 
ATOM   94   H HA   . GLU A 1 8  ? -11.646 -59.906 -6.076  1.00 78.97  ? 680 GLU A HA   1 
ATOM   95   H HB2  . GLU A 1 8  ? -10.691 -62.121 -4.668  1.00 101.50 ? 680 GLU A HB2  1 
ATOM   96   H HB3  . GLU A 1 8  ? -10.954 -60.781 -3.858  1.00 101.50 ? 680 GLU A HB3  1 
ATOM   97   H HG2  . GLU A 1 8  ? -13.220 -60.880 -4.611  1.00 102.02 ? 680 GLU A HG2  1 
ATOM   98   H HG3  . GLU A 1 8  ? -12.904 -62.335 -5.168  1.00 102.02 ? 680 GLU A HG3  1 
ATOM   99   N N    . GLU A 1 9  ? -8.464  -60.121 -5.853  1.00 52.94  ? 681 GLU A N    1 
ATOM   100  C CA   . GLU A 1 9  ? -7.260  -59.332 -5.604  1.00 40.39  ? 681 GLU A CA   1 
ATOM   101  C C    . GLU A 1 9  ? -7.116  -58.208 -6.622  1.00 52.46  ? 681 GLU A C    1 
ATOM   102  O O    . GLU A 1 9  ? -6.687  -57.099 -6.278  1.00 61.53  ? 681 GLU A O    1 
ATOM   103  C CB   . GLU A 1 9  ? -6.031  -60.239 -5.603  1.00 41.16  ? 681 GLU A CB   1 
ATOM   104  C CG   . GLU A 1 9  ? -5.986  -61.187 -4.407  1.00 72.95  ? 681 GLU A CG   1 
ATOM   105  C CD   . GLU A 1 9  ? -4.778  -62.113 -4.409  1.00 102.44 ? 681 GLU A CD   1 
ATOM   106  O OE1  . GLU A 1 9  ? -4.014  -62.109 -5.399  1.00 84.73  ? 681 GLU A OE1  1 
ATOM   107  O OE2  . GLU A 1 9  ? -4.593  -62.844 -3.410  1.00 92.06  ? 681 GLU A OE2  1 
ATOM   108  H H    . GLU A 1 9  ? -8.318  -60.922 -6.131  1.00 63.60  ? 681 GLU A H    1 
ATOM   109  H HA   . GLU A 1 9  ? -7.330  -58.927 -4.725  1.00 48.54  ? 681 GLU A HA   1 
ATOM   110  H HB2  . GLU A 1 9  ? -6.037  -60.776 -6.410  1.00 49.46  ? 681 GLU A HB2  1 
ATOM   111  H HB3  . GLU A 1 9  ? -5.233  -59.688 -5.578  1.00 49.46  ? 681 GLU A HB3  1 
ATOM   112  H HG2  . GLU A 1 9  ? -5.957  -60.663 -3.592  1.00 87.62  ? 681 GLU A HG2  1 
ATOM   113  H HG3  . GLU A 1 9  ? -6.783  -61.740 -4.415  1.00 87.62  ? 681 GLU A HG3  1 
ATOM   114  N N    . VAL A 1 10 ? -7.498  -58.463 -7.876  1.00 51.41  ? 682 VAL A N    1 
ATOM   115  C CA   . VAL A 1 10 ? -7.494  -57.409 -8.887  1.00 37.92  ? 682 VAL A CA   1 
ATOM   116  C C    . VAL A 1 10 ? -8.569  -56.376 -8.572  1.00 31.67  ? 682 VAL A C    1 
ATOM   117  O O    . VAL A 1 10 ? -8.368  -55.170 -8.767  1.00 39.20  ? 682 VAL A O    1 
ATOM   118  C CB   . VAL A 1 10 ? -7.664  -58.016 -10.293 1.00 26.51  ? 682 VAL A CB   1 
ATOM   119  C CG1  . VAL A 1 10 ? -7.837  -56.937 -11.340 1.00 39.48  ? 682 VAL A CG1  1 
ATOM   120  C CG2  . VAL A 1 10 ? -6.451  -58.840 -10.652 1.00 62.12  ? 682 VAL A CG2  1 
ATOM   121  H H    . VAL A 1 10 ? -7.761  -59.230 -8.162  1.00 61.76  ? 682 VAL A H    1 
ATOM   122  H HA   . VAL A 1 10 ? -6.636  -56.958 -8.863  1.00 45.58  ? 682 VAL A HA   1 
ATOM   123  H HB   . VAL A 1 10 ? -8.445  -58.591 -10.308 1.00 31.89  ? 682 VAL A HB   1 
ATOM   124  H HG11 . VAL A 1 10 ? -7.941  -57.354 -12.209 1.00 47.45  ? 682 VAL A HG11 1 
ATOM   125  H HG12 . VAL A 1 10 ? -8.627  -56.414 -11.127 1.00 47.45  ? 682 VAL A HG12 1 
ATOM   126  H HG13 . VAL A 1 10 ? -7.052  -56.367 -11.338 1.00 47.45  ? 682 VAL A HG13 1 
ATOM   127  H HG21 . VAL A 1 10 ? -6.575  -59.214 -11.539 1.00 74.62  ? 682 VAL A HG21 1 
ATOM   128  H HG22 . VAL A 1 10 ? -5.667  -58.269 -10.640 1.00 74.62  ? 682 VAL A HG22 1 
ATOM   129  H HG23 . VAL A 1 10 ? -6.351  -59.554 -10.003 1.00 74.62  ? 682 VAL A HG23 1 
ATOM   130  N N    . GLU A 1 11 ? -9.717  -56.822 -8.054  1.00 39.31  ? 683 GLU A N    1 
ATOM   131  C CA   . GLU A 1 11 ? -10.738 -55.868 -7.621  1.00 62.08  ? 683 GLU A CA   1 
ATOM   132  C C    . GLU A 1 11 ? -10.226 -54.984 -6.488  1.00 48.62  ? 683 GLU A C    1 
ATOM   133  O O    . GLU A 1 11 ? -10.483 -53.772 -6.464  1.00 40.30  ? 683 GLU A O    1 
ATOM   134  C CB   . GLU A 1 11 ? -12.002 -56.609 -7.189  1.00 54.00  ? 683 GLU A CB   1 
ATOM   135  C CG   . GLU A 1 11 ? -12.981 -56.850 -8.321  1.00 66.31  ? 683 GLU A CG   1 
ATOM   136  C CD   . GLU A 1 11 ? -13.562 -55.561 -8.868  1.00 101.54 ? 683 GLU A CD   1 
ATOM   137  O OE1  . GLU A 1 11 ? -13.682 -54.584 -8.095  1.00 97.22  ? 683 GLU A OE1  1 
ATOM   138  O OE2  . GLU A 1 11 ? -13.890 -55.522 -10.073 1.00 92.45  ? 683 GLU A OE2  1 
ATOM   139  H H    . GLU A 1 11 ? -9.924  -57.649 -7.946  1.00 47.25  ? 683 GLU A H    1 
ATOM   140  H HA   . GLU A 1 11 ? -10.968 -55.293 -8.368  1.00 74.57  ? 683 GLU A HA   1 
ATOM   141  H HB2  . GLU A 1 11 ? -11.750 -57.471 -6.825  1.00 64.87  ? 683 GLU A HB2  1 
ATOM   142  H HB3  . GLU A 1 11 ? -12.456 -56.084 -6.511  1.00 64.87  ? 683 GLU A HB3  1 
ATOM   143  H HG2  . GLU A 1 11 ? -12.522 -57.305 -9.045  1.00 79.65  ? 683 GLU A HG2  1 
ATOM   144  H HG3  . GLU A 1 11 ? -13.714 -57.396 -7.996  1.00 79.65  ? 683 GLU A HG3  1 
ATOM   145  N N    . LYS A 1 12 ? -9.519  -55.566 -5.522  1.00 45.81  ? 684 LYS A N    1 
ATOM   146  C CA   . LYS A 1 12 ? -8.965  -54.741 -4.454  1.00 51.72  ? 684 LYS A CA   1 
ATOM   147  C C    . LYS A 1 12 ? -7.934  -53.767 -5.006  1.00 48.52  ? 684 LYS A C    1 
ATOM   148  O O    . LYS A 1 12 ? -7.909  -52.604 -4.614  1.00 44.40  ? 684 LYS A O    1 
ATOM   149  C CB   . LYS A 1 12 ? -8.357  -55.604 -3.356  1.00 42.69  ? 684 LYS A CB   1 
ATOM   150  C CG   . LYS A 1 12 ? -9.442  -56.243 -2.490  1.00 97.81  ? 684 LYS A CG   1 
ATOM   151  C CD   . LYS A 1 12 ? -8.895  -57.137 -1.375  1.00 137.54 ? 684 LYS A CD   1 
ATOM   152  C CE   . LYS A 1 12 ? -10.023 -57.870 -0.623  1.00 117.57 ? 684 LYS A CE   1 
ATOM   153  N NZ   . LYS A 1 12 ? -9.485  -58.874 0.343   1.00 98.29  ? 684 LYS A NZ   1 
ATOM   154  H H    . LYS A 1 12 ? -9.351  -56.408 -5.462  1.00 55.05  ? 684 LYS A H    1 
ATOM   155  H HA   . LYS A 1 12 ? -9.681  -54.220 -4.059  1.00 62.14  ? 684 LYS A HA   1 
ATOM   156  H HB2  . LYS A 1 12 ? -7.832  -56.313 -3.759  1.00 51.30  ? 684 LYS A HB2  1 
ATOM   157  H HB3  . LYS A 1 12 ? -7.798  -55.053 -2.786  1.00 51.30  ? 684 LYS A HB3  1 
ATOM   158  H HG2  . LYS A 1 12 ? -9.966  -55.540 -2.076  1.00 117.44 ? 684 LYS A HG2  1 
ATOM   159  H HG3  . LYS A 1 12 ? -10.012 -56.790 -3.054  1.00 117.44 ? 684 LYS A HG3  1 
ATOM   160  H HD2  . LYS A 1 12 ? -8.304  -57.803 -1.760  1.00 165.12 ? 684 LYS A HD2  1 
ATOM   161  H HD3  . LYS A 1 12 ? -8.411  -56.590 -0.736  1.00 165.12 ? 684 LYS A HD3  1 
ATOM   162  H HE2  . LYS A 1 12 ? -10.549 -57.224 -0.127  1.00 141.16 ? 684 LYS A HE2  1 
ATOM   163  H HE3  . LYS A 1 12 ? -10.583 -58.336 -1.263  1.00 141.16 ? 684 LYS A HE3  1 
ATOM   164  H HZ1  . LYS A 1 12 ? -10.155 -59.282 0.762   1.00 118.03 ? 684 LYS A HZ1  1 
ATOM   165  H HZ2  . LYS A 1 12 ? -9.001  -59.483 -0.089  1.00 118.03 ? 684 LYS A HZ2  1 
ATOM   166  H HZ3  . LYS A 1 12 ? -8.969  -58.469 0.945   1.00 118.03 ? 684 LYS A HZ3  1 
ATOM   167  N N    . ALA A 1 13 ? -7.082  -54.214 -5.918  1.00 34.91  ? 685 ALA A N    1 
ATOM   168  C CA   . ALA A 1 13 ? -6.168  -53.277 -6.559  1.00 26.02  ? 685 ALA A CA   1 
ATOM   169  C C    . ALA A 1 13 ? -6.928  -52.103 -7.175  1.00 30.38  ? 685 ALA A C    1 
ATOM   170  O O    . ALA A 1 13 ? -6.535  -50.941 -7.020  1.00 34.00  ? 685 ALA A O    1 
ATOM   171  C CB   . ALA A 1 13 ? -5.334  -54.003 -7.614  1.00 43.50  ? 685 ALA A CB   1 
ATOM   172  H H    . ALA A 1 13 ? -7.012  -55.030 -6.180  1.00 41.96  ? 685 ALA A H    1 
ATOM   173  H HA   . ALA A 1 13 ? -5.561  -52.922 -5.890  1.00 31.29  ? 685 ALA A HA   1 
ATOM   174  H HB1  . ALA A 1 13 ? -4.730  -53.369 -8.031  1.00 52.28  ? 685 ALA A HB1  1 
ATOM   175  H HB2  . ALA A 1 13 ? -4.826  -54.710 -7.183  1.00 52.28  ? 685 ALA A HB2  1 
ATOM   176  H HB3  . ALA A 1 13 ? -5.929  -54.382 -8.280  1.00 52.28  ? 685 ALA A HB3  1 
ATOM   177  N N    . LYS A 1 14 ? -8.030  -52.389 -7.874  1.00 47.51  ? 686 LYS A N    1 
ATOM   178  C CA   . LYS A 1 14 ? -8.815  -51.315 -8.488  1.00 34.78  ? 686 LYS A CA   1 
ATOM   179  C C    . LYS A 1 14 ? -9.350  -50.354 -7.434  1.00 28.92  ? 686 LYS A C    1 
ATOM   180  O O    . LYS A 1 14 ? -9.282  -49.130 -7.596  1.00 42.31  ? 686 LYS A O    1 
ATOM   181  C CB   . LYS A 1 14 ? -9.976  -51.896 -9.291  1.00 50.82  ? 686 LYS A CB   1 
ATOM   182  C CG   . LYS A 1 14 ? -9.597  -52.495 -10.629 1.00 75.94  ? 686 LYS A CG   1 
ATOM   183  C CD   . LYS A 1 14 ? -10.853 -52.905 -11.383 1.00 93.55  ? 686 LYS A CD   1 
ATOM   184  C CE   . LYS A 1 14 ? -10.541 -53.697 -12.636 1.00 61.01  ? 686 LYS A CE   1 
ATOM   185  N NZ   . LYS A 1 14 ? -11.787 -53.957 -13.416 1.00 91.35  ? 686 LYS A NZ   1 
ATOM   186  H H    . LYS A 1 14 ? -8.339  -53.181 -8.006  1.00 57.09  ? 686 LYS A H    1 
ATOM   187  H HA   . LYS A 1 14 ? -8.248  -50.814 -9.094  1.00 41.80  ? 686 LYS A HA   1 
ATOM   188  H HB2  . LYS A 1 14 ? -10.394 -52.596 -8.765  1.00 61.05  ? 686 LYS A HB2  1 
ATOM   189  H HB3  . LYS A 1 14 ? -10.618 -51.188 -9.459  1.00 61.05  ? 686 LYS A HB3  1 
ATOM   190  H HG2  . LYS A 1 14 ? -9.120  -51.836 -11.157 1.00 91.20  ? 686 LYS A HG2  1 
ATOM   191  H HG3  . LYS A 1 14 ? -9.049  -53.283 -10.489 1.00 91.20  ? 686 LYS A HG3  1 
ATOM   192  H HD2  . LYS A 1 14 ? -11.402 -53.459 -10.806 1.00 112.34 ? 686 LYS A HD2  1 
ATOM   193  H HD3  . LYS A 1 14 ? -11.341 -52.109 -11.644 1.00 112.34 ? 686 LYS A HD3  1 
ATOM   194  H HE2  . LYS A 1 14 ? -9.930  -53.191 -13.195 1.00 73.29  ? 686 LYS A HE2  1 
ATOM   195  H HE3  . LYS A 1 14 ? -10.149 -54.549 -12.391 1.00 73.29  ? 686 LYS A HE3  1 
ATOM   196  H HZ1  . LYS A 1 14 ? -11.594 -54.422 -14.150 1.00 109.69 ? 686 LYS A HZ1  1 
ATOM   197  H HZ2  . LYS A 1 14 ? -12.362 -54.422 -12.921 1.00 109.69 ? 686 LYS A HZ2  1 
ATOM   198  H HZ3  . LYS A 1 14 ? -12.164 -53.187 -13.652 1.00 109.69 ? 686 LYS A HZ3  1 
ATOM   199  N N    . VAL A 1 15 ? -9.903  -50.893 -6.350  1.00 38.34  ? 687 VAL A N    1 
ATOM   200  C CA   . VAL A 1 15 ? -10.519 -50.042 -5.337  1.00 45.09  ? 687 VAL A CA   1 
ATOM   201  C C    . VAL A 1 15 ? -9.464  -49.195 -4.636  1.00 57.65  ? 687 VAL A C    1 
ATOM   202  O O    . VAL A 1 15 ? -9.674  -47.999 -4.384  1.00 44.85  ? 687 VAL A O    1 
ATOM   203  C CB   . VAL A 1 15 ? -11.324 -50.899 -4.341  1.00 31.52  ? 687 VAL A CB   1 
ATOM   204  C CG1  . VAL A 1 15 ? -11.711 -50.087 -3.115  1.00 56.10  ? 687 VAL A CG1  1 
ATOM   205  C CG2  . VAL A 1 15 ? -12.566 -51.448 -5.015  1.00 52.87  ? 687 VAL A CG2  1 
ATOM   206  H H    . VAL A 1 15 ? -9.934  -51.736 -6.179  1.00 46.08  ? 687 VAL A H    1 
ATOM   207  H HA   . VAL A 1 15 ? -11.140 -49.437 -5.774  1.00 54.18  ? 687 VAL A HA   1 
ATOM   208  H HB   . VAL A 1 15 ? -10.779 -51.647 -4.051  1.00 37.90  ? 687 VAL A HB   1 
ATOM   209  H HG11 . VAL A 1 15 ? -12.215 -50.653 -2.509  1.00 67.40  ? 687 VAL A HG11 1 
ATOM   210  H HG12 . VAL A 1 15 ? -10.905 -49.770 -2.680  1.00 67.40  ? 687 VAL A HG12 1 
ATOM   211  H HG13 . VAL A 1 15 ? -12.255 -49.334 -3.395  1.00 67.40  ? 687 VAL A HG13 1 
ATOM   212  H HG21 . VAL A 1 15 ? -13.060 -51.984 -4.375  1.00 63.52  ? 687 VAL A HG21 1 
ATOM   213  H HG22 . VAL A 1 15 ? -13.113 -50.707 -5.319  1.00 63.52  ? 687 VAL A HG22 1 
ATOM   214  H HG23 . VAL A 1 15 ? -12.299 -51.994 -5.770  1.00 63.52  ? 687 VAL A HG23 1 
ATOM   215  N N    . ILE A 1 16 ? -8.318  -49.801 -4.302  1.00 28.48  ? 688 ILE A N    1 
ATOM   216  C CA   . ILE A 1 16 ? -7.236  -49.058 -3.660  1.00 27.64  ? 688 ILE A CA   1 
ATOM   217  C C    . ILE A 1 16 ? -6.767  -47.937 -4.572  1.00 33.59  ? 688 ILE A C    1 
ATOM   218  O O    . ILE A 1 16 ? -6.607  -46.789 -4.143  1.00 43.28  ? 688 ILE A O    1 
ATOM   219  C CB   . ILE A 1 16 ? -6.070  -49.999 -3.299  1.00 45.62  ? 688 ILE A CB   1 
ATOM   220  C CG1  . ILE A 1 16 ? -6.500  -51.029 -2.264  1.00 35.64  ? 688 ILE A CG1  1 
ATOM   221  C CG2  . ILE A 1 16 ? -4.892  -49.211 -2.736  1.00 28.23  ? 688 ILE A CG2  1 
ATOM   222  C CD1  . ILE A 1 16 ? -5.529  -52.202 -2.135  1.00 37.24  ? 688 ILE A CD1  1 
ATOM   223  H H    . ILE A 1 16 ? -8.147  -50.633 -4.435  1.00 34.25  ? 688 ILE A H    1 
ATOM   224  H HA   . ILE A 1 16 ? -7.567  -48.661 -2.840  1.00 33.25  ? 688 ILE A HA   1 
ATOM   225  H HB   . ILE A 1 16 ? -5.783  -50.463 -4.100  1.00 54.82  ? 688 ILE A HB   1 
ATOM   226  H HG12 . ILE A 1 16 ? -6.562  -50.597 -1.398  1.00 42.84  ? 688 ILE A HG12 1 
ATOM   227  H HG13 . ILE A 1 16 ? -7.366  -51.386 -2.516  1.00 42.84  ? 688 ILE A HG13 1 
ATOM   228  H HG21 . ILE A 1 16 ? -4.175  -49.828 -2.518  1.00 33.95  ? 688 ILE A HG21 1 
ATOM   229  H HG22 . ILE A 1 16 ? -4.590  -48.576 -3.404  1.00 33.95  ? 688 ILE A HG22 1 
ATOM   230  H HG23 . ILE A 1 16 ? -5.179  -48.741 -1.938  1.00 33.95  ? 688 ILE A HG23 1 
ATOM   231  H HD11 . ILE A 1 16 ? -5.863  -52.816 -1.462  1.00 44.76  ? 688 ILE A HD11 1 
ATOM   232  H HD12 . ILE A 1 16 ? -5.463  -52.653 -2.991  1.00 44.76  ? 688 ILE A HD12 1 
ATOM   233  H HD13 . ILE A 1 16 ? -4.660  -51.863 -1.871  1.00 44.76  ? 688 ILE A HD13 1 
ATOM   234  N N    . ALA A 1 17 ? -6.505  -48.259 -5.839  1.00 32.52  ? 689 ALA A N    1 
ATOM   235  C CA   . ALA A 1 17 ? -6.077  -47.232 -6.774  1.00 38.01  ? 689 ALA A CA   1 
ATOM   236  C C    . ALA A 1 17 ? -7.098  -46.107 -6.851  1.00 33.92  ? 689 ALA A C    1 
ATOM   237  O O    . ALA A 1 17 ? -6.733  -44.925 -6.842  1.00 50.64  ? 689 ALA A O    1 
ATOM   238  C CB   . ALA A 1 17 ? -5.837  -47.851 -8.151  1.00 44.05  ? 689 ALA A CB   1 
ATOM   239  H H    . ALA A 1 17 ? -6.568  -49.049 -6.174  1.00 39.10  ? 689 ALA A H    1 
ATOM   240  H HA   . ALA A 1 17 ? -5.239  -46.854 -6.465  1.00 45.68  ? 689 ALA A HA   1 
ATOM   241  H HB1  . ALA A 1 17 ? -5.552  -47.155 -8.764  1.00 52.94  ? 689 ALA A HB1  1 
ATOM   242  H HB2  . ALA A 1 17 ? -5.147  -48.529 -8.076  1.00 52.94  ? 689 ALA A HB2  1 
ATOM   243  H HB3  . ALA A 1 17 ? -6.663  -48.251 -8.465  1.00 52.94  ? 689 ALA A HB3  1 
ATOM   244  N N    . ASP A 1 18 ? -8.388  -46.449 -6.900  1.00 41.89  ? 690 ASP A N    1 
ATOM   245  C CA   . ASP A 1 18 ? -9.415  -45.421 -7.027  1.00 63.02  ? 690 ASP A CA   1 
ATOM   246  C C    . ASP A 1 18 ? -9.417  -44.502 -5.809  1.00 43.38  ? 690 ASP A C    1 
ATOM   247  O O    . ASP A 1 18 ? -9.447  -43.270 -5.940  1.00 47.43  ? 690 ASP A O    1 
ATOM   248  C CB   . ASP A 1 18 ? -10.785 -46.071 -7.215  1.00 60.88  ? 690 ASP A CB   1 
ATOM   249  C CG   . ASP A 1 18 ? -11.702 -45.261 -8.113  1.00 83.57  ? 690 ASP A CG   1 
ATOM   250  O OD1  . ASP A 1 18 ? -11.190 -44.580 -9.025  1.00 77.59  ? 690 ASP A OD1  1 
ATOM   251  O OD2  . ASP A 1 18 ? -12.936 -45.302 -7.903  1.00 92.48  ? 690 ASP A OD2  1 
ATOM   252  H H    . ASP A 1 18 ? -8.687  -47.255 -6.863  1.00 50.34  ? 690 ASP A H    1 
ATOM   253  H HA   . ASP A 1 18 ? -9.228  -44.880 -7.811  1.00 75.70  ? 690 ASP A HA   1 
ATOM   254  H HB2  . ASP A 1 18 ? -10.667 -46.945 -7.617  1.00 73.13  ? 690 ASP A HB2  1 
ATOM   255  H HB3  . ASP A 1 18 ? -11.215 -46.159 -6.349  1.00 73.13  ? 690 ASP A HB3  1 
ATOM   256  N N    . GLU A 1 19 ? -9.379  -45.089 -4.609  1.00 33.40  ? 691 GLU A N    1 
ATOM   257  C CA   . GLU A 1 19 ? -9.420  -44.290 -3.390  1.00 20.78  ? 691 GLU A CA   1 
ATOM   258  C C    . GLU A 1 19 ? -8.171  -43.433 -3.252  1.00 48.44  ? 691 GLU A C    1 
ATOM   259  O O    . GLU A 1 19 ? -8.243  -42.275 -2.821  1.00 53.84  ? 691 GLU A O    1 
ATOM   260  C CB   . GLU A 1 19 ? -9.578  -45.197 -2.169  1.00 59.63  ? 691 GLU A CB   1 
ATOM   261  C CG   . GLU A 1 19 ? -10.988 -45.733 -1.955  1.00 66.38  ? 691 GLU A CG   1 
ATOM   262  C CD   . GLU A 1 19 ? -11.967 -44.663 -1.516  1.00 61.19  ? 691 GLU A CD   1 
ATOM   263  O OE1  . GLU A 1 19 ? -11.524 -43.656 -0.925  1.00 111.42 ? 691 GLU A OE1  1 
ATOM   264  O OE2  . GLU A 1 19 ? -13.180 -44.831 -1.762  1.00 125.29 ? 691 GLU A OE2  1 
ATOM   265  H H    . GLU A 1 19 ? -9.329  -45.938 -4.478  1.00 40.16  ? 691 GLU A H    1 
ATOM   266  H HA   . GLU A 1 19 ? -10.188 -43.698 -3.426  1.00 25.01  ? 691 GLU A HA   1 
ATOM   267  H HB2  . GLU A 1 19 ? -8.986  -45.959 -2.270  1.00 71.63  ? 691 GLU A HB2  1 
ATOM   268  H HB3  . GLU A 1 19 ? -9.331  -44.695 -1.376  1.00 71.63  ? 691 GLU A HB3  1 
ATOM   269  H HG2  . GLU A 1 19 ? -11.311 -46.111 -2.788  1.00 79.73  ? 691 GLU A HG2  1 
ATOM   270  H HG3  . GLU A 1 19 ? -10.965 -46.418 -1.268  1.00 79.73  ? 691 GLU A HG3  1 
ATOM   271  N N    . ALA A 1 20 ? -7.012  -43.980 -3.618  1.00 45.16  ? 692 ALA A N    1 
ATOM   272  C CA   . ALA A 1 20 ? -5.788  -43.197 -3.555  1.00 60.42  ? 692 ALA A CA   1 
ATOM   273  C C    . ALA A 1 20 ? -5.850  -42.028 -4.525  1.00 45.88  ? 692 ALA A C    1 
ATOM   274  O O    . ALA A 1 20 ? -5.447  -40.911 -4.184  1.00 54.39  ? 692 ALA A O    1 
ATOM   275  C CB   . ALA A 1 20 ? -4.575  -44.083 -3.849  1.00 40.02  ? 692 ALA A CB   1 
ATOM   276  H H    . ALA A 1 20 ? -6.911  -44.787 -3.899  1.00 54.26  ? 692 ALA A H    1 
ATOM   277  H HA   . ALA A 1 20 ? -5.688  -42.838 -2.660  1.00 72.58  ? 692 ALA A HA   1 
ATOM   278  H HB1  . ALA A 1 20 ? -3.771  -43.543 -3.802  1.00 48.09  ? 692 ALA A HB1  1 
ATOM   279  H HB2  . ALA A 1 20 ? -4.536  -44.793 -3.188  1.00 48.09  ? 692 ALA A HB2  1 
ATOM   280  H HB3  . ALA A 1 20 ? -4.669  -44.463 -4.737  1.00 48.09  ? 692 ALA A HB3  1 
ATOM   281  N N    . VAL A 1 21 ? -6.368  -42.259 -5.734  1.00 48.83  ? 693 VAL A N    1 
ATOM   282  C CA   . VAL A 1 21 ? -6.433  -41.189 -6.722  1.00 43.88  ? 693 VAL A CA   1 
ATOM   283  C C    . VAL A 1 21 ? -7.383  -40.093 -6.261  1.00 51.26  ? 693 VAL A C    1 
ATOM   284  O O    . VAL A 1 21 ? -7.081  -38.900 -6.388  1.00 63.89  ? 693 VAL A O    1 
ATOM   285  C CB   . VAL A 1 21 ? -6.837  -41.750 -8.096  1.00 42.78  ? 693 VAL A CB   1 
ATOM   286  C CG1  . VAL A 1 21 ? -7.197  -40.627 -9.048  1.00 49.37  ? 693 VAL A CG1  1 
ATOM   287  C CG2  . VAL A 1 21 ? -5.696  -42.579 -8.681  1.00 67.71  ? 693 VAL A CG2  1 
ATOM   288  H H    . VAL A 1 21 ? -6.683  -43.014 -6.000  1.00 58.67  ? 693 VAL A H    1 
ATOM   289  H HA   . VAL A 1 21 ? -5.551  -40.795 -6.812  1.00 52.72  ? 693 VAL A HA   1 
ATOM   290  H HB   . VAL A 1 21 ? -7.612  -42.325 -7.993  1.00 51.41  ? 693 VAL A HB   1 
ATOM   291  H HG11 . VAL A 1 21 ? -7.448  -41.007 -9.903  1.00 59.31  ? 693 VAL A HG11 1 
ATOM   292  H HG12 . VAL A 1 21 ? -7.941  -40.126 -8.677  1.00 59.31  ? 693 VAL A HG12 1 
ATOM   293  H HG13 . VAL A 1 21 ? -6.428  -40.046 -9.155  1.00 59.31  ? 693 VAL A HG13 1 
ATOM   294  H HG21 . VAL A 1 21 ? -5.969  -42.924 -9.546  1.00 81.33  ? 693 VAL A HG21 1 
ATOM   295  H HG22 . VAL A 1 21 ? -4.915  -42.013 -8.782  1.00 81.33  ? 693 VAL A HG22 1 
ATOM   296  H HG23 . VAL A 1 21 ? -5.498  -43.313 -8.079  1.00 81.33  ? 693 VAL A HG23 1 
ATOM   297  N N    . LYS A 1 22 ? -8.541  -40.466 -5.714  1.00 46.81  ? 694 LYS A N    1 
ATOM   298  C CA   . LYS A 1 22 ? -9.467  -39.436 -5.255  1.00 49.16  ? 694 LYS A CA   1 
ATOM   299  C C    . LYS A 1 22 ? -8.885  -38.662 -4.073  1.00 40.56  ? 694 LYS A C    1 
ATOM   300  O O    . LYS A 1 22 ? -9.055  -37.438 -3.976  1.00 65.27  ? 694 LYS A O    1 
ATOM   301  C CB   . LYS A 1 22 ? -10.828 -40.053 -4.905  1.00 52.84  ? 694 LYS A CB   1 
ATOM   302  C CG   . LYS A 1 22 ? -10.950 -40.653 -3.503  1.00 54.65  ? 694 LYS A CG   1 
ATOM   303  C CD   . LYS A 1 22 ? -12.396 -41.018 -3.176  1.00 111.19 ? 694 LYS A CD   1 
ATOM   304  C CE   . LYS A 1 22 ? -13.248 -39.778 -2.930  1.00 137.89 ? 694 LYS A CE   1 
ATOM   305  N NZ   . LYS A 1 22 ? -14.632 -40.115 -2.500  1.00 124.79 ? 694 LYS A NZ   1 
ATOM   306  H H    . LYS A 1 22 ? -8.804  -41.277 -5.600  1.00 56.25  ? 694 LYS A H    1 
ATOM   307  H HA   . LYS A 1 22 ? -9.609  -38.805 -5.977  1.00 59.07  ? 694 LYS A HA   1 
ATOM   308  H HB2  . LYS A 1 22 ? -11.505 -39.363 -4.984  1.00 63.49  ? 694 LYS A HB2  1 
ATOM   309  H HB3  . LYS A 1 22 ? -11.014 -40.762 -5.540  1.00 63.49  ? 694 LYS A HB3  1 
ATOM   310  H HG2  . LYS A 1 22 ? -10.413 -41.459 -3.452  1.00 65.65  ? 694 LYS A HG2  1 
ATOM   311  H HG3  . LYS A 1 22 ? -10.645 -40.004 -2.850  1.00 65.65  ? 694 LYS A HG3  1 
ATOM   312  H HD2  . LYS A 1 22 ? -12.779 -41.506 -3.922  1.00 133.50 ? 694 LYS A HD2  1 
ATOM   313  H HD3  . LYS A 1 22 ? -12.415 -41.563 -2.374  1.00 133.50 ? 694 LYS A HD3  1 
ATOM   314  H HE2  . LYS A 1 22 ? -12.837 -39.245 -2.232  1.00 165.54 ? 694 LYS A HE2  1 
ATOM   315  H HE3  . LYS A 1 22 ? -13.305 -39.264 -3.751  1.00 165.54 ? 694 LYS A HE3  1 
ATOM   316  H HZ1  . LYS A 1 22 ? -15.099 -39.368 -2.366  1.00 149.83 ? 694 LYS A HZ1  1 
ATOM   317  H HZ2  . LYS A 1 22 ? -15.036 -40.600 -3.129  1.00 149.83 ? 694 LYS A HZ2  1 
ATOM   318  H HZ3  . LYS A 1 22 ? -14.610 -40.582 -1.743  1.00 149.83 ? 694 LYS A HZ3  1 
ATOM   319  N N    . LEU A 1 23 ? -8.173  -39.344 -3.174  1.00 48.58  ? 695 LEU A N    1 
ATOM   320  C CA   . LEU A 1 23 ? -7.596  -38.632 -2.038  1.00 60.21  ? 695 LEU A CA   1 
ATOM   321  C C    . LEU A 1 23 ? -6.484  -37.695 -2.495  1.00 34.86  ? 695 LEU A C    1 
ATOM   322  O O    . LEU A 1 23 ? -6.367  -36.567 -1.995  1.00 47.24  ? 695 LEU A O    1 
ATOM   323  C CB   . LEU A 1 23 ? -7.087  -39.632 -1.003  1.00 28.04  ? 695 LEU A CB   1 
ATOM   324  C CG   . LEU A 1 23 ? -6.376  -39.084 0.230   1.00 40.23  ? 695 LEU A CG   1 
ATOM   325  C CD1  . LEU A 1 23 ? -7.210  -38.005 0.892   1.00 47.42  ? 695 LEU A CD1  1 
ATOM   326  C CD2  . LEU A 1 23 ? -6.086  -40.233 1.194   1.00 48.11  ? 695 LEU A CD2  1 
ATOM   327  H H    . LEU A 1 23 ? -8.013  -40.189 -3.198  1.00 58.38  ? 695 LEU A H    1 
ATOM   328  H HA   . LEU A 1 23 ? -8.287  -38.094 -1.620  1.00 72.32  ? 695 LEU A HA   1 
ATOM   329  H HB2  . LEU A 1 23 ? -7.845  -40.145 -0.686  1.00 33.73  ? 695 LEU A HB2  1 
ATOM   330  H HB3  . LEU A 1 23 ? -6.464  -40.228 -1.445  1.00 33.73  ? 695 LEU A HB3  1 
ATOM   331  H HG   . LEU A 1 23 ? -5.530  -38.692 -0.037  1.00 48.35  ? 695 LEU A HG   1 
ATOM   332  H HD11 . LEU A 1 23 ? -6.736  -37.674 1.671   1.00 56.98  ? 695 LEU A HD11 1 
ATOM   333  H HD12 . LEU A 1 23 ? -7.352  -37.283 0.260   1.00 56.98  ? 695 LEU A HD12 1 
ATOM   334  H HD13 . LEU A 1 23 ? -8.062  -38.384 1.159   1.00 56.98  ? 695 LEU A HD13 1 
ATOM   335  H HD21 . LEU A 1 23 ? -5.635  -39.881 1.977   1.00 57.80  ? 695 LEU A HD21 1 
ATOM   336  H HD22 . LEU A 1 23 ? -6.924  -40.646 1.454   1.00 57.80  ? 695 LEU A HD22 1 
ATOM   337  H HD23 . LEU A 1 23 ? -5.520  -40.882 0.749   1.00 57.80  ? 695 LEU A HD23 1 
ATOM   338  N N    A GLN A 1 24 ? -5.668  -38.122 -3.453  0.60 45.14  ? 696 GLN A N    1 
ATOM   339  N N    B GLN A 1 24 ? -5.650  -38.158 -3.435  0.40 44.88  ? 696 GLN A N    1 
ATOM   340  C CA   A GLN A 1 24 ? -4.640  -37.218 -3.944  0.60 48.90  ? 696 GLN A CA   1 
ATOM   341  C CA   B GLN A 1 24 ? -4.637  -37.302 -4.051  0.40 48.88  ? 696 GLN A CA   1 
ATOM   342  C C    A GLN A 1 24 ? -5.253  -36.041 -4.684  0.60 44.90  ? 696 GLN A C    1 
ATOM   343  C C    B GLN A 1 24 ? -5.271  -36.064 -4.660  0.40 45.12  ? 696 GLN A C    1 
ATOM   344  O O    A GLN A 1 24 ? -4.725  -34.927 -4.609  0.60 53.89  ? 696 GLN A O    1 
ATOM   345  O O    B GLN A 1 24 ? -4.758  -34.949 -4.513  0.40 53.78  ? 696 GLN A O    1 
ATOM   346  C CB   A GLN A 1 24 ? -3.651  -37.950 -4.844  0.60 54.30  ? 696 GLN A CB   1 
ATOM   347  C CB   B GLN A 1 24 ? -3.884  -38.069 -5.140  0.40 54.06  ? 696 GLN A CB   1 
ATOM   348  C CG   A GLN A 1 24 ? -2.452  -37.091 -5.216  0.60 59.74  ? 696 GLN A CG   1 
ATOM   349  C CG   B GLN A 1 24 ? -2.826  -39.030 -4.649  0.40 54.84  ? 696 GLN A CG   1 
ATOM   350  C CD   A GLN A 1 24 ? -1.759  -36.488 -4.001  0.60 54.76  ? 696 GLN A CD   1 
ATOM   351  C CD   B GLN A 1 24 ? -2.108  -39.724 -5.791  0.40 57.65  ? 696 GLN A CD   1 
ATOM   352  O OE1  A GLN A 1 24 ? -1.349  -35.326 -4.020  0.60 39.82  ? 696 GLN A OE1  1 
ATOM   353  O OE1  B GLN A 1 24 ? -2.443  -39.530 -6.959  0.40 63.40  ? 696 GLN A OE1  1 
ATOM   354  N NE2  A GLN A 1 24 ? -1.630  -37.278 -2.937  0.60 53.20  ? 696 GLN A NE2  1 
ATOM   355  N NE2  B GLN A 1 24 ? -1.118  -40.543 -5.458  0.40 61.27  ? 696 GLN A NE2  1 
ATOM   356  H H    A GLN A 1 24 ? -5.687  -38.899 -3.822  0.60 54.24  ? 696 GLN A H    1 
ATOM   357  H H    B GLN A 1 24 ? -5.652  -38.966 -3.731  0.40 53.93  ? 696 GLN A H    1 
ATOM   358  H HA   A GLN A 1 24 ? -4.147  -36.867 -3.186  0.60 58.75  ? 696 GLN A HA   1 
ATOM   359  H HA   B GLN A 1 24 ? -4.000  -37.021 -3.377  0.40 58.73  ? 696 GLN A HA   1 
ATOM   360  H HB2  A GLN A 1 24 ? -3.324  -38.738 -4.381  0.60 65.23  ? 696 GLN A HB2  1 
ATOM   361  H HB2  B GLN A 1 24 ? -4.527  -38.583 -5.654  0.40 64.95  ? 696 GLN A HB2  1 
ATOM   362  H HB3  A GLN A 1 24 ? -4.101  -38.210 -5.664  0.60 65.23  ? 696 GLN A HB3  1 
ATOM   363  H HB3  B GLN A 1 24 ? -3.447  -37.427 -5.720  0.40 64.95  ? 696 GLN A HB3  1 
ATOM   364  H HG2  A GLN A 1 24 ? -1.805  -37.638 -5.689  0.60 71.77  ? 696 GLN A HG2  1 
ATOM   365  H HG2  B GLN A 1 24 ? -2.168  -38.540 -4.132  0.40 65.88  ? 696 GLN A HG2  1 
ATOM   366  H HG3  A GLN A 1 24 ? -2.749  -36.363 -5.784  0.60 71.77  ? 696 GLN A HG3  1 
ATOM   367  H HG3  B GLN A 1 24 ? -3.245  -39.710 -4.098  0.40 65.88  ? 696 GLN A HG3  1 
ATOM   368  H HE21 A GLN A 1 24 ? -1.929  -38.084 -2.960  0.60 63.91  ? 696 GLN A HE21 1 
ATOM   369  H HE21 B GLN A 1 24 ? -0.912  -40.655 -4.630  0.40 73.60  ? 696 GLN A HE21 1 
ATOM   370  H HE22 A GLN A 1 24 ? -1.246  -36.982 -2.226  0.60 63.91  ? 696 GLN A HE22 1 
ATOM   371  H HE22 B GLN A 1 24 ? -0.681  -40.959 -6.071  0.40 73.60  ? 696 GLN A HE22 1 
ATOM   372  N N    . LYS A 1 25 ? -6.367  -36.251 -5.392  1.00 37.14  ? 697 LYS A N    1 
ATOM   373  C CA   . LYS A 1 25 ? -7.051  -35.125 -6.006  1.00 54.91  ? 697 LYS A CA   1 
ATOM   374  C C    . LYS A 1 25 ? -7.528  -34.144 -4.948  1.00 32.45  ? 697 LYS A C    1 
ATOM   375  O O    . LYS A 1 25 ? -7.405  -32.928 -5.120  1.00 77.78  ? 697 LYS A O    1 
ATOM   376  C CB   . LYS A 1 25 ? -8.219  -35.611 -6.861  1.00 57.27  ? 697 LYS A CB   1 
ATOM   377  C CG   . LYS A 1 25 ? -7.807  -36.043 -8.261  1.00 61.37  ? 697 LYS A CG   1 
ATOM   378  C CD   . LYS A 1 25 ? -9.017  -36.471 -9.087  1.00 99.77  ? 697 LYS A CD   1 
ATOM   379  C CE   . LYS A 1 25 ? -8.621  -36.967 -10.475 1.00 118.47 ? 697 LYS A CE   1 
ATOM   380  N NZ   . LYS A 1 25 ? -9.791  -37.470 -11.250 1.00 122.85 ? 697 LYS A NZ   1 
ATOM   381  H H    . LYS A 1 25 ? -6.729  -37.018 -5.535  1.00 44.65  ? 697 LYS A H    1 
ATOM   382  H HA   . LYS A 1 25 ? -6.430  -34.658 -6.587  1.00 65.96  ? 697 LYS A HA   1 
ATOM   383  H HB2  . LYS A 1 25 ? -8.633  -36.372 -6.424  1.00 68.80  ? 697 LYS A HB2  1 
ATOM   384  H HB3  . LYS A 1 25 ? -8.864  -34.892 -6.949  1.00 68.80  ? 697 LYS A HB3  1 
ATOM   385  H HG2  . LYS A 1 25 ? -7.377  -35.300 -8.712  1.00 73.72  ? 697 LYS A HG2  1 
ATOM   386  H HG3  . LYS A 1 25 ? -7.198  -36.796 -8.198  1.00 73.72  ? 697 LYS A HG3  1 
ATOM   387  H HD2  . LYS A 1 25 ? -9.477  -37.192 -8.629  1.00 119.80 ? 697 LYS A HD2  1 
ATOM   388  H HD3  . LYS A 1 25 ? -9.611  -35.713 -9.196  1.00 119.80 ? 697 LYS A HD3  1 
ATOM   389  H HE2  . LYS A 1 25 ? -8.222  -36.236 -10.972 1.00 142.24 ? 697 LYS A HE2  1 
ATOM   390  H HE3  . LYS A 1 25 ? -7.985  -37.693 -10.384 1.00 142.24 ? 697 LYS A HE3  1 
ATOM   391  H HZ1  . LYS A 1 25 ? -9.527  -37.750 -12.053 1.00 147.49 ? 697 LYS A HZ1  1 
ATOM   392  H HZ2  . LYS A 1 25 ? -10.174 -38.147 -10.818 1.00 147.49 ? 697 LYS A HZ2  1 
ATOM   393  H HZ3  . LYS A 1 25 ? -10.389 -36.819 -11.354 1.00 147.49 ? 697 LYS A HZ3  1 
ATOM   394  N N    . GLU A 1 26 ? -8.067  -34.653 -3.839  1.00 54.85  ? 698 GLU A N    1 
ATOM   395  C CA   . GLU A 1 26 ? -8.516  -33.762 -2.773  1.00 46.40  ? 698 GLU A CA   1 
ATOM   396  C C    . GLU A 1 26 ? -7.351  -32.940 -2.226  1.00 52.38  ? 698 GLU A C    1 
ATOM   397  O O    . GLU A 1 26 ? -7.448  -31.714 -2.082  1.00 56.20  ? 698 GLU A O    1 
ATOM   398  C CB   . GLU A 1 26 ? -9.181  -34.566 -1.660  1.00 39.29  ? 698 GLU A CB   1 
ATOM   399  C CG   . GLU A 1 26 ? -9.891  -33.711 -0.620  1.00 99.21  ? 698 GLU A CG   1 
ATOM   400  C CD   . GLU A 1 26 ? -10.414 -34.518 0.554   1.00 97.12  ? 698 GLU A CD   1 
ATOM   401  O OE1  . GLU A 1 26 ? -10.265 -35.759 0.546   1.00 83.39  ? 698 GLU A OE1  1 
ATOM   402  O OE2  . GLU A 1 26 ? -10.977 -33.908 1.488   1.00 126.46 ? 698 GLU A OE2  1 
ATOM   403  H H    . GLU A 1 26 ? -8.182  -35.491 -3.683  1.00 65.89  ? 698 GLU A H    1 
ATOM   404  H HA   . GLU A 1 26 ? -9.173  -33.146 -3.132  1.00 55.75  ? 698 GLU A HA   1 
ATOM   405  H HB2  . GLU A 1 26 ? -9.839  -35.159 -2.054  1.00 47.22  ? 698 GLU A HB2  1 
ATOM   406  H HB3  . GLU A 1 26 ? -8.502  -35.087 -1.202  1.00 47.22  ? 698 GLU A HB3  1 
ATOM   407  H HG2  . GLU A 1 26 ? -9.269  -33.051 -0.275  1.00 119.12 ? 698 GLU A HG2  1 
ATOM   408  H HG3  . GLU A 1 26 ? -10.646 -33.267 -1.037  1.00 119.12 ? 698 GLU A HG3  1 
ATOM   409  N N    . ILE A 1 27 ? -6.236  -33.607 -1.916  1.00 48.27  ? 699 ILE A N    1 
ATOM   410  C CA   . ILE A 1 27 ? -5.061  -32.900 -1.401  1.00 35.28  ? 699 ILE A CA   1 
ATOM   411  C C    . ILE A 1 27 ? -4.625  -31.818 -2.384  1.00 54.28  ? 699 ILE A C    1 
ATOM   412  O O    . ILE A 1 27 ? -4.449  -30.641 -2.020  1.00 57.41  ? 699 ILE A O    1 
ATOM   413  C CB   . ILE A 1 27 ? -3.922  -33.901 -1.117  1.00 42.26  ? 699 ILE A CB   1 
ATOM   414  C CG1  . ILE A 1 27 ? -4.309  -34.833 0.035   1.00 44.36  ? 699 ILE A CG1  1 
ATOM   415  C CG2  . ILE A 1 27 ? -2.610  -33.176 -0.789  1.00 30.71  ? 699 ILE A CG2  1 
ATOM   416  C CD1  . ILE A 1 27 ? -3.347  -35.979 0.274   1.00 55.59  ? 699 ILE A CD1  1 
ATOM   417  H H    . ILE A 1 27 ? -6.136  -34.458 -1.994  1.00 57.99  ? 699 ILE A H    1 
ATOM   418  H HA   . ILE A 1 27 ? -5.295  -32.468 -0.564  1.00 42.41  ? 699 ILE A HA   1 
ATOM   419  H HB   . ILE A 1 27 ? -3.783  -34.439 -1.912  1.00 50.78  ? 699 ILE A HB   1 
ATOM   420  H HG12 . ILE A 1 27 ? -4.354  -34.314 0.853   1.00 53.30  ? 699 ILE A HG12 1 
ATOM   421  H HG13 . ILE A 1 27 ? -5.180  -35.216 -0.156  1.00 53.30  ? 699 ILE A HG13 1 
ATOM   422  H HG21 . ILE A 1 27 ? -1.921  -33.835 -0.616  1.00 36.93  ? 699 ILE A HG21 1 
ATOM   423  H HG22 . ILE A 1 27 ? -2.359  -32.622 -1.544  1.00 36.93  ? 699 ILE A HG22 1 
ATOM   424  H HG23 . ILE A 1 27 ? -2.744  -32.623 -0.003  1.00 36.93  ? 699 ILE A HG23 1 
ATOM   425  H HD11 . ILE A 1 27 ? -3.670  -36.513 1.017   1.00 66.79  ? 699 ILE A HD11 1 
ATOM   426  H HD12 . ILE A 1 27 ? -3.298  -36.522 -0.528  1.00 66.79  ? 699 ILE A HD12 1 
ATOM   427  H HD13 . ILE A 1 27 ? -2.471  -35.618 0.482   1.00 66.79  ? 699 ILE A HD13 1 
ATOM   428  N N    . ASP A 1 28 ? -4.429  -32.210 -3.646  1.00 49.48  ? 700 ASP A N    1 
ATOM   429  C CA   . ASP A 1 28 ? -3.995  -31.285 -4.685  1.00 54.75  ? 700 ASP A CA   1 
ATOM   430  C C    . ASP A 1 28 ? -4.914  -30.072 -4.755  1.00 55.54  ? 700 ASP A C    1 
ATOM   431  O O    . ASP A 1 28 ? -4.455  -28.923 -4.728  1.00 55.84  ? 700 ASP A O    1 
ATOM   432  C CB   . ASP A 1 28 ? -3.964  -32.029 -6.022  1.00 42.09  ? 700 ASP A CB   1 
ATOM   433  C CG   . ASP A 1 28 ? -2.988  -31.434 -7.004  1.00 80.11  ? 700 ASP A CG   1 
ATOM   434  O OD1  . ASP A 1 28 ? -2.882  -30.189 -7.072  1.00 98.20  ? 700 ASP A OD1  1 
ATOM   435  O OD2  . ASP A 1 28 ? -2.324  -32.225 -7.708  1.00 67.92  ? 700 ASP A OD2  1 
ATOM   436  H H    . ASP A 1 28 ? -4.544  -33.016 -3.923  1.00 59.46  ? 700 ASP A H    1 
ATOM   437  H HA   . ASP A 1 28 ? -3.097  -30.977 -4.486  1.00 65.77  ? 700 ASP A HA   1 
ATOM   438  H HB2  . ASP A 1 28 ? -3.706  -32.951 -5.865  1.00 50.59  ? 700 ASP A HB2  1 
ATOM   439  H HB3  . ASP A 1 28 ? -4.848  -31.997 -6.422  1.00 50.59  ? 700 ASP A HB3  1 
ATOM   440  N N    . LYS A 1 29 ? -6.222  -30.317 -4.843  1.00 40.23  ? 701 LYS A N    1 
ATOM   441  C CA   . LYS A 1 29 ? -7.190  -29.232 -4.938  1.00 54.39  ? 701 LYS A CA   1 
ATOM   442  C C    . LYS A 1 29 ? -7.086  -28.291 -3.745  1.00 58.52  ? 701 LYS A C    1 
ATOM   443  O O    . LYS A 1 29 ? -7.146  -27.066 -3.906  1.00 60.47  ? 701 LYS A O    1 
ATOM   444  C CB   . LYS A 1 29 ? -8.601  -29.821 -5.053  1.00 63.46  ? 701 LYS A CB   1 
ATOM   445  C CG   . LYS A 1 29 ? -9.740  -28.811 -5.026  1.00 93.38  ? 701 LYS A CG   1 
ATOM   446  C CD   . LYS A 1 29 ? -11.082 -29.509 -5.223  1.00 105.32 ? 701 LYS A CD   1 
ATOM   447  C CE   . LYS A 1 29 ? -12.252 -28.534 -5.153  1.00 109.49 ? 701 LYS A CE   1 
ATOM   448  N NZ   . LYS A 1 29 ? -12.254 -27.562 -6.283  1.00 97.43  ? 701 LYS A NZ   1 
ATOM   449  H H    . LYS A 1 29 ? -6.571  -31.103 -4.849  1.00 48.34  ? 701 LYS A H    1 
ATOM   450  H HA   . LYS A 1 29 ? -7.011  -28.719 -5.741  1.00 65.35  ? 701 LYS A HA   1 
ATOM   451  H HB2  . LYS A 1 29 ? -8.663  -30.307 -5.890  1.00 76.22  ? 701 LYS A HB2  1 
ATOM   452  H HB3  . LYS A 1 29 ? -8.738  -30.433 -4.313  1.00 76.22  ? 701 LYS A HB3  1 
ATOM   453  H HG2  . LYS A 1 29 ? -9.752  -28.359 -4.167  1.00 112.13 ? 701 LYS A HG2  1 
ATOM   454  H HG3  . LYS A 1 29 ? -9.620  -28.169 -5.744  1.00 112.13 ? 701 LYS A HG3  1 
ATOM   455  H HD2  . LYS A 1 29 ? -11.095 -29.934 -6.094  1.00 126.46 ? 701 LYS A HD2  1 
ATOM   456  H HD3  . LYS A 1 29 ? -11.200 -30.173 -4.526  1.00 126.46 ? 701 LYS A HD3  1 
ATOM   457  H HE2  . LYS A 1 29 ? -13.083 -29.033 -5.184  1.00 131.46 ? 701 LYS A HE2  1 
ATOM   458  H HE3  . LYS A 1 29 ? -12.197 -28.032 -4.325  1.00 131.46 ? 701 LYS A HE3  1 
ATOM   459  H HZ1  . LYS A 1 29 ? -12.948 -27.011 -6.209  1.00 116.99 ? 701 LYS A HZ1  1 
ATOM   460  H HZ2  . LYS A 1 29 ? -11.503 -27.085 -6.274  1.00 116.99 ? 701 LYS A HZ2  1 
ATOM   461  H HZ3  . LYS A 1 29 ? -12.311 -27.997 -7.058  1.00 116.99 ? 701 LYS A HZ3  1 
ATOM   462  N N    . ARG A 1 30 ? -6.948  -28.840 -2.536  1.00 50.24  ? 702 ARG A N    1 
ATOM   463  C CA   . ARG A 1 30 ? -6.871  -27.985 -1.356  1.00 56.69  ? 702 ARG A CA   1 
ATOM   464  C C    . ARG A 1 30 ? -5.646  -27.076 -1.420  1.00 32.94  ? 702 ARG A C    1 
ATOM   465  O O    . ARG A 1 30 ? -5.724  -25.878 -1.100  1.00 34.18  ? 702 ARG A O    1 
ATOM   466  C CB   . ARG A 1 30 ? -6.846  -28.845 -0.091  1.00 63.89  ? 702 ARG A CB   1 
ATOM   467  C CG   . ARG A 1 30 ? -6.802  -28.046 1.189   1.00 79.52  ? 702 ARG A CG   1 
ATOM   468  C CD   . ARG A 1 30 ? -7.952  -28.411 2.111   1.00 101.73 ? 702 ARG A CD   1 
ATOM   469  N NE   . ARG A 1 30 ? -8.046  -27.492 3.243   1.00 106.28 ? 702 ARG A NE   1 
ATOM   470  C CZ   . ARG A 1 30 ? -8.947  -27.592 4.215   1.00 110.21 ? 702 ARG A CZ   1 
ATOM   471  N NH1  . ARG A 1 30 ? -9.838  -28.575 4.202   1.00 98.07  ? 702 ARG A NH1  1 
ATOM   472  N NH2  . ARG A 1 30 ? -8.955  -26.708 5.201   1.00 137.99 ? 702 ARG A NH2  1 
ATOM   473  H H    . ARG A 1 30 ? -6.898  -29.684 -2.377  1.00 60.36  ? 702 ARG A H    1 
ATOM   474  H HA   . ARG A 1 30 ? -7.661  -27.423 -1.322  1.00 68.10  ? 702 ARG A HA   1 
ATOM   475  H HB2  . ARG A 1 30 ? -7.645  -29.394 -0.071  1.00 76.75  ? 702 ARG A HB2  1 
ATOM   476  H HB3  . ARG A 1 30 ? -6.059  -29.411 -0.114  1.00 76.75  ? 702 ARG A HB3  1 
ATOM   477  H HG2  . ARG A 1 30 ? -5.970  -28.229 1.653   1.00 95.50  ? 702 ARG A HG2  1 
ATOM   478  H HG3  . ARG A 1 30 ? -6.869  -27.101 0.980   1.00 95.50  ? 702 ARG A HG3  1 
ATOM   479  H HD2  . ARG A 1 30 ? -8.784  -28.370 1.615   1.00 122.15 ? 702 ARG A HD2  1 
ATOM   480  H HD3  . ARG A 1 30 ? -7.811  -29.306 2.458   1.00 122.15 ? 702 ARG A HD3  1 
ATOM   481  H HE   . ARG A 1 30 ? -7.483  -26.844 3.282   1.00 127.61 ? 702 ARG A HE   1 
ATOM   482  H HH11 . ARG A 1 30 ? -9.835  -29.150 3.563   1.00 117.76 ? 702 ARG A HH11 1 
ATOM   483  H HH12 . ARG A 1 30 ? -10.419 -28.637 4.834   1.00 117.76 ? 702 ARG A HH12 1 
ATOM   484  H HH21 . ARG A 1 30 ? -8.378  -26.070 5.212   1.00 165.66 ? 702 ARG A HH21 1 
ATOM   485  H HH22 . ARG A 1 30 ? -9.537  -26.772 5.832   1.00 165.66 ? 702 ARG A HH22 1 
ATOM   486  N N    . CYS A 1 31 ? -4.508  -27.626 -1.848  1.00 42.17  ? 703 CYS A N    1 
ATOM   487  C CA   A CYS A 1 31 ? -3.302  -26.811 -1.970  0.62 38.85  ? 703 CYS A CA   1 
ATOM   488  C CA   B CYS A 1 31 ? -3.304  -26.810 -1.973  0.38 38.30  ? 703 CYS A CA   1 
ATOM   489  C C    . CYS A 1 31 ? -3.480  -25.725 -3.033  1.00 48.16  ? 703 CYS A C    1 
ATOM   490  O O    . CYS A 1 31 ? -3.067  -24.572 -2.830  1.00 56.99  ? 703 CYS A O    1 
ATOM   491  C CB   A CYS A 1 31 ? -2.107  -27.713 -2.287  0.62 67.87  ? 703 CYS A CB   1 
ATOM   492  C CB   B CYS A 1 31 ? -2.109  -27.700 -2.305  0.38 67.46  ? 703 CYS A CB   1 
ATOM   493  S SG   A CYS A 1 31 ? -0.490  -26.886 -2.347  0.62 56.72  ? 703 CYS A SG   1 
ATOM   494  S SG   B CYS A 1 31 ? -1.693  -28.881 -0.994  0.38 58.36  ? 703 CYS A SG   1 
ATOM   495  H H    A CYS A 1 31 ? -4.411  -28.451 -2.070  0.62 50.68  ? 703 CYS A H    1 
ATOM   496  H H    B CYS A 1 31 ? -4.410  -28.451 -2.068  0.38 50.68  ? 703 CYS A H    1 
ATOM   497  H HA   A CYS A 1 31 ? -3.131  -26.374 -1.121  0.62 46.70  ? 703 CYS A HA   1 
ATOM   498  H HA   B CYS A 1 31 ? -3.127  -26.375 -1.124  0.38 46.03  ? 703 CYS A HA   1 
ATOM   499  H HB2  A CYS A 1 31 ? -2.055  -28.403 -1.607  0.62 81.52  ? 703 CYS A HB2  1 
ATOM   500  H HB2  B CYS A 1 31 ? -2.309  -28.206 -3.108  0.38 81.02  ? 703 CYS A HB2  1 
ATOM   501  H HB3  A CYS A 1 31 ? -2.254  -28.124 -3.153  0.62 81.52  ? 703 CYS A HB3  1 
ATOM   502  H HB3  B CYS A 1 31 ? -1.332  -27.138 -2.456  0.38 81.02  ? 703 CYS A HB3  1 
ATOM   503  H HG   A CYS A 1 31 ? 0.355   -27.699 -2.603  0.62 68.14  ? 703 CYS A HG   1 
ATOM   504  H HG   B CYS A 1 31 ? -2.636  -29.597 -0.800  0.38 70.11  ? 703 CYS A HG   1 
ATOM   505  N N    . GLN A 1 32 ? -4.102  -26.076 -4.164  1.00 53.37  ? 704 GLN A N    1 
ATOM   506  C CA   . GLN A 1 32 ? -4.345  -25.084 -5.212  1.00 45.89  ? 704 GLN A CA   1 
ATOM   507  C C    . GLN A 1 32 ? -5.243  -23.965 -4.706  1.00 47.24  ? 704 GLN A C    1 
ATOM   508  O O    . GLN A 1 32 ? -5.050  -22.796 -5.056  1.00 48.14  ? 704 GLN A O    1 
ATOM   509  C CB   . GLN A 1 32 ? -4.979  -25.736 -6.445  1.00 55.21  ? 704 GLN A CB   1 
ATOM   510  C CG   . GLN A 1 32 ? -4.133  -26.802 -7.126  1.00 74.99  ? 704 GLN A CG   1 
ATOM   511  C CD   . GLN A 1 32 ? -2.717  -26.343 -7.397  1.00 68.73  ? 704 GLN A CD   1 
ATOM   512  O OE1  . GLN A 1 32 ? -2.489  -25.203 -7.798  1.00 70.67  ? 704 GLN A OE1  1 
ATOM   513  N NE2  . GLN A 1 32 ? -1.755  -27.229 -7.176  1.00 95.17  ? 704 GLN A NE2  1 
ATOM   514  H H    . GLN A 1 32 ? -4.388  -26.866 -4.345  1.00 64.11  ? 704 GLN A H    1 
ATOM   515  H HA   . GLN A 1 32 ? -3.499  -24.693 -5.479  1.00 55.14  ? 704 GLN A HA   1 
ATOM   516  H HB2  . GLN A 1 32 ? -5.812  -26.153 -6.178  1.00 66.32  ? 704 GLN A HB2  1 
ATOM   517  H HB3  . GLN A 1 32 ? -5.158  -25.044 -7.100  1.00 66.32  ? 704 GLN A HB3  1 
ATOM   518  H HG2  . GLN A 1 32 ? -4.091  -27.584 -6.554  1.00 90.07  ? 704 GLN A HG2  1 
ATOM   519  H HG3  . GLN A 1 32 ? -4.540  -27.034 -7.976  1.00 90.07  ? 704 GLN A HG3  1 
ATOM   520  H HE21 . GLN A 1 32 ? -1.954  -28.017 -6.894  1.00 114.27 ? 704 GLN A HE21 1 
ATOM   521  H HE22 . GLN A 1 32 ? -0.934  -27.016 -7.314  1.00 114.27 ? 704 GLN A HE22 1 
ATOM   522  N N    . HIS A 1 33 ? -6.237  -24.303 -3.887  1.00 38.37  ? 705 HIS A N    1 
ATOM   523  C CA   . HIS A 1 33 ? -7.149  -23.275 -3.394  1.00 50.25  ? 705 HIS A CA   1 
ATOM   524  C C    . HIS A 1 33 ? -6.451  -22.359 -2.397  1.00 65.36  ? 705 HIS A C    1 
ATOM   525  O O    . HIS A 1 33 ? -6.706  -21.147 -2.373  1.00 57.81  ? 705 HIS A O    1 
ATOM   526  C CB   . HIS A 1 33 ? -8.384  -23.922 -2.767  1.00 48.36  ? 705 HIS A CB   1 
ATOM   527  C CG   . HIS A 1 33 ? -9.445  -22.943 -2.371  1.00 70.21  ? 705 HIS A CG   1 
ATOM   528  N ND1  . HIS A 1 33 ? -9.601  -22.497 -1.075  1.00 89.64  ? 705 HIS A ND1  1 
ATOM   529  C CD2  . HIS A 1 33 ? -10.401 -22.320 -3.100  1.00 78.45  ? 705 HIS A CD2  1 
ATOM   530  C CE1  . HIS A 1 33 ? -10.608 -21.644 -1.024  1.00 51.80  ? 705 HIS A CE1  1 
ATOM   531  N NE2  . HIS A 1 33 ? -11.110 -21.518 -2.239  1.00 99.01  ? 705 HIS A NE2  1 
ATOM   532  H H    . HIS A 1 33 ? -6.402  -25.099 -3.607  1.00 46.12  ? 705 HIS A H    1 
ATOM   533  H HA   . HIS A 1 33 ? -7.445  -22.732 -4.141  1.00 60.37  ? 705 HIS A HA   1 
ATOM   534  H HB2  . HIS A 1 33 ? -8.772  -24.538 -3.407  1.00 58.11  ? 705 HIS A HB2  1 
ATOM   535  H HB3  . HIS A 1 33 ? -8.114  -24.404 -1.970  1.00 58.11  ? 705 HIS A HB3  1 
ATOM   536  H HD2  . HIS A 1 33 ? -10.550 -22.417 -4.013  1.00 94.22  ? 705 HIS A HD2  1 
ATOM   537  H HE1  . HIS A 1 33 ? -10.911 -21.206 -0.262  1.00 62.24  ? 705 HIS A HE1  1 
ATOM   538  H HE2  . HIS A 1 33 ? -11.775 -21.017 -2.456  1.00 118.89 ? 705 HIS A HE2  1 
ATOM   539  N N    . LYS A 1 34 ? -5.565  -22.914 -1.566  1.00 62.10  ? 706 LYS A N    1 
ATOM   540  C CA   . LYS A 1 34 ? -4.752  -22.058 -0.702  1.00 53.38  ? 706 LYS A CA   1 
ATOM   541  C C    . LYS A 1 34 ? -3.928  -21.075 -1.530  1.00 51.34  ? 706 LYS A C    1 
ATOM   542  O O    . LYS A 1 34 ? -3.881  -19.871 -1.233  1.00 58.99  ? 706 LYS A O    1 
ATOM   543  C CB   . LYS A 1 34 ? -3.845  -22.909 0.188   1.00 56.41  ? 706 LYS A CB   1 
ATOM   544  C CG   . LYS A 1 34 ? -4.524  -23.414 1.456   1.00 65.40  ? 706 LYS A CG   1 
ATOM   545  C CD   . LYS A 1 34 ? -3.600  -24.301 2.285   1.00 105.82 ? 706 LYS A CD   1 
ATOM   546  C CE   . LYS A 1 34 ? -3.727  -25.769 1.895   1.00 81.48  ? 706 LYS A CE   1 
ATOM   547  N NZ   . LYS A 1 34 ? -2.660  -26.623 2.491   1.00 74.54  ? 706 LYS A NZ   1 
ATOM   548  H H    . LYS A 1 34 ? -5.419  -23.757 -1.484  1.00 74.60  ? 706 LYS A H    1 
ATOM   549  H HA   . LYS A 1 34 ? -5.339  -21.545 -0.126  1.00 64.13  ? 706 LYS A HA   1 
ATOM   550  H HB2  . LYS A 1 34 ? -3.547  -23.682 -0.317  1.00 67.76  ? 706 LYS A HB2  1 
ATOM   551  H HB3  . LYS A 1 34 ? -3.079  -22.375 0.454   1.00 67.76  ? 706 LYS A HB3  1 
ATOM   552  H HG2  . LYS A 1 34 ? -4.785  -22.655 2.002   1.00 78.55  ? 706 LYS A HG2  1 
ATOM   553  H HG3  . LYS A 1 34 ? -5.305  -23.936 1.213   1.00 78.55  ? 706 LYS A HG3  1 
ATOM   554  H HD2  . LYS A 1 34 ? -2.680  -24.027 2.140   1.00 127.06 ? 706 LYS A HD2  1 
ATOM   555  H HD3  . LYS A 1 34 ? -3.832  -24.215 3.223   1.00 127.06 ? 706 LYS A HD3  1 
ATOM   556  H HE2  . LYS A 1 34 ? -4.584  -26.103 2.202   1.00 97.84  ? 706 LYS A HE2  1 
ATOM   557  H HE3  . LYS A 1 34 ? -3.668  -25.845 0.930   1.00 97.84  ? 706 LYS A HE3  1 
ATOM   558  H HZ1  . LYS A 1 34 ? -2.772  -27.469 2.238   1.00 89.52  ? 706 LYS A HZ1  1 
ATOM   559  H HZ2  . LYS A 1 34 ? -1.860  -26.343 2.219   1.00 89.52  ? 706 LYS A HZ2  1 
ATOM   560  H HZ3  . LYS A 1 34 ? -2.695  -26.579 3.379   1.00 89.52  ? 706 LYS A HZ3  1 
ATOM   561  N N    . ILE A 1 35 ? -3.258  -21.572 -2.573  1.00 48.77  ? 707 ILE A N    1 
ATOM   562  C CA   . ILE A 1 35 ? -2.471  -20.673 -3.418  1.00 25.07  ? 707 ILE A CA   1 
ATOM   563  C C    . ILE A 1 35 ? -3.365  -19.605 -4.039  1.00 37.21  ? 707 ILE A C    1 
ATOM   564  O O    . ILE A 1 35 ? -3.009  -18.420 -4.083  1.00 41.41  ? 707 ILE A O    1 
ATOM   565  C CB   . ILE A 1 35 ? -1.705  -21.467 -4.490  1.00 33.75  ? 707 ILE A CB   1 
ATOM   566  C CG1  . ILE A 1 35 ? -0.591  -22.273 -3.830  1.00 51.11  ? 707 ILE A CG1  1 
ATOM   567  C CG2  . ILE A 1 35 ? -1.127  -20.520 -5.551  1.00 33.38  ? 707 ILE A CG2  1 
ATOM   568  C CD1  . ILE A 1 35 ? 0.271   -23.054 -4.800  1.00 74.81  ? 707 ILE A CD1  1 
ATOM   569  H H    . ILE A 1 35 ? -3.243  -22.399 -2.807  1.00 58.59  ? 707 ILE A H    1 
ATOM   570  H HA   . ILE A 1 35 ? -1.816  -20.221 -2.862  1.00 30.16  ? 707 ILE A HA   1 
ATOM   571  H HB   . ILE A 1 35 ? -2.320  -22.081 -4.923  1.00 40.57  ? 707 ILE A HB   1 
ATOM   572  H HG12 . ILE A 1 35 ? -0.013  -21.663 -3.346  1.00 61.40  ? 707 ILE A HG12 1 
ATOM   573  H HG13 . ILE A 1 35 ? -0.990  -22.906 -3.213  1.00 61.40  ? 707 ILE A HG13 1 
ATOM   574  H HG21 . ILE A 1 35 ? -0.650  -21.043 -6.215  1.00 40.13  ? 707 ILE A HG21 1 
ATOM   575  H HG22 . ILE A 1 35 ? -1.855  -20.036 -5.972  1.00 40.13  ? 707 ILE A HG22 1 
ATOM   576  H HG23 . ILE A 1 35 ? -0.520  -19.898 -5.121  1.00 40.13  ? 707 ILE A HG23 1 
ATOM   577  H HD11 . ILE A 1 35 ? 0.950   -23.534 -4.302  1.00 89.85  ? 707 ILE A HD11 1 
ATOM   578  H HD12 . ILE A 1 35 ? -0.289  -23.680 -5.286  1.00 89.85  ? 707 ILE A HD12 1 
ATOM   579  H HD13 . ILE A 1 35 ? 0.689   -22.435 -5.418  1.00 89.85  ? 707 ILE A HD13 1 
ATOM   580  N N    . ALA A 1 36 ? -4.535  -20.000 -4.540  1.00 27.13  ? 708 ALA A N    1 
ATOM   581  C CA   . ALA A 1 36 ? -5.458  -19.022 -5.109  1.00 50.05  ? 708 ALA A CA   1 
ATOM   582  C C    . ALA A 1 36 ? -5.778  -17.917 -4.109  1.00 35.49  ? 708 ALA A C    1 
ATOM   583  O O    . ALA A 1 36 ? -5.682  -16.727 -4.433  1.00 50.08  ? 708 ALA A O    1 
ATOM   584  C CB   . ALA A 1 36 ? -6.749  -19.705 -5.565  1.00 43.13  ? 708 ALA A CB   1 
ATOM   585  H H    . ALA A 1 36 ? -4.813  -20.814 -4.563  1.00 32.63  ? 708 ALA A H    1 
ATOM   586  H HA   . ALA A 1 36 ? -5.045  -18.613 -5.886  1.00 60.14  ? 708 ALA A HA   1 
ATOM   587  H HB1  . ALA A 1 36 ? -7.344  -19.036 -5.939  1.00 51.83  ? 708 ALA A HB1  1 
ATOM   588  H HB2  . ALA A 1 36 ? -6.534  -20.369 -6.238  1.00 51.83  ? 708 ALA A HB2  1 
ATOM   589  H HB3  . ALA A 1 36 ? -7.167  -20.131 -4.800  1.00 51.83  ? 708 ALA A HB3  1 
ATOM   590  N N    . GLU A 1 37 ? -6.191  -18.290 -2.895  1.00 53.30  ? 709 GLU A N    1 
ATOM   591  C CA   . GLU A 1 37 ? -6.659  -17.273 -1.960  1.00 46.54  ? 709 GLU A CA   1 
ATOM   592  C C    . GLU A 1 37 ? -5.519  -16.350 -1.548  1.00 35.59  ? 709 GLU A C    1 
ATOM   593  O O    . GLU A 1 37 ? -5.712  -15.131 -1.419  1.00 26.55  ? 709 GLU A O    1 
ATOM   594  C CB   . GLU A 1 37 ? -7.316  -17.921 -0.737  1.00 61.17  ? 709 GLU A CB   1 
ATOM   595  C CG   . GLU A 1 37 ? -6.359  -18.568 0.252   1.00 92.65  ? 709 GLU A CG   1 
ATOM   596  C CD   . GLU A 1 37 ? -7.079  -19.171 1.448   1.00 100.57 ? 709 GLU A CD   1 
ATOM   597  O OE1  . GLU A 1 37 ? -8.216  -19.661 1.275   1.00 108.15 ? 709 GLU A OE1  1 
ATOM   598  O OE2  . GLU A 1 37 ? -6.509  -19.151 2.564   1.00 77.80  ? 709 GLU A OE2  1 
ATOM   599  H H    . GLU A 1 37 ? -6.210  -19.098 -2.600  1.00 64.04  ? 709 GLU A H    1 
ATOM   600  H HA   . GLU A 1 37 ? -7.331  -16.730 -2.402  1.00 55.92  ? 709 GLU A HA   1 
ATOM   601  H HB2  . GLU A 1 37 ? -7.813  -17.240 -0.258  1.00 73.48  ? 709 GLU A HB2  1 
ATOM   602  H HB3  . GLU A 1 37 ? -7.925  -18.609 -1.046  1.00 73.48  ? 709 GLU A HB3  1 
ATOM   603  H HG2  . GLU A 1 37 ? -5.873  -19.277 -0.195  1.00 111.25 ? 709 GLU A HG2  1 
ATOM   604  H HG3  . GLU A 1 37 ? -5.741  -17.896 0.580   1.00 111.25 ? 709 GLU A HG3  1 
ATOM   605  N N    . MET A 1 38 ? -4.315  -16.902 -1.365  1.00 29.90  ? 710 MET A N    1 
ATOM   606  C CA   . MET A 1 38 ? -3.175  -16.042 -1.055  1.00 21.48  ? 710 MET A CA   1 
ATOM   607  C C    . MET A 1 38 ? -2.851  -15.101 -2.219  1.00 38.69  ? 710 MET A C    1 
ATOM   608  O O    . MET A 1 38 ? -2.539  -13.923 -1.998  1.00 38.26  ? 710 MET A O    1 
ATOM   609  C CB   . MET A 1 38 ? -1.963  -16.890 -0.681  1.00 25.33  ? 710 MET A CB   1 
ATOM   610  C CG   . MET A 1 38 ? -1.970  -17.339 0.774   1.00 45.24  ? 710 MET A CG   1 
ATOM   611  S SD   . MET A 1 38 ? -0.816  -18.691 1.114   1.00 62.47  ? 710 MET A SD   1 
ATOM   612  C CE   . MET A 1 38 ? 0.442   -17.827 2.032   1.00 57.38  ? 710 MET A CE   1 
ATOM   613  H H    . MET A 1 38 ? -4.138  -17.743 -1.414  1.00 35.96  ? 710 MET A H    1 
ATOM   614  H HA   . MET A 1 38 ? -3.401  -15.503 -0.282  1.00 25.84  ? 710 MET A HA   1 
ATOM   615  H HB2  . MET A 1 38 ? -1.951  -17.684 -1.238  1.00 30.47  ? 710 MET A HB2  1 
ATOM   616  H HB3  . MET A 1 38 ? -1.158  -16.370 -0.829  1.00 30.47  ? 710 MET A HB3  1 
ATOM   617  H HG2  . MET A 1 38 ? -1.723  -16.588 1.336   1.00 54.36  ? 710 MET A HG2  1 
ATOM   618  H HG3  . MET A 1 38 ? -2.862  -17.644 1.005   1.00 54.36  ? 710 MET A HG3  1 
ATOM   619  H HE1  . MET A 1 38 ? 1.138   -18.454 2.281   1.00 68.93  ? 710 MET A HE1  1 
ATOM   620  H HE2  . MET A 1 38 ? 0.813   -17.124 1.475   1.00 68.93  ? 710 MET A HE2  1 
ATOM   621  H HE3  . MET A 1 38 ? 0.043   -17.442 2.828   1.00 68.93  ? 710 MET A HE3  1 
ATOM   622  N N    . VAL A 1 39 ? -2.934  -15.589 -3.463  1.00 29.11  ? 711 VAL A N    1 
ATOM   623  C CA   . VAL A 1 39 ? -2.694  -14.721 -4.615  1.00 54.75  ? 711 VAL A CA   1 
ATOM   624  C C    . VAL A 1 39 ? -3.704  -13.586 -4.631  1.00 28.88  ? 711 VAL A C    1 
ATOM   625  O O    . VAL A 1 39 ? -3.372  -12.437 -4.948  1.00 42.34  ? 711 VAL A O    1 
ATOM   626  C CB   . VAL A 1 39 ? -2.748  -15.528 -5.929  1.00 60.73  ? 711 VAL A CB   1 
ATOM   627  C CG1  . VAL A 1 39 ? -2.796  -14.602 -7.125  1.00 41.82  ? 711 VAL A CG1  1 
ATOM   628  C CG2  . VAL A 1 39 ? -1.549  -16.427 -6.066  1.00 52.11  ? 711 VAL A CG2  1 
ATOM   629  H H    . VAL A 1 39 ? -3.124  -16.405 -3.661  1.00 35.00  ? 711 VAL A H    1 
ATOM   630  H HA   . VAL A 1 39 ? -1.809  -14.333 -4.538  1.00 65.78  ? 711 VAL A HA   1 
ATOM   631  H HB   . VAL A 1 39 ? -3.546  -16.079 -5.936  1.00 72.95  ? 711 VAL A HB   1 
ATOM   632  H HG11 . VAL A 1 39 ? -2.829  -15.134 -7.935  1.00 50.26  ? 711 VAL A HG11 1 
ATOM   633  H HG12 . VAL A 1 39 ? -3.589  -14.045 -7.062  1.00 50.26  ? 711 VAL A HG12 1 
ATOM   634  H HG13 . VAL A 1 39 ? -2.000  -14.046 -7.126  1.00 50.26  ? 711 VAL A HG13 1 
ATOM   635  H HG21 . VAL A 1 39 ? -1.617  -16.917 -6.900  1.00 62.60  ? 711 VAL A HG21 1 
ATOM   636  H HG22 . VAL A 1 39 ? -0.745  -15.885 -6.064  1.00 62.60  ? 711 VAL A HG22 1 
ATOM   637  H HG23 . VAL A 1 39 ? -1.532  -17.047 -5.319  1.00 62.60  ? 711 VAL A HG23 1 
ATOM   638  N N    . ALA A 1 40 ? -4.953  -13.893 -4.300  1.00 46.93  ? 712 ALA A N    1 
ATOM   639  C CA   . ALA A 1 40 ? -5.988  -12.867 -4.324  1.00 43.16  ? 712 ALA A CA   1 
ATOM   640  C C    . ALA A 1 40 ? -5.743  -11.820 -3.244  1.00 47.82  ? 712 ALA A C    1 
ATOM   641  O O    . ALA A 1 40 ? -5.911  -10.615 -3.483  1.00 49.97  ? 712 ALA A O    1 
ATOM   642  C CB   . ALA A 1 40 ? -7.361  -13.508 -4.155  1.00 41.68  ? 712 ALA A CB   1 
ATOM   643  H H    . ALA A 1 40 ? -5.225  -14.674 -4.062  1.00 56.39  ? 712 ALA A H    1 
ATOM   644  H HA   . ALA A 1 40 ? -5.969  -12.419 -5.185  1.00 51.87  ? 712 ALA A HA   1 
ATOM   645  H HB1  . ALA A 1 40 ? -8.037  -12.813 -4.173  1.00 50.09  ? 712 ALA A HB1  1 
ATOM   646  H HB2  . ALA A 1 40 ? -7.509  -14.133 -4.882  1.00 50.09  ? 712 ALA A HB2  1 
ATOM   647  H HB3  . ALA A 1 40 ? -7.388  -13.976 -3.306  1.00 50.09  ? 712 ALA A HB3  1 
ATOM   648  N N    . LEU A 1 41 ? -5.345  -12.258 -2.050  1.00 42.64  ? 713 LEU A N    1 
ATOM   649  C CA   . LEU A 1 41 ? -5.024  -11.301 -0.994  1.00 50.53  ? 713 LEU A CA   1 
ATOM   650  C C    . LEU A 1 41 ? -3.884  -10.388 -1.425  1.00 38.70  ? 713 LEU A C    1 
ATOM   651  O O    . LEU A 1 41 ? -3.946  -9.159  -1.252  1.00 36.19  ? 713 LEU A O    1 
ATOM   652  C CB   . LEU A 1 41 ? -4.658  -12.037 0.293   1.00 42.19  ? 713 LEU A CB   1 
ATOM   653  C CG   . LEU A 1 41 ? -4.371  -11.149 1.503   1.00 41.97  ? 713 LEU A CG   1 
ATOM   654  C CD1  . LEU A 1 41 ? -5.612  -10.367 1.907   1.00 38.39  ? 713 LEU A CD1  1 
ATOM   655  C CD2  . LEU A 1 41 ? -3.889  -12.000 2.651   1.00 51.11  ? 713 LEU A CD2  1 
ATOM   656  H H    . LEU A 1 41 ? -5.254  -13.084 -1.830  1.00 51.24  ? 713 LEU A H    1 
ATOM   657  H HA   . LEU A 1 41 ? -5.802  -10.750 -0.816  1.00 60.71  ? 713 LEU A HA   1 
ATOM   658  H HB2  . LEU A 1 41 ? -5.394  -12.623 0.530   1.00 50.70  ? 713 LEU A HB2  1 
ATOM   659  H HB3  . LEU A 1 41 ? -3.863  -12.569 0.127   1.00 50.70  ? 713 LEU A HB3  1 
ATOM   660  H HG   . LEU A 1 41 ? -3.671  -10.515 1.277   1.00 50.44  ? 713 LEU A HG   1 
ATOM   661  H HD11 . LEU A 1 41 ? -5.399  -9.813  2.674   1.00 46.15  ? 713 LEU A HD11 1 
ATOM   662  H HD12 . LEU A 1 41 ? -5.889  -9.809  1.163   1.00 46.15  ? 713 LEU A HD12 1 
ATOM   663  H HD13 . LEU A 1 41 ? -6.318  -10.992 2.134   1.00 46.15  ? 713 LEU A HD13 1 
ATOM   664  H HD21 . LEU A 1 41 ? -3.710  -11.428 3.413   1.00 61.41  ? 713 LEU A HD21 1 
ATOM   665  H HD22 . LEU A 1 41 ? -4.578  -12.644 2.876   1.00 61.41  ? 713 LEU A HD22 1 
ATOM   666  H HD23 . LEU A 1 41 ? -3.078  -12.460 2.384   1.00 61.41  ? 713 LEU A HD23 1 
ATOM   667  N N    . MET A 1 42 ? -2.820  -10.978 -1.977  1.00 50.79  ? 714 MET A N    1 
ATOM   668  C CA   . MET A 1 42 ? -1.710  -10.169 -2.464  1.00 39.80  ? 714 MET A CA   1 
ATOM   669  C C    . MET A 1 42 ? -2.182  -9.169  -3.513  1.00 30.86  ? 714 MET A C    1 
ATOM   670  O O    . MET A 1 42 ? -1.781  -8.003  -3.483  1.00 29.80  ? 714 MET A O    1 
ATOM   671  C CB   . MET A 1 42 ? -0.603  -11.061 -3.028  1.00 34.23  ? 714 MET A CB   1 
ATOM   672  C CG   . MET A 1 42 ? 0.271   -11.702 -1.959  1.00 28.02  ? 714 MET A CG   1 
ATOM   673  S SD   . MET A 1 42 ? 1.653   -12.656 -2.639  1.00 54.34  ? 714 MET A SD   1 
ATOM   674  C CE   . MET A 1 42 ? 2.460   -13.172 -1.124  1.00 51.96  ? 714 MET A CE   1 
ATOM   675  H H    . MET A 1 42 ? -2.722  -11.827 -2.079  1.00 61.03  ? 714 MET A H    1 
ATOM   676  H HA   . MET A 1 42 ? -1.336  -9.678  -1.716  1.00 47.83  ? 714 MET A HA   1 
ATOM   677  H HB2  . MET A 1 42 ? -1.008  -11.774 -3.547  1.00 41.15  ? 714 MET A HB2  1 
ATOM   678  H HB3  . MET A 1 42 ? -0.029  -10.525 -3.598  1.00 41.15  ? 714 MET A HB3  1 
ATOM   679  H HG2  . MET A 1 42 ? 0.640   -11.004 -1.395  1.00 33.70  ? 714 MET A HG2  1 
ATOM   680  H HG3  . MET A 1 42 ? -0.274  -12.303 -1.428  1.00 33.70  ? 714 MET A HG3  1 
ATOM   681  H HE1  . MET A 1 42 ? 3.238   -13.706 -1.348  1.00 62.42  ? 714 MET A HE1  1 
ATOM   682  H HE2  . MET A 1 42 ? 2.730   -12.384 -0.627  1.00 62.42  ? 714 MET A HE2  1 
ATOM   683  H HE3  . MET A 1 42 ? 1.837   -13.698 -0.599  1.00 62.42  ? 714 MET A HE3  1 
ATOM   684  N N    . GLU A 1 43 ? -3.027  -9.604  -4.451  1.00 37.93  ? 715 GLU A N    1 
ATOM   685  C CA   . GLU A 1 43 ? -3.543  -8.689  -5.469  1.00 35.29  ? 715 GLU A CA   1 
ATOM   686  C C    . GLU A 1 43 ? -4.277  -7.516  -4.833  1.00 28.92  ? 715 GLU A C    1 
ATOM   687  O O    . GLU A 1 43 ? -4.096  -6.363  -5.237  1.00 43.61  ? 715 GLU A O    1 
ATOM   688  C CB   . GLU A 1 43 ? -4.473  -9.437  -6.423  1.00 43.44  ? 715 GLU A CB   1 
ATOM   689  C CG   . GLU A 1 43 ? -3.767  -10.031 -7.624  1.00 76.68  ? 715 GLU A CG   1 
ATOM   690  C CD   . GLU A 1 43 ? -3.671  -9.062  -8.788  1.00 81.25  ? 715 GLU A CD   1 
ATOM   691  O OE1  . GLU A 1 43 ? -4.629  -8.290  -9.001  1.00 87.48  ? 715 GLU A OE1  1 
ATOM   692  O OE2  . GLU A 1 43 ? -2.640  -9.075  -9.494  1.00 78.72  ? 715 GLU A OE2  1 
ATOM   693  H H    . GLU A 1 43 ? -3.311  -10.413 -4.519  1.00 45.58  ? 715 GLU A H    1 
ATOM   694  H HA   . GLU A 1 43 ? -2.801  -8.337  -5.985  1.00 42.42  ? 715 GLU A HA   1 
ATOM   695  H HB2  . GLU A 1 43 ? -4.898  -10.163 -5.940  1.00 52.20  ? 715 GLU A HB2  1 
ATOM   696  H HB3  . GLU A 1 43 ? -5.148  -8.821  -6.749  1.00 52.20  ? 715 GLU A HB3  1 
ATOM   697  H HG2  . GLU A 1 43 ? -2.866  -10.283 -7.368  1.00 92.09  ? 715 GLU A HG2  1 
ATOM   698  H HG3  . GLU A 1 43 ? -4.257  -10.813 -7.924  1.00 92.09  ? 715 GLU A HG3  1 
ATOM   699  N N    . LYS A 1 44 ? -5.137  -7.800  -3.854  1.00 19.36  ? 716 LYS A N    1 
ATOM   700  C CA   . LYS A 1 44 ? -5.885  -6.734  -3.192  1.00 31.22  ? 716 LYS A CA   1 
ATOM   701  C C    . LYS A 1 44 ? -4.936  -5.724  -2.555  1.00 37.22  ? 716 LYS A C    1 
ATOM   702  O O    . LYS A 1 44 ? -5.072  -4.507  -2.754  1.00 61.28  ? 716 LYS A O    1 
ATOM   703  C CB   . LYS A 1 44 ? -6.833  -7.333  -2.145  1.00 34.34  ? 716 LYS A CB   1 
ATOM   704  C CG   . LYS A 1 44 ? -7.783  -6.320  -1.530  1.00 37.63  ? 716 LYS A CG   1 
ATOM   705  C CD   . LYS A 1 44 ? -8.497  -6.879  -0.311  1.00 75.96  ? 716 LYS A CD   1 
ATOM   706  C CE   . LYS A 1 44 ? -9.331  -5.803  0.387   1.00 83.87  ? 716 LYS A CE   1 
ATOM   707  N NZ   . LYS A 1 44 ? -9.783  -6.212  1.755   1.00 73.44  ? 716 LYS A NZ   1 
ATOM   708  H H    . LYS A 1 44 ? -5.303  -8.590  -3.558  1.00 23.30  ? 716 LYS A H    1 
ATOM   709  H HA   . LYS A 1 44 ? -6.422  -6.268  -3.852  1.00 37.53  ? 716 LYS A HA   1 
ATOM   710  H HB2  . LYS A 1 44 ? -7.368  -8.024  -2.566  1.00 41.28  ? 716 LYS A HB2  1 
ATOM   711  H HB3  . LYS A 1 44 ? -6.304  -7.717  -1.429  1.00 41.28  ? 716 LYS A HB3  1 
ATOM   712  H HG2  . LYS A 1 44 ? -7.281  -5.538  -1.254  1.00 45.23  ? 716 LYS A HG2  1 
ATOM   713  H HG3  . LYS A 1 44 ? -8.454  -6.073  -2.186  1.00 45.23  ? 716 LYS A HG3  1 
ATOM   714  H HD2  . LYS A 1 44 ? -9.091  -7.594  -0.587  1.00 91.23  ? 716 LYS A HD2  1 
ATOM   715  H HD3  . LYS A 1 44 ? -7.840  -7.212  0.320   1.00 91.23  ? 716 LYS A HD3  1 
ATOM   716  H HE2  . LYS A 1 44 ? -8.797  -4.998  0.476   1.00 100.72 ? 716 LYS A HE2  1 
ATOM   717  H HE3  . LYS A 1 44 ? -10.120 -5.621  -0.147  1.00 100.72 ? 716 LYS A HE3  1 
ATOM   718  H HZ1  . LYS A 1 44 ? -10.263 -5.560  2.124   1.00 88.20  ? 716 LYS A HZ1  1 
ATOM   719  H HZ2  . LYS A 1 44 ? -10.283 -6.946  1.703   1.00 88.20  ? 716 LYS A HZ2  1 
ATOM   720  H HZ3  . LYS A 1 44 ? -9.077  -6.380  2.271   1.00 88.20  ? 716 LYS A HZ3  1 
ATOM   721  N N    . HIS A 1 45 ? -3.961  -6.215  -1.787  1.00 26.61  ? 717 HIS A N    1 
ATOM   722  C CA   . HIS A 1 45 ? -2.980  -5.314  -1.181  1.00 44.98  ? 717 HIS A CA   1 
ATOM   723  C C    . HIS A 1 45 ? -2.226  -4.512  -2.239  1.00 29.56  ? 717 HIS A C    1 
ATOM   724  O O    . HIS A 1 45 ? -2.012  -3.300  -2.089  1.00 40.02  ? 717 HIS A O    1 
ATOM   725  C CB   . HIS A 1 45 ? -2.007  -6.121  -0.326  1.00 37.54  ? 717 HIS A CB   1 
ATOM   726  C CG   . HIS A 1 45 ? -2.647  -6.722  0.883   1.00 35.18  ? 717 HIS A CG   1 
ATOM   727  N ND1  . HIS A 1 45 ? -1.956  -7.493  1.795   1.00 28.11  ? 717 HIS A ND1  1 
ATOM   728  C CD2  . HIS A 1 45 ? -3.922  -6.652  1.335   1.00 23.73  ? 717 HIS A CD2  1 
ATOM   729  C CE1  . HIS A 1 45 ? -2.780  -7.872  2.756   1.00 30.70  ? 717 HIS A CE1  1 
ATOM   730  N NE2  . HIS A 1 45 ? -3.978  -7.376  2.499   1.00 42.09  ? 717 HIS A NE2  1 
ATOM   731  H H    . HIS A 1 45 ? -3.847  -7.048  -1.605  1.00 32.00  ? 717 HIS A H    1 
ATOM   732  H HA   . HIS A 1 45 ? -3.441  -4.688  -0.601  1.00 54.06  ? 717 HIS A HA   1 
ATOM   733  H HB2  . HIS A 1 45 ? -1.642  -6.843  -0.861  1.00 45.12  ? 717 HIS A HB2  1 
ATOM   734  H HB3  . HIS A 1 45 ? -1.293  -5.537  -0.026  1.00 45.12  ? 717 HIS A HB3  1 
ATOM   735  H HD2  . HIS A 1 45 ? -4.626  -6.198  0.932   1.00 28.55  ? 717 HIS A HD2  1 
ATOM   736  H HE1  . HIS A 1 45 ? -2.556  -8.401  3.487   1.00 36.92  ? 717 HIS A HE1  1 
ATOM   737  H HE2  . HIS A 1 45 ? -4.680  -7.490  2.983   1.00 50.58  ? 717 HIS A HE2  1 
ATOM   738  N N    . LYS A 1 46 ? -1.805  -5.170  -3.315  1.00 31.67  ? 718 LYS A N    1 
ATOM   739  C CA   . LYS A 1 46 ? -1.055  -4.477  -4.352  1.00 28.00  ? 718 LYS A CA   1 
ATOM   740  C C    . LYS A 1 46 ? -1.883  -3.353  -4.952  1.00 29.16  ? 718 LYS A C    1 
ATOM   741  O O    . LYS A 1 46 ? -1.379  -2.240  -5.157  1.00 42.42  ? 718 LYS A O    1 
ATOM   742  C CB   . LYS A 1 46 ? -0.607  -5.494  -5.407  1.00 35.17  ? 718 LYS A CB   1 
ATOM   743  C CG   . LYS A 1 46 ? -0.370  -4.971  -6.816  1.00 57.07  ? 718 LYS A CG   1 
ATOM   744  C CD   . LYS A 1 46 ? -1.568  -5.260  -7.714  1.00 101.79 ? 718 LYS A CD   1 
ATOM   745  C CE   . LYS A 1 46 ? -1.266  -4.919  -9.165  1.00 127.31 ? 718 LYS A CE   1 
ATOM   746  N NZ   . LYS A 1 46 ? -0.161  -5.756  -9.703  1.00 116.07 ? 718 LYS A NZ   1 
ATOM   747  H H    . LYS A 1 46 ? -1.940  -6.006  -3.466  1.00 38.08  ? 718 LYS A H    1 
ATOM   748  H HA   . LYS A 1 46 ? -0.260  -4.086  -3.958  1.00 33.67  ? 718 LYS A HA   1 
ATOM   749  H HB2  . LYS A 1 46 ? 0.225   -5.893  -5.107  1.00 42.28  ? 718 LYS A HB2  1 
ATOM   750  H HB3  . LYS A 1 46 ? -1.287  -6.183  -5.469  1.00 42.28  ? 718 LYS A HB3  1 
ATOM   751  H HG2  . LYS A 1 46 ? -0.237  -4.011  -6.785  1.00 68.56  ? 718 LYS A HG2  1 
ATOM   752  H HG3  . LYS A 1 46 ? 0.408   -5.407  -7.195  1.00 68.56  ? 718 LYS A HG3  1 
ATOM   753  H HD2  . LYS A 1 46 ? -1.787  -6.204  -7.663  1.00 122.22 ? 718 LYS A HD2  1 
ATOM   754  H HD3  . LYS A 1 46 ? -2.322  -4.723  -7.426  1.00 122.22 ? 718 LYS A HD3  1 
ATOM   755  H HE2  . LYS A 1 46 ? -2.056  -5.077  -9.703  1.00 152.85 ? 718 LYS A HE2  1 
ATOM   756  H HE3  . LYS A 1 46 ? -0.999  -3.988  -9.226  1.00 152.85 ? 718 LYS A HE3  1 
ATOM   757  H HZ1  . LYS A 1 46 ? -0.384  -6.616  -9.661  1.00 139.36 ? 718 LYS A HZ1  1 
ATOM   758  H HZ2  . LYS A 1 46 ? -0.002  -5.539  -10.552 1.00 139.36 ? 718 LYS A HZ2  1 
ATOM   759  H HZ3  . LYS A 1 46 ? 0.579   -5.625  -9.227  1.00 139.36 ? 718 LYS A HZ3  1 
ATOM   760  N N    . HIS A 1 47 ? -3.166  -3.608  -5.206  1.00 42.90  ? 719 HIS A N    1 
ATOM   761  C CA   . HIS A 1 47 ? -4.009  -2.565  -5.776  1.00 31.65  ? 719 HIS A CA   1 
ATOM   762  C C    . HIS A 1 47 ? -4.190  -1.413  -4.797  1.00 36.60  ? 719 HIS A C    1 
ATOM   763  O O    . HIS A 1 47 ? -4.209  -0.244  -5.204  1.00 52.92  ? 719 HIS A O    1 
ATOM   764  C CB   . HIS A 1 47 ? -5.363  -3.148  -6.179  1.00 64.07  ? 719 HIS A CB   1 
ATOM   765  C CG   . HIS A 1 47 ? -6.213  -2.208  -6.978  1.00 87.04  ? 719 HIS A CG   1 
ATOM   766  N ND1  . HIS A 1 47 ? -7.334  -1.596  -6.461  1.00 104.63 ? 719 HIS A ND1  1 
ATOM   767  C CD2  . HIS A 1 47 ? -6.102  -1.775  -8.255  1.00 95.25  ? 719 HIS A CD2  1 
ATOM   768  C CE1  . HIS A 1 47 ? -7.878  -0.825  -7.387  1.00 107.60 ? 719 HIS A CE1  1 
ATOM   769  N NE2  . HIS A 1 47 ? -7.149  -0.916  -8.484  1.00 127.85 ? 719 HIS A NE2  1 
ATOM   770  H H    . HIS A 1 47 ? -3.562  -4.358  -5.062  1.00 51.55  ? 719 HIS A H    1 
ATOM   771  H HA   . HIS A 1 47 ? -3.583  -2.216  -6.574  1.00 38.05  ? 719 HIS A HA   1 
ATOM   772  H HB2  . HIS A 1 47 ? -5.214  -3.942  -6.717  1.00 76.96  ? 719 HIS A HB2  1 
ATOM   773  H HB3  . HIS A 1 47 ? -5.854  -3.383  -5.377  1.00 76.96  ? 719 HIS A HB3  1 
ATOM   774  H HD2  . HIS A 1 47 ? -5.440  -2.014  -8.864  1.00 114.37 ? 719 HIS A HD2  1 
ATOM   775  H HE1  . HIS A 1 47 ? -8.644  -0.308  -7.283  1.00 129.19 ? 719 HIS A HE1  1 
ATOM   776  H HE2  . HIS A 1 47 ? -7.306  -0.505  -9.224  1.00 153.50 ? 719 HIS A HE2  1 
ATOM   777  N N    . GLN A 1 48 ? -4.332  -1.717  -3.503  1.00 32.03  ? 720 GLN A N    1 
ATOM   778  C CA   . GLN A 1 48 ? -4.453  -0.642  -2.518  1.00 30.42  ? 720 GLN A CA   1 
ATOM   779  C C    . GLN A 1 48 ? -3.207  0.243   -2.505  1.00 30.14  ? 720 GLN A C    1 
ATOM   780  O O    . GLN A 1 48 ? -3.309  1.481   -2.476  1.00 29.79  ? 720 GLN A O    1 
ATOM   781  C CB   . GLN A 1 48 ? -4.723  -1.224  -1.133  1.00 36.34  ? 720 GLN A CB   1 
ATOM   782  C CG   . GLN A 1 48 ? -6.207  -1.403  -0.851  1.00 53.88  ? 720 GLN A CG   1 
ATOM   783  C CD   . GLN A 1 48 ? -6.488  -2.368  0.285   1.00 69.98  ? 720 GLN A CD   1 
ATOM   784  O OE1  . GLN A 1 48 ? -5.574  -2.970  0.846   1.00 56.72  ? 720 GLN A OE1  1 
ATOM   785  N NE2  . GLN A 1 48 ? -7.762  -2.529  0.621   1.00 91.77  ? 720 GLN A NE2  1 
ATOM   786  H H    . GLN A 1 48 ? -4.361  -2.512  -3.178  1.00 38.51  ? 720 GLN A H    1 
ATOM   787  H HA   . GLN A 1 48 ? -5.210  -0.083  -2.757  1.00 36.58  ? 720 GLN A HA   1 
ATOM   788  H HB2  . GLN A 1 48 ? -4.298  -2.093  -1.066  1.00 43.68  ? 720 GLN A HB2  1 
ATOM   789  H HB3  . GLN A 1 48 ? -4.360  -0.624  -0.462  1.00 43.68  ? 720 GLN A HB3  1 
ATOM   790  H HG2  . GLN A 1 48 ? -6.587  -0.543  -0.613  1.00 64.73  ? 720 GLN A HG2  1 
ATOM   791  H HG3  . GLN A 1 48 ? -6.639  -1.746  -1.649  1.00 64.73  ? 720 GLN A HG3  1 
ATOM   792  H HE21 . GLN A 1 48 ? -8.375  -2.092  0.204   1.00 110.20 ? 720 GLN A HE21 1 
ATOM   793  H HE22 . GLN A 1 48 ? -7.975  -3.066  1.259   1.00 110.20 ? 720 GLN A HE22 1 
ATOM   794  N N    . TYR A 1 49 ? -2.018  -0.373  -2.524  1.00 44.75  ? 721 TYR A N    1 
ATOM   795  C CA   . TYR A 1 49 ? -0.790  0.415   -2.592  1.00 18.72  ? 721 TYR A CA   1 
ATOM   796  C C    . TYR A 1 49 ? -0.740  1.258   -3.863  1.00 28.89  ? 721 TYR A C    1 
ATOM   797  O O    . TYR A 1 49 ? -0.315  2.420   -3.828  1.00 38.34  ? 721 TYR A O    1 
ATOM   798  C CB   . TYR A 1 49 ? 0.441   -0.490  -2.515  1.00 56.06  ? 721 TYR A CB   1 
ATOM   799  C CG   . TYR A 1 49 ? 0.535   -1.291  -1.240  1.00 32.59  ? 721 TYR A CG   1 
ATOM   800  C CD1  . TYR A 1 49 ? -0.112  -0.876  -0.083  1.00 33.26  ? 721 TYR A CD1  1 
ATOM   801  C CD2  . TYR A 1 49 ? 1.266   -2.468  -1.196  1.00 34.95  ? 721 TYR A CD2  1 
ATOM   802  C CE1  . TYR A 1 49 ? -0.032  -1.609  1.083   1.00 34.86  ? 721 TYR A CE1  1 
ATOM   803  C CE2  . TYR A 1 49 ? 1.347   -3.214  -0.038  1.00 45.51  ? 721 TYR A CE2  1 
ATOM   804  C CZ   . TYR A 1 49 ? 0.694   -2.783  1.102   1.00 48.06  ? 721 TYR A CZ   1 
ATOM   805  O OH   . TYR A 1 49 ? 0.766   -3.527  2.262   1.00 46.36  ? 721 TYR A OH   1 
ATOM   806  H H    . TYR A 1 49 ? -1.901  -1.224  -2.500  1.00 53.78  ? 721 TYR A H    1 
ATOM   807  H HA   . TYR A 1 49 ? -0.763  1.019   -1.834  1.00 22.54  ? 721 TYR A HA   1 
ATOM   808  H HB2  . TYR A 1 49 ? 0.416   -1.115  -3.257  1.00 67.34  ? 721 TYR A HB2  1 
ATOM   809  H HB3  . TYR A 1 49 ? 1.237   0.061   -2.578  1.00 67.34  ? 721 TYR A HB3  1 
ATOM   810  H HD1  . TYR A 1 49 ? -0.607  -0.088  -0.094  1.00 39.98  ? 721 TYR A HD1  1 
ATOM   811  H HD2  . TYR A 1 49 ? 1.702   -2.764  -1.963  1.00 42.02  ? 721 TYR A HD2  1 
ATOM   812  H HE1  . TYR A 1 49 ? -0.475  -1.321  1.848   1.00 41.91  ? 721 TYR A HE1  1 
ATOM   813  H HE2  . TYR A 1 49 ? 1.838   -4.004  -0.025  1.00 54.68  ? 721 TYR A HE2  1 
ATOM   814  H HH   . TYR A 1 49 ? 1.237   -4.211  2.136   1.00 55.71  ? 721 TYR A HH   1 
ATOM   815  N N    . ASP A 1 50 ? -1.139  0.681   -5.001  1.00 30.53  ? 722 ASP A N    1 
ATOM   816  C CA   . ASP A 1 50 ? -1.235  1.464   -6.231  1.00 30.05  ? 722 ASP A CA   1 
ATOM   817  C C    . ASP A 1 50 ? -2.129  2.682   -6.040  1.00 36.79  ? 722 ASP A C    1 
ATOM   818  O O    . ASP A 1 50 ? -1.798  3.786   -6.490  1.00 42.68  ? 722 ASP A O    1 
ATOM   819  C CB   . ASP A 1 50 ? -1.769  0.598   -7.375  1.00 40.17  ? 722 ASP A CB   1 
ATOM   820  C CG   . ASP A 1 50 ? -0.667  0.016   -8.235  1.00 86.24  ? 722 ASP A CG   1 
ATOM   821  O OD1  . ASP A 1 50 ? 0.303   0.745   -8.531  1.00 105.11 ? 722 ASP A OD1  1 
ATOM   822  O OD2  . ASP A 1 50 ? -0.775  -1.171  -8.618  1.00 98.19  ? 722 ASP A OD2  1 
ATOM   823  H H    . ASP A 1 50 ? -1.356  -0.147  -5.084  1.00 36.71  ? 722 ASP A H    1 
ATOM   824  H HA   . ASP A 1 50 ? -0.350  1.776   -6.478  1.00 36.14  ? 722 ASP A HA   1 
ATOM   825  H HB2  . ASP A 1 50 ? -2.279  -0.138  -7.002  1.00 48.28  ? 722 ASP A HB2  1 
ATOM   826  H HB3  . ASP A 1 50 ? -2.337  1.141   -7.942  1.00 48.28  ? 722 ASP A HB3  1 
ATOM   827  N N    . LYS A 1 51 ? -3.273  2.496   -5.378  1.00 26.76  ? 723 LYS A N    1 
ATOM   828  C CA   . LYS A 1 51 ? -4.197  3.607   -5.161  1.00 38.07  ? 723 LYS A CA   1 
ATOM   829  C C    . LYS A 1 51 ? -3.522  4.717   -4.363  1.00 38.27  ? 723 LYS A C    1 
ATOM   830  O O    . LYS A 1 51 ? -3.579  5.899   -4.733  1.00 67.30  ? 723 LYS A O    1 
ATOM   831  C CB   . LYS A 1 51 ? -5.456  3.101   -4.446  1.00 32.86  ? 723 LYS A CB   1 
ATOM   832  C CG   . LYS A 1 51 ? -6.681  4.005   -4.546  1.00 60.94  ? 723 LYS A CG   1 
ATOM   833  C CD   . LYS A 1 51 ? -6.579  5.231   -3.639  1.00 102.22 ? 723 LYS A CD   1 
ATOM   834  C CE   . LYS A 1 51 ? -7.884  6.021   -3.619  1.00 114.12 ? 723 LYS A CE   1 
ATOM   835  N NZ   . LYS A 1 51 ? -7.763  7.303   -2.868  1.00 80.29  ? 723 LYS A NZ   1 
ATOM   836  H H    . LYS A 1 51 ? -3.533  1.745   -5.050  1.00 32.19  ? 723 LYS A H    1 
ATOM   837  H HA   . LYS A 1 51 ? -4.463  3.972   -6.019  1.00 45.75  ? 723 LYS A HA   1 
ATOM   838  H HB2  . LYS A 1 51 ? -5.699  2.242   -4.825  1.00 39.51  ? 723 LYS A HB2  1 
ATOM   839  H HB3  . LYS A 1 51 ? -5.252  2.994   -3.504  1.00 39.51  ? 723 LYS A HB3  1 
ATOM   840  H HG2  . LYS A 1 51 ? -6.773  4.315   -5.460  1.00 73.21  ? 723 LYS A HG2  1 
ATOM   841  H HG3  . LYS A 1 51 ? -7.468  3.502   -4.284  1.00 73.21  ? 723 LYS A HG3  1 
ATOM   842  H HD2  . LYS A 1 51 ? -6.384  4.944   -2.733  1.00 122.74 ? 723 LYS A HD2  1 
ATOM   843  H HD3  . LYS A 1 51 ? -5.876  5.814   -3.965  1.00 122.74 ? 723 LYS A HD3  1 
ATOM   844  H HE2  . LYS A 1 51 ? -8.141  6.230   -4.530  1.00 137.01 ? 723 LYS A HE2  1 
ATOM   845  H HE3  . LYS A 1 51 ? -8.572  5.486   -3.193  1.00 137.01 ? 723 LYS A HE3  1 
ATOM   846  H HZ1  . LYS A 1 51 ? -7.142  7.817   -3.242  1.00 96.42  ? 723 LYS A HZ1  1 
ATOM   847  H HZ2  . LYS A 1 51 ? -8.540  7.736   -2.878  1.00 96.42  ? 723 LYS A HZ2  1 
ATOM   848  H HZ3  . LYS A 1 51 ? -7.533  7.140   -2.024  1.00 96.42  ? 723 LYS A HZ3  1 
ATOM   849  N N    . ILE A 1 52 ? -2.857  4.344   -3.267  1.00 49.37  ? 724 ILE A N    1 
ATOM   850  C CA   . ILE A 1 52 ? -2.198  5.339   -2.418  1.00 51.32  ? 724 ILE A CA   1 
ATOM   851  C C    . ILE A 1 52 ? -1.114  6.084   -3.194  1.00 50.05  ? 724 ILE A C    1 
ATOM   852  O O    . ILE A 1 52 ? -1.011  7.322   -3.140  1.00 57.68  ? 724 ILE A O    1 
ATOM   853  C CB   . ILE A 1 52 ? -1.627  4.661   -1.160  1.00 45.75  ? 724 ILE A CB   1 
ATOM   854  C CG1  . ILE A 1 52 ? -2.775  4.347   -0.198  1.00 42.98  ? 724 ILE A CG1  1 
ATOM   855  C CG2  . ILE A 1 52 ? -0.580  5.547   -0.501  1.00 38.57  ? 724 ILE A CG2  1 
ATOM   856  C CD1  . ILE A 1 52 ? -2.347  3.738   1.115   1.00 61.62  ? 724 ILE A CD1  1 
ATOM   857  H H    . ILE A 1 52 ? -2.774  3.532   -2.997  1.00 59.31  ? 724 ILE A H    1 
ATOM   858  H HA   . ILE A 1 52 ? -2.857  5.991   -2.130  1.00 61.66  ? 724 ILE A HA   1 
ATOM   859  H HB   . ILE A 1 52 ? -1.206  3.828   -1.421  1.00 54.97  ? 724 ILE A HB   1 
ATOM   860  H HG12 . ILE A 1 52 ? -3.247  5.170   0.000   1.00 51.65  ? 724 ILE A HG12 1 
ATOM   861  H HG13 . ILE A 1 52 ? -3.378  3.721   -0.630  1.00 51.65  ? 724 ILE A HG13 1 
ATOM   862  H HG21 . ILE A 1 52 ? -0.238  5.097   0.288   1.00 46.36  ? 724 ILE A HG21 1 
ATOM   863  H HG22 . ILE A 1 52 ? 0.140   5.705   -1.131  1.00 46.36  ? 724 ILE A HG22 1 
ATOM   864  H HG23 . ILE A 1 52 ? -0.991  6.388   -0.249  1.00 46.36  ? 724 ILE A HG23 1 
ATOM   865  H HD11 . ILE A 1 52 ? -3.134  3.574   1.658   1.00 74.02  ? 724 ILE A HD11 1 
ATOM   866  H HD12 . ILE A 1 52 ? -1.885  2.903   0.941   1.00 74.02  ? 724 ILE A HD12 1 
ATOM   867  H HD13 . ILE A 1 52 ? -1.754  4.355   1.571   1.00 74.02  ? 724 ILE A HD13 1 
ATOM   868  N N    . ILE A 1 53 ? -0.268  5.341   -3.904  1.00 43.24  ? 725 ILE A N    1 
ATOM   869  C CA   . ILE A 1 53 ? 0.857   5.969   -4.587  1.00 57.05  ? 725 ILE A CA   1 
ATOM   870  C C    . ILE A 1 53 ? 0.367   6.871   -5.712  1.00 59.51  ? 725 ILE A C    1 
ATOM   871  O O    . ILE A 1 53 ? 0.995   7.894   -6.008  1.00 100.89 ? 725 ILE A O    1 
ATOM   872  C CB   . ILE A 1 53 ? 1.834   4.896   -5.098  1.00 52.30  ? 725 ILE A CB   1 
ATOM   873  C CG1  . ILE A 1 53 ? 2.346   4.048   -3.934  1.00 58.00  ? 725 ILE A CG1  1 
ATOM   874  C CG2  . ILE A 1 53 ? 3.018   5.537   -5.803  1.00 72.72  ? 725 ILE A CG2  1 
ATOM   875  C CD1  . ILE A 1 53 ? 2.711   2.643   -4.329  1.00 59.44  ? 725 ILE A CD1  1 
ATOM   876  H H    . ILE A 1 53 ? -0.321  4.488   -4.005  1.00 51.97  ? 725 ILE A H    1 
ATOM   877  H HA   . ILE A 1 53 ? 1.336   6.525   -3.951  1.00 68.54  ? 725 ILE A HA   1 
ATOM   878  H HB   . ILE A 1 53 ? 1.369   4.321   -5.726  1.00 62.83  ? 725 ILE A HB   1 
ATOM   879  H HG12 . ILE A 1 53 ? 3.138   4.468   -3.565  1.00 69.68  ? 725 ILE A HG12 1 
ATOM   880  H HG13 . ILE A 1 53 ? 1.654   3.996   -3.255  1.00 69.68  ? 725 ILE A HG13 1 
ATOM   881  H HG21 . ILE A 1 53 ? 3.616   4.840   -6.114  1.00 87.33  ? 725 ILE A HG21 1 
ATOM   882  H HG22 . ILE A 1 53 ? 2.694   6.057   -6.556  1.00 87.33  ? 725 ILE A HG22 1 
ATOM   883  H HG23 . ILE A 1 53 ? 3.482   6.116   -5.178  1.00 87.33  ? 725 ILE A HG23 1 
ATOM   884  H HD11 . ILE A 1 53 ? 3.026   2.167   -3.546  1.00 71.40  ? 725 ILE A HD11 1 
ATOM   885  H HD12 . ILE A 1 53 ? 1.926   2.204   -4.691  1.00 71.40  ? 725 ILE A HD12 1 
ATOM   886  H HD13 . ILE A 1 53 ? 3.412   2.677   -5.000  1.00 71.40  ? 725 ILE A HD13 1 
ATOM   887  N N    . GLU A 1 54 ? -0.755  6.526   -6.355  1.00 60.40  ? 726 GLU A N    1 
ATOM   888  C CA   . GLU A 1 54 ? -1.301  7.410   -7.381  1.00 46.75  ? 726 GLU A CA   1 
ATOM   889  C C    . GLU A 1 54 ? -1.927  8.655   -6.770  1.00 43.27  ? 726 GLU A C    1 
ATOM   890  O O    . GLU A 1 54 ? -1.914  9.721   -7.394  1.00 85.73  ? 726 GLU A O    1 
ATOM   891  C CB   . GLU A 1 54 ? -2.330  6.669   -8.234  1.00 71.91  ? 726 GLU A CB   1 
ATOM   892  C CG   . GLU A 1 54 ? -1.725  5.613   -9.155  1.00 126.07 ? 726 GLU A CG   1 
ATOM   893  C CD   . GLU A 1 54 ? -2.775  4.843   -9.942  1.00 146.27 ? 726 GLU A CD   1 
ATOM   894  O OE1  . GLU A 1 54 ? -3.864  5.404   -10.194 1.00 130.81 ? 726 GLU A OE1  1 
ATOM   895  O OE2  . GLU A 1 54 ? -2.511  3.673   -10.304 1.00 117.26 ? 726 GLU A OE2  1 
ATOM   896  H H    . GLU A 1 54 ? -1.205  5.806   -6.220  1.00 72.55  ? 726 GLU A H    1 
ATOM   897  H HA   . GLU A 1 54 ? -0.580  7.695   -7.965  1.00 56.17  ? 726 GLU A HA   1 
ATOM   898  H HB2  . GLU A 1 54 ? -2.960  6.224   -7.647  1.00 86.37  ? 726 GLU A HB2  1 
ATOM   899  H HB3  . GLU A 1 54 ? -2.797  7.313   -8.789  1.00 86.37  ? 726 GLU A HB3  1 
ATOM   900  H HG2  . GLU A 1 54 ? -1.134  6.048   -9.789  1.00 151.35 ? 726 GLU A HG2  1 
ATOM   901  H HG3  . GLU A 1 54 ? -1.226  4.977   -8.620  1.00 151.35 ? 726 GLU A HG3  1 
ATOM   902  N N    . GLU A 1 55 ? -2.478  8.547   -5.559  1.00 42.09  ? 727 GLU A N    1 
ATOM   903  C CA   . GLU A 1 55 ? -3.052  9.723   -4.911  1.00 53.69  ? 727 GLU A CA   1 
ATOM   904  C C    . GLU A 1 55 ? -1.974  10.700  -4.450  1.00 66.38  ? 727 GLU A C    1 
ATOM   905  O O    . GLU A 1 55 ? -2.198  11.924  -4.434  1.00 77.79  ? 727 GLU A O    1 
ATOM   906  C CB   . GLU A 1 55 ? -3.920  9.295   -3.727  1.00 49.67  ? 727 GLU A CB   1 
ATOM   907  C CG   . GLU A 1 55 ? -4.544  10.452  -2.958  1.00 112.49 ? 727 GLU A CG   1 
ATOM   908  C CD   . GLU A 1 55 ? -5.631  9.997   -2.002  1.00 131.45 ? 727 GLU A CD   1 
ATOM   909  O OE1  . GLU A 1 55 ? -5.850  8.771   -1.892  1.00 86.47  ? 727 GLU A OE1  1 
ATOM   910  O OE2  . GLU A 1 55 ? -6.269  10.865  -1.366  1.00 127.22 ? 727 GLU A OE2  1 
ATOM   911  H H    . GLU A 1 55 ? -2.530  7.820   -5.101  1.00 50.58  ? 727 GLU A H    1 
ATOM   912  H HA   . GLU A 1 55 ? -3.621  10.185  -5.546  1.00 64.51  ? 727 GLU A HA   1 
ATOM   913  H HB2  . GLU A 1 55 ? -4.641  8.736   -4.056  1.00 59.68  ? 727 GLU A HB2  1 
ATOM   914  H HB3  . GLU A 1 55 ? -3.371  8.790   -3.106  1.00 59.68  ? 727 GLU A HB3  1 
ATOM   915  H HG2  . GLU A 1 55 ? -3.854  10.896  -2.440  1.00 135.07 ? 727 GLU A HG2  1 
ATOM   916  H HG3  . GLU A 1 55 ? -4.938  11.075  -3.589  1.00 135.07 ? 727 GLU A HG3  1 
ATOM   917  N N    . ARG A 1 56 ? -0.803  10.184  -4.072  1.00 72.93  ? 728 ARG A N    1 
ATOM   918  C CA   . ARG A 1 56 ? 0.205   11.059  -3.483  1.00 88.47  ? 728 ARG A CA   1 
ATOM   919  C C    . ARG A 1 56 ? 0.708   12.128  -4.451  1.00 67.06  ? 728 ARG A C    1 
ATOM   920  O O    . ARG A 1 56 ? 1.189   13.170  -3.999  1.00 66.57  ? 728 ARG A O    1 
ATOM   921  C CB   . ARG A 1 56 ? 1.375   10.237  -2.947  1.00 59.97  ? 728 ARG A CB   1 
ATOM   922  C CG   . ARG A 1 56 ? 1.072   9.559   -1.614  1.00 54.20  ? 728 ARG A CG   1 
ATOM   923  C CD   . ARG A 1 56 ? 0.964   10.560  -0.468  1.00 84.92  ? 728 ARG A CD   1 
ATOM   924  N NE   . ARG A 1 56 ? 0.472   9.951   0.769   1.00 103.93 ? 728 ARG A NE   1 
ATOM   925  C CZ   . ARG A 1 56 ? -0.813  9.853   1.114   1.00 83.64  ? 728 ARG A CZ   1 
ATOM   926  N NH1  . ARG A 1 56 ? -1.765  10.315  0.317   1.00 98.11  ? 728 ARG A NH1  1 
ATOM   927  N NH2  . ARG A 1 56 ? -1.149  9.288   2.266   1.00 68.64  ? 728 ARG A NH2  1 
ATOM   928  H H    . ARG A 1 56 ? -0.574  9.358   -4.143  1.00 87.59  ? 728 ARG A H    1 
ATOM   929  H HA   . ARG A 1 56 ? -0.195  11.519  -2.728  1.00 106.23 ? 728 ARG A HA   1 
ATOM   930  H HB2  . ARG A 1 56 ? 1.594   9.544   -3.591  1.00 72.04  ? 728 ARG A HB2  1 
ATOM   931  H HB3  . ARG A 1 56 ? 2.138   10.822  -2.819  1.00 72.04  ? 728 ARG A HB3  1 
ATOM   932  H HG2  . ARG A 1 56 ? 0.229   9.087   -1.682  1.00 65.12  ? 728 ARG A HG2  1 
ATOM   933  H HG3  . ARG A 1 56 ? 1.787   8.937   -1.404  1.00 65.12  ? 728 ARG A HG3  1 
ATOM   934  H HD2  . ARG A 1 56 ? 1.842   10.934  -0.291  1.00 101.98 ? 728 ARG A HD2  1 
ATOM   935  H HD3  . ARG A 1 56 ? 0.349   11.266  -0.722  1.00 101.98 ? 728 ARG A HD3  1 
ATOM   936  H HE   . ARG A 1 56 ? 1.055   9.633   1.315   1.00 124.79 ? 728 ARG A HE   1 
ATOM   937  H HH11 . ARG A 1 56 ? -1.558  10.685  -0.431  1.00 117.81 ? 728 ARG A HH11 1 
ATOM   938  H HH12 . ARG A 1 56 ? -2.591  10.246  0.548   1.00 117.81 ? 728 ARG A HH12 1 
ATOM   939  H HH21 . ARG A 1 56 ? -0.539  8.983   2.790   1.00 82.44  ? 728 ARG A HH21 1 
ATOM   940  H HH22 . ARG A 1 56 ? -1.978  9.221   2.487   1.00 82.44  ? 728 ARG A HH22 1 
ATOM   941  N N    . ASP A 1 57 ? 0.582   11.931  -5.761  1.00 43.19  ? 729 ASP A N    1 
ATOM   942  C CA   . ASP A 1 57 ? 1.015   12.976  -6.690  1.00 77.54  ? 729 ASP A CA   1 
ATOM   943  C C    . ASP A 1 57 ? 0.122   14.212  -6.594  1.00 79.25  ? 729 ASP A C    1 
ATOM   944  O O    . ASP A 1 57 ? 0.613   15.348  -6.494  1.00 100.69 ? 729 ASP A O    1 
ATOM   945  C CB   . ASP A 1 57 ? 1.041   12.431  -8.116  1.00 87.88  ? 729 ASP A CB   1 
ATOM   946  C CG   . ASP A 1 57 ? 1.977   11.247  -8.264  1.00 106.76 ? 729 ASP A CG   1 
ATOM   947  O OD1  . ASP A 1 57 ? 2.380   10.675  -7.227  1.00 94.62  ? 729 ASP A OD1  1 
ATOM   948  O OD2  . ASP A 1 57 ? 2.316   10.894  -9.413  1.00 122.58 ? 729 ASP A OD2  1 
ATOM   949  H H    . ASP A 1 57 ? 0.259   11.224  -6.131  1.00 51.90  ? 729 ASP A H    1 
ATOM   950  H HA   . ASP A 1 57 ? 1.918   13.244  -6.459  1.00 93.13  ? 729 ASP A HA   1 
ATOM   951  H HB2  . ASP A 1 57 ? 0.148   12.141  -8.361  1.00 105.53 ? 729 ASP A HB2  1 
ATOM   952  H HB3  . ASP A 1 57 ? 1.341   13.130  -8.717  1.00 105.53 ? 729 ASP A HB3  1 
ATOM   953  N N    . SER A 1 58 ? -1.198  14.016  -6.638  1.00 63.24  ? 730 SER A N    1 
ATOM   954  C CA   . SER A 1 58 ? -2.105  15.138  -6.421  1.00 78.04  ? 730 SER A CA   1 
ATOM   955  C C    . SER A 1 58 ? -1.879  15.744  -5.044  1.00 60.28  ? 730 SER A C    1 
ATOM   956  O O    . SER A 1 58 ? -1.915  16.978  -4.873  1.00 78.12  ? 730 SER A O    1 
ATOM   957  C CB   . SER A 1 58 ? -3.555  14.676  -6.574  1.00 96.45  ? 730 SER A CB   1 
ATOM   958  O OG   . SER A 1 58 ? -4.459  15.750  -6.383  1.00 82.72  ? 730 SER A OG   1 
ATOM   959  H H    . SER A 1 58 ? -1.583  13.262  -6.788  1.00 75.96  ? 730 SER A H    1 
ATOM   960  H HA   . SER A 1 58 ? -1.932  15.822  -7.086  1.00 93.72  ? 730 SER A HA   1 
ATOM   961  H HB2  . SER A 1 58 ? -3.678  14.317  -7.467  1.00 115.81 ? 730 SER A HB2  1 
ATOM   962  H HB3  . SER A 1 58 ? -3.738  13.990  -5.913  1.00 115.81 ? 730 SER A HB3  1 
ATOM   963  H HG   . SER A 1 58 ? -5.249  15.479  -6.470  1.00 99.34  ? 730 SER A HG   1 
ATOM   964  N N    . GLU A 1 59 ? -1.649  14.885  -4.045  1.00 47.38  ? 731 GLU A N    1 
ATOM   965  C CA   . GLU A 1 59 ? -1.308  15.393  -2.722  1.00 46.41  ? 731 GLU A CA   1 
ATOM   966  C C    . GLU A 1 59 ? -0.159  16.391  -2.823  1.00 68.14  ? 731 GLU A C    1 
ATOM   967  O O    . GLU A 1 59 ? -0.257  17.515  -2.321  1.00 49.50  ? 731 GLU A O    1 
ATOM   968  C CB   . GLU A 1 59 ? -0.951  14.241  -1.778  1.00 49.57  ? 731 GLU A CB   1 
ATOM   969  C CG   . GLU A 1 59 ? -2.122  13.339  -1.408  1.00 81.32  ? 731 GLU A CG   1 
ATOM   970  C CD   . GLU A 1 59 ? -3.109  14.008  -0.469  1.00 113.48 ? 731 GLU A CD   1 
ATOM   971  O OE1  . GLU A 1 59 ? -2.840  15.148  -0.032  1.00 104.22 ? 731 GLU A OE1  1 
ATOM   972  O OE2  . GLU A 1 59 ? -4.152  13.389  -0.166  1.00 124.11 ? 731 GLU A OE2  1 
ATOM   973  H H    . GLU A 1 59 ? -1.683  14.028  -4.108  1.00 56.93  ? 731 GLU A H    1 
ATOM   974  H HA   . GLU A 1 59 ? -2.076  15.857  -2.353  1.00 55.76  ? 731 GLU A HA   1 
ATOM   975  H HB2  . GLU A 1 59 ? -0.278  13.688  -2.204  1.00 59.56  ? 731 GLU A HB2  1 
ATOM   976  H HB3  . GLU A 1 59 ? -0.595  14.613  -0.956  1.00 59.56  ? 731 GLU A HB3  1 
ATOM   977  H HG2  . GLU A 1 59 ? -2.598  13.092  -2.216  1.00 97.65  ? 731 GLU A HG2  1 
ATOM   978  H HG3  . GLU A 1 59 ? -1.781  12.545  -0.967  1.00 97.65  ? 731 GLU A HG3  1 
ATOM   979  N N    . LEU A 1 60 ? 0.924   16.004  -3.506  1.00 41.89  ? 732 LEU A N    1 
ATOM   980  C CA   . LEU A 1 60 ? 2.107   16.855  -3.581  1.00 61.82  ? 732 LEU A CA   1 
ATOM   981  C C    . LEU A 1 60 ? 1.820   18.149  -4.329  1.00 38.92  ? 732 LEU A C    1 
ATOM   982  O O    . LEU A 1 60 ? 2.372   19.198  -3.987  1.00 47.79  ? 732 LEU A O    1 
ATOM   983  C CB   . LEU A 1 60 ? 3.268   16.110  -4.240  1.00 58.46  ? 732 LEU A CB   1 
ATOM   984  C CG   . LEU A 1 60 ? 4.003   15.074  -3.382  1.00 80.41  ? 732 LEU A CG   1 
ATOM   985  C CD1  . LEU A 1 60 ? 5.221   14.561  -4.131  1.00 73.52  ? 732 LEU A CD1  1 
ATOM   986  C CD2  . LEU A 1 60 ? 4.420   15.623  -2.015  1.00 56.09  ? 732 LEU A CD2  1 
ATOM   987  H H    . LEU A 1 60 ? 0.995   15.259  -3.930  1.00 50.34  ? 732 LEU A H    1 
ATOM   988  H HA   . LEU A 1 60 ? 2.380   17.089  -2.680  1.00 74.25  ? 732 LEU A HA   1 
ATOM   989  H HB2  . LEU A 1 60 ? 2.925   15.644  -5.019  1.00 70.23  ? 732 LEU A HB2  1 
ATOM   990  H HB3  . LEU A 1 60 ? 3.925   16.765  -4.523  1.00 70.23  ? 732 LEU A HB3  1 
ATOM   991  H HG   . LEU A 1 60 ? 3.412   14.321  -3.229  1.00 96.57  ? 732 LEU A HG   1 
ATOM   992  H HD11 . LEU A 1 60 ? 5.678   13.907  -3.579  1.00 88.30  ? 732 LEU A HD11 1 
ATOM   993  H HD12 . LEU A 1 60 ? 4.930   14.150  -4.960  1.00 88.30  ? 732 LEU A HD12 1 
ATOM   994  H HD13 . LEU A 1 60 ? 5.812   15.307  -4.319  1.00 88.30  ? 732 LEU A HD13 1 
ATOM   995  H HD21 . LEU A 1 60 ? 4.878   14.924  -1.521  1.00 67.38  ? 732 LEU A HD21 1 
ATOM   996  H HD22 . LEU A 1 60 ? 5.013   16.379  -2.147  1.00 67.38  ? 732 LEU A HD22 1 
ATOM   997  H HD23 . LEU A 1 60 ? 3.626   15.903  -1.533  1.00 67.38  ? 732 LEU A HD23 1 
ATOM   998  N N    . GLY A 1 61 ? 0.979   18.104  -5.360  1.00 49.41  ? 733 GLY A N    1 
ATOM   999  C CA   . GLY A 1 61 ? 0.593   19.352  -6.013  1.00 57.46  ? 733 GLY A CA   1 
ATOM   1000 C C    . GLY A 1 61 ? -0.037  20.333  -5.038  1.00 60.08  ? 733 GLY A C    1 
ATOM   1001 O O    . GLY A 1 61 ? 0.355   21.512  -4.952  1.00 61.95  ? 733 GLY A O    1 
ATOM   1002 H H    . GLY A 1 61 ? 0.629   17.392  -5.691  1.00 59.36  ? 733 GLY A H    1 
ATOM   1003 H HA2  . GLY A 1 61 ? 1.376   19.768  -6.407  1.00 69.03  ? 733 GLY A HA2  1 
ATOM   1004 H HA3  . GLY A 1 61 ? -0.044  19.165  -6.719  1.00 69.03  ? 733 GLY A HA3  1 
ATOM   1005 N N    . LEU A 1 62 ? -1.023  19.853  -4.275  1.00 57.44  ? 734 LEU A N    1 
ATOM   1006 C CA   . LEU A 1 62 ? -1.667  20.712  -3.281  1.00 51.35  ? 734 LEU A CA   1 
ATOM   1007 C C    . LEU A 1 62 ? -0.668  21.185  -2.228  1.00 55.91  ? 734 LEU A C    1 
ATOM   1008 O O    . LEU A 1 62 ? -0.686  22.356  -1.809  1.00 43.20  ? 734 LEU A O    1 
ATOM   1009 C CB   . LEU A 1 62 ? -2.821  19.957  -2.625  1.00 62.90  ? 734 LEU A CB   1 
ATOM   1010 C CG   . LEU A 1 62 ? -3.501  20.629  -1.434  1.00 44.20  ? 734 LEU A CG   1 
ATOM   1011 C CD1  . LEU A 1 62 ? -4.053  21.989  -1.827  1.00 68.78  ? 734 LEU A CD1  1 
ATOM   1012 C CD2  . LEU A 1 62 ? -4.601  19.723  -0.912  1.00 66.07  ? 734 LEU A CD2  1 
ATOM   1013 H H    . LEU A 1 62 ? -1.331  19.051  -4.311  1.00 69.01  ? 734 LEU A H    1 
ATOM   1014 H HA   . LEU A 1 62 ? -2.031  21.493  -3.725  1.00 61.70  ? 734 LEU A HA   1 
ATOM   1015 H HB2  . LEU A 1 62 ? -3.505  19.809  -3.296  1.00 75.55  ? 734 LEU A HB2  1 
ATOM   1016 H HB3  . LEU A 1 62 ? -2.485  19.102  -2.316  1.00 75.55  ? 734 LEU A HB3  1 
ATOM   1017 H HG   . LEU A 1 62 ? -2.851  20.758  -0.726  1.00 53.12  ? 734 LEU A HG   1 
ATOM   1018 H HD11 . LEU A 1 62 ? -4.478  22.392  -1.054  1.00 82.61  ? 734 LEU A HD11 1 
ATOM   1019 H HD12 . LEU A 1 62 ? -3.322  22.550  -2.133  1.00 82.61  ? 734 LEU A HD12 1 
ATOM   1020 H HD13 . LEU A 1 62 ? -4.701  21.873  -2.539  1.00 82.61  ? 734 LEU A HD13 1 
ATOM   1021 H HD21 . LEU A 1 62 ? -5.031  20.153  -0.156  1.00 79.36  ? 734 LEU A HD21 1 
ATOM   1022 H HD22 . LEU A 1 62 ? -5.248  19.573  -1.619  1.00 79.36  ? 734 LEU A HD22 1 
ATOM   1023 H HD23 . LEU A 1 62 ? -4.210  18.879  -0.635  1.00 79.36  ? 734 LEU A HD23 1 
ATOM   1024 N N    . TYR A 1 63 ? 0.212   20.280  -1.789  1.00 40.25  ? 735 TYR A N    1 
ATOM   1025 C CA   . TYR A 1 63 ? 1.201   20.608  -0.771  1.00 39.46  ? 735 TYR A CA   1 
ATOM   1026 C C    . TYR A 1 63 ? 2.128   21.706  -1.258  1.00 42.63  ? 735 TYR A C    1 
ATOM   1027 O O    . TYR A 1 63 ? 2.494   22.608  -0.499  1.00 63.21  ? 735 TYR A O    1 
ATOM   1028 C CB   . TYR A 1 63 ? 1.995   19.353  -0.399  1.00 36.05  ? 735 TYR A CB   1 
ATOM   1029 C CG   . TYR A 1 63 ? 3.213   19.603  0.469   1.00 59.55  ? 735 TYR A CG   1 
ATOM   1030 C CD1  . TYR A 1 63 ? 3.103   19.685  1.850   1.00 42.12  ? 735 TYR A CD1  1 
ATOM   1031 C CD2  . TYR A 1 63 ? 4.476   19.738  -0.096  1.00 44.24  ? 735 TYR A CD2  1 
ATOM   1032 C CE1  . TYR A 1 63 ? 4.214   19.906  2.644   1.00 61.77  ? 735 TYR A CE1  1 
ATOM   1033 C CE2  . TYR A 1 63 ? 5.590   19.960  0.691   1.00 50.61  ? 735 TYR A CE2  1 
ATOM   1034 C CZ   . TYR A 1 63 ? 5.453   20.043  2.061   1.00 71.60  ? 735 TYR A CZ   1 
ATOM   1035 O OH   . TYR A 1 63 ? 6.559   20.265  2.853   1.00 77.90  ? 735 TYR A OH   1 
ATOM   1036 H H    . TYR A 1 63 ? 0.254   19.468  -2.069  1.00 48.37  ? 735 TYR A H    1 
ATOM   1037 H HA   . TYR A 1 63 ? 0.746   20.927  0.025   1.00 47.43  ? 735 TYR A HA   1 
ATOM   1038 H HB2  . TYR A 1 63 ? 1.410   18.750  0.085   1.00 43.34  ? 735 TYR A HB2  1 
ATOM   1039 H HB3  . TYR A 1 63 ? 2.300   18.927  -1.215  1.00 43.34  ? 735 TYR A HB3  1 
ATOM   1040 H HD1  . TYR A 1 63 ? 2.267   19.594  2.247   1.00 50.62  ? 735 TYR A HD1  1 
ATOM   1041 H HD2  . TYR A 1 63 ? 4.572   19.684  -1.020  1.00 53.16  ? 735 TYR A HD2  1 
ATOM   1042 H HE1  . TYR A 1 63 ? 4.124   19.963  3.569   1.00 74.20  ? 735 TYR A HE1  1 
ATOM   1043 H HE2  . TYR A 1 63 ? 6.429   20.052  0.299   1.00 60.81  ? 735 TYR A HE2  1 
ATOM   1044 H HH   . TYR A 1 63 ? 7.247   20.330  2.374   1.00 93.56  ? 735 TYR A HH   1 
ATOM   1045 N N    . LYS A 1 64 ? 2.518   21.643  -2.527  1.00 54.43  ? 736 LYS A N    1 
ATOM   1046 C CA   . LYS A 1 64 ? 3.386   22.665  -3.088  1.00 54.46  ? 736 LYS A CA   1 
ATOM   1047 C C    . LYS A 1 64 ? 2.686   24.020  -3.095  1.00 41.85  ? 736 LYS A C    1 
ATOM   1048 O O    . LYS A 1 64 ? 3.268   25.032  -2.686  1.00 54.87  ? 736 LYS A O    1 
ATOM   1049 C CB   . LYS A 1 64 ? 3.822   22.244  -4.492  1.00 33.27  ? 736 LYS A CB   1 
ATOM   1050 C CG   . LYS A 1 64 ? 4.856   23.145  -5.130  1.00 46.16  ? 736 LYS A CG   1 
ATOM   1051 C CD   . LYS A 1 64 ? 5.498   22.461  -6.319  1.00 48.98  ? 736 LYS A CD   1 
ATOM   1052 C CE   . LYS A 1 64 ? 6.386   23.414  -7.105  1.00 104.06 ? 736 LYS A CE   1 
ATOM   1053 N NZ   . LYS A 1 64 ? 7.124   22.730  -8.209  1.00 101.51 ? 736 LYS A NZ   1 
ATOM   1054 H H    . LYS A 1 64 ? 2.295   21.023  -3.079  1.00 65.39  ? 736 LYS A H    1 
ATOM   1055 H HA   . LYS A 1 64 ? 4.181   22.742  -2.537  1.00 65.42  ? 736 LYS A HA   1 
ATOM   1056 H HB2  . LYS A 1 64 ? 4.199   21.352  -4.445  1.00 40.00  ? 736 LYS A HB2  1 
ATOM   1057 H HB3  . LYS A 1 64 ? 3.042   22.238  -5.070  1.00 40.00  ? 736 LYS A HB3  1 
ATOM   1058 H HG2  . LYS A 1 64 ? 4.428   23.960  -5.438  1.00 55.46  ? 736 LYS A HG2  1 
ATOM   1059 H HG3  . LYS A 1 64 ? 5.548   23.351  -4.482  1.00 55.46  ? 736 LYS A HG3  1 
ATOM   1060 H HD2  . LYS A 1 64 ? 6.046   21.724  -6.006  1.00 58.85  ? 736 LYS A HD2  1 
ATOM   1061 H HD3  . LYS A 1 64 ? 4.803   22.134  -6.912  1.00 58.85  ? 736 LYS A HD3  1 
ATOM   1062 H HE2  . LYS A 1 64 ? 5.836   24.109  -7.497  1.00 124.94 ? 736 LYS A HE2  1 
ATOM   1063 H HE3  . LYS A 1 64 ? 7.039   23.806  -6.505  1.00 124.94 ? 736 LYS A HE3  1 
ATOM   1064 H HZ1  . LYS A 1 64 ? 7.631   23.316  -8.644  1.00 121.89 ? 736 LYS A HZ1  1 
ATOM   1065 H HZ2  . LYS A 1 64 ? 7.643   22.089  -7.875  1.00 121.89 ? 736 LYS A HZ2  1 
ATOM   1066 H HZ3  . LYS A 1 64 ? 6.546   22.366  -8.780  1.00 121.89 ? 736 LYS A HZ3  1 
ATOM   1067 N N    . SER A 1 65 ? 1.429   24.065  -3.545  1.00 61.78  ? 737 SER A N    1 
ATOM   1068 C CA   . SER A 1 65 ? 0.709   25.340  -3.498  1.00 52.11  ? 737 SER A CA   1 
ATOM   1069 C C    . SER A 1 65 ? 0.709   25.916  -2.083  1.00 48.37  ? 737 SER A C    1 
ATOM   1070 O O    . SER A 1 65 ? 1.001   27.108  -1.872  1.00 55.71  ? 737 SER A O    1 
ATOM   1071 C CB   . SER A 1 65 ? -0.723  25.168  -4.004  1.00 57.67  ? 737 SER A CB   1 
ATOM   1072 O OG   . SER A 1 65 ? -0.751  24.961  -5.404  1.00 92.51  ? 737 SER A OG   1 
ATOM   1073 H H    . SER A 1 65 ? 0.987   23.402  -3.868  1.00 74.21  ? 737 SER A H    1 
ATOM   1074 H HA   . SER A 1 65 ? 1.157   25.975  -4.079  1.00 62.60  ? 737 SER A HA   1 
ATOM   1075 H HB2  . SER A 1 65 ? -1.122  24.402  -3.564  1.00 69.28  ? 737 SER A HB2  1 
ATOM   1076 H HB3  . SER A 1 65 ? -1.228  25.969  -3.794  1.00 69.28  ? 737 SER A HB3  1 
ATOM   1077 H HG   . SER A 1 65 ? -0.409  25.618  -5.799  1.00 111.09 ? 737 SER A HG   1 
ATOM   1078 N N    . LYS A 1 66 ? 0.404   25.076  -1.090  1.00 45.84  ? 738 LYS A N    1 
ATOM   1079 C CA   . LYS A 1 66 ? 0.277   25.589  0.275   1.00 40.11  ? 738 LYS A CA   1 
ATOM   1080 C C    . LYS A 1 66 ? 1.629   26.011  0.850   1.00 40.78  ? 738 LYS A C    1 
ATOM   1081 O O    . LYS A 1 66 ? 1.724   27.037  1.531   1.00 32.67  ? 738 LYS A O    1 
ATOM   1082 C CB   . LYS A 1 66 ? -0.401  24.549  1.166   1.00 49.92  ? 738 LYS A CB   1 
ATOM   1083 C CG   . LYS A 1 66 ? -1.902  24.450  0.925   1.00 42.92  ? 738 LYS A CG   1 
ATOM   1084 C CD   . LYS A 1 66 ? -2.588  23.558  1.943   1.00 83.88  ? 738 LYS A CD   1 
ATOM   1085 C CE   . LYS A 1 66 ? -4.106  23.636  1.822   1.00 80.38  ? 738 LYS A CE   1 
ATOM   1086 N NZ   . LYS A 1 66 ? -4.622  25.029  1.966   1.00 102.88 ? 738 LYS A NZ   1 
ATOM   1087 H H    . LYS A 1 66 ? 0.270   24.231  -1.176  1.00 55.09  ? 738 LYS A H    1 
ATOM   1088 H HA   . LYS A 1 66 ? -0.291  26.376  0.257   1.00 48.21  ? 738 LYS A HA   1 
ATOM   1089 H HB2  . LYS A 1 66 ? -0.011  23.678  0.988   1.00 59.98  ? 738 LYS A HB2  1 
ATOM   1090 H HB3  . LYS A 1 66 ? -0.262  24.791  2.096   1.00 59.98  ? 738 LYS A HB3  1 
ATOM   1091 H HG2  . LYS A 1 66 ? -2.293  25.336  0.987   1.00 51.57  ? 738 LYS A HG2  1 
ATOM   1092 H HG3  . LYS A 1 66 ? -2.058  24.078  0.043   1.00 51.57  ? 738 LYS A HG3  1 
ATOM   1093 H HD2  . LYS A 1 66 ? -2.318  22.638  1.796   1.00 100.73 ? 738 LYS A HD2  1 
ATOM   1094 H HD3  . LYS A 1 66 ? -2.339  23.842  2.837   1.00 100.73 ? 738 LYS A HD3  1 
ATOM   1095 H HE2  . LYS A 1 66 ? -4.371  23.306  0.949   1.00 96.53  ? 738 LYS A HE2  1 
ATOM   1096 H HE3  . LYS A 1 66 ? -4.507  23.093  2.519   1.00 96.53  ? 738 LYS A HE3  1 
ATOM   1097 H HZ1  . LYS A 1 66 ? -4.399  25.355  2.763   1.00 123.53 ? 738 LYS A HZ1  1 
ATOM   1098 H HZ2  . LYS A 1 66 ? -4.274  25.549  1.333   1.00 123.53 ? 738 LYS A HZ2  1 
ATOM   1099 H HZ3  . LYS A 1 66 ? -5.509  25.034  1.890   1.00 123.53 ? 738 LYS A HZ3  1 
ATOM   1100 N N    . GLU A 1 67 ? 2.691   25.251  0.581   1.00 49.09  ? 739 GLU A N    1 
ATOM   1101 C CA   . GLU A 1 67 ? 4.002   25.620  1.101   1.00 37.06  ? 739 GLU A CA   1 
ATOM   1102 C C    . GLU A 1 67 ? 4.524   26.889  0.446   1.00 38.16  ? 739 GLU A C    1 
ATOM   1103 O O    . GLU A 1 67 ? 5.241   27.666  1.087   1.00 49.91  ? 739 GLU A O    1 
ATOM   1104 C CB   . GLU A 1 67 ? 4.995   24.483  0.890   1.00 63.33  ? 739 GLU A CB   1 
ATOM   1105 C CG   . GLU A 1 67 ? 6.264   24.649  1.690   1.00 51.94  ? 739 GLU A CG   1 
ATOM   1106 C CD   . GLU A 1 67 ? 6.066   24.308  3.150   1.00 86.09  ? 739 GLU A CD   1 
ATOM   1107 O OE1  . GLU A 1 67 ? 5.401   23.287  3.435   1.00 54.03  ? 739 GLU A OE1  1 
ATOM   1108 O OE2  . GLU A 1 67 ? 6.568   25.066  4.009   1.00 92.69  ? 739 GLU A OE2  1 
ATOM   1109 H H    . GLU A 1 67 ? 2.678   24.532  0.109   1.00 58.98  ? 739 GLU A H    1 
ATOM   1110 H HA   . GLU A 1 67 ? 3.929   25.782  2.054   1.00 44.54  ? 739 GLU A HA   1 
ATOM   1111 H HB2  . GLU A 1 67 ? 4.579   23.648  1.158   1.00 76.07  ? 739 GLU A HB2  1 
ATOM   1112 H HB3  . GLU A 1 67 ? 5.235   24.446  -0.049  1.00 76.07  ? 739 GLU A HB3  1 
ATOM   1113 H HG2  . GLU A 1 67 ? 6.946   24.059  1.331   1.00 62.40  ? 739 GLU A HG2  1 
ATOM   1114 H HG3  . GLU A 1 67 ? 6.558   25.572  1.632   1.00 62.40  ? 739 GLU A HG3  1 
ATOM   1115 N N    . GLN A 1 68 ? 4.178   27.121  -0.821  1.00 35.58  ? 740 GLN A N    1 
ATOM   1116 C CA   . GLN A 1 68 ? 4.547   28.375  -1.469  1.00 27.76  ? 740 GLN A CA   1 
ATOM   1117 C C    . GLN A 1 68 ? 3.848   29.552  -0.802  1.00 41.17  ? 740 GLN A C    1 
ATOM   1118 O O    . GLN A 1 68 ? 4.474   30.585  -0.517  1.00 35.33  ? 740 GLN A O    1 
ATOM   1119 C CB   . GLN A 1 68 ? 4.196   28.327  -2.956  1.00 43.01  ? 740 GLN A CB   1 
ATOM   1120 C CG   . GLN A 1 68 ? 5.092   27.439  -3.795  1.00 35.65  ? 740 GLN A CG   1 
ATOM   1121 C CD   . GLN A 1 68 ? 4.547   27.228  -5.204  1.00 61.52  ? 740 GLN A CD   1 
ATOM   1122 O OE1  . GLN A 1 68 ? 3.390   27.535  -5.493  1.00 61.19  ? 740 GLN A OE1  1 
ATOM   1123 N NE2  . GLN A 1 68 ? 5.384   26.703  -6.084  1.00 78.43  ? 740 GLN A NE2  1 
ATOM   1124 H H    . GLN A 1 68 ? 3.736   26.577  -1.319  1.00 42.77  ? 740 GLN A H    1 
ATOM   1125 H HA   . GLN A 1 68 ? 5.505   28.507  -1.388  1.00 33.38  ? 740 GLN A HA   1 
ATOM   1126 H HB2  . GLN A 1 68 ? 3.288   27.997  -3.049  1.00 51.68  ? 740 GLN A HB2  1 
ATOM   1127 H HB3  . GLN A 1 68 ? 4.254   29.226  -3.317  1.00 51.68  ? 740 GLN A HB3  1 
ATOM   1128 H HG2  . GLN A 1 68 ? 5.966   27.850  -3.869  1.00 42.85  ? 740 GLN A HG2  1 
ATOM   1129 H HG3  . GLN A 1 68 ? 5.167   26.571  -3.369  1.00 42.85  ? 740 GLN A HG3  1 
ATOM   1130 H HE21 . GLN A 1 68 ? 6.185   26.501  -5.847  1.00 94.18  ? 740 GLN A HE21 1 
ATOM   1131 H HE22 . GLN A 1 68 ? 5.125   26.564  -6.892  1.00 94.18  ? 740 GLN A HE22 1 
ATOM   1132 N N    . GLU A 1 69 ? 2.538   29.425  -0.564  1.00 33.36  ? 741 GLU A N    1 
ATOM   1133 C CA   . GLU A 1 69 ? 1.845   30.486  0.167   1.00 37.28  ? 741 GLU A CA   1 
ATOM   1134 C C    . GLU A 1 69 ? 2.482   30.709  1.539   1.00 35.45  ? 741 GLU A C    1 
ATOM   1135 O O    . GLU A 1 69 ? 2.689   31.855  1.961   1.00 30.48  ? 741 GLU A O    1 
ATOM   1136 C CB   . GLU A 1 69 ? 0.358   30.154  0.308   1.00 51.91  ? 741 GLU A CB   1 
ATOM   1137 C CG   . GLU A 1 69 ? -0.443  31.226  1.042   1.00 68.27  ? 741 GLU A CG   1 
ATOM   1138 C CD   . GLU A 1 69 ? -1.945  31.044  0.902   1.00 114.02 ? 741 GLU A CD   1 
ATOM   1139 O OE1  . GLU A 1 69 ? -2.369  30.286  0.003   1.00 114.61 ? 741 GLU A OE1  1 
ATOM   1140 O OE2  . GLU A 1 69 ? -2.701  31.660  1.689   1.00 93.58  ? 741 GLU A OE2  1 
ATOM   1141 H H    . GLU A 1 69 ? 2.046   28.762  -0.805  1.00 40.10  ? 741 GLU A H    1 
ATOM   1142 H HA   . GLU A 1 69 ? 1.920   31.314  -0.334  1.00 44.82  ? 741 GLU A HA   1 
ATOM   1143 H HB2  . GLU A 1 69 ? -0.025  30.051  -0.577  1.00 62.37  ? 741 GLU A HB2  1 
ATOM   1144 H HB3  . GLU A 1 69 ? 0.268   29.326  0.804   1.00 62.37  ? 741 GLU A HB3  1 
ATOM   1145 H HG2  . GLU A 1 69 ? -0.225  31.191  1.987   1.00 81.99  ? 741 GLU A HG2  1 
ATOM   1146 H HG3  . GLU A 1 69 ? -0.212  32.096  0.681   1.00 81.99  ? 741 GLU A HG3  1 
ATOM   1147 N N    . GLN A 1 70 ? 2.804   29.622  2.246   1.00 38.05  ? 742 GLN A N    1 
ATOM   1148 C CA   . GLN A 1 70 ? 3.438   29.733  3.557   1.00 41.28  ? 742 GLN A CA   1 
ATOM   1149 C C    . GLN A 1 70 ? 4.738   30.521  3.481   1.00 28.43  ? 742 GLN A C    1 
ATOM   1150 O O    . GLN A 1 70 ? 5.005   31.396  4.319   1.00 40.96  ? 742 GLN A O    1 
ATOM   1151 C CB   . GLN A 1 70 ? 3.704   28.339  4.119   1.00 78.85  ? 742 GLN A CB   1 
ATOM   1152 C CG   . GLN A 1 70 ? 4.496   28.333  5.419   1.00 46.94  ? 742 GLN A CG   1 
ATOM   1153 C CD   . GLN A 1 70 ? 3.802   29.087  6.534   1.00 75.77  ? 742 GLN A CD   1 
ATOM   1154 O OE1  . GLN A 1 70 ? 4.454   29.671  7.401   1.00 97.18  ? 742 GLN A OE1  1 
ATOM   1155 N NE2  . GLN A 1 70 ? 2.471   29.065  6.529   1.00 74.47  ? 742 GLN A NE2  1 
ATOM   1156 H H    . GLN A 1 70 ? 2.664   28.814  1.988   1.00 45.73  ? 742 GLN A H    1 
ATOM   1157 H HA   . GLN A 1 70 ? 2.839   30.195  4.163   1.00 49.61  ? 742 GLN A HA   1 
ATOM   1158 H HB2  . GLN A 1 70 ? 2.854   27.904  4.289   1.00 94.69  ? 742 GLN A HB2  1 
ATOM   1159 H HB3  . GLN A 1 70 ? 4.207   27.829  3.464   1.00 94.69  ? 742 GLN A HB3  1 
ATOM   1160 H HG2  . GLN A 1 70 ? 4.620   27.416  5.710   1.00 56.40  ? 742 GLN A HG2  1 
ATOM   1161 H HG3  . GLN A 1 70 ? 5.358   28.752  5.266   1.00 56.40  ? 742 GLN A HG3  1 
ATOM   1162 H HE21 . GLN A 1 70 ? 2.051   28.644  5.908   1.00 89.43  ? 742 GLN A HE21 1 
ATOM   1163 H HE22 . GLN A 1 70 ? 2.031   29.478  7.142   1.00 89.43  ? 742 GLN A HE22 1 
ATOM   1164 N N    . SER A 1 71 ? 5.587   30.190  2.507   1.00 30.91  ? 743 SER A N    1 
ATOM   1165 C CA   . SER A 1 71 ? 6.868   30.874  2.401   1.00 36.30  ? 743 SER A CA   1 
ATOM   1166 C C    . SER A 1 71 ? 6.666   32.340  2.067   1.00 36.42  ? 743 SER A C    1 
ATOM   1167 O O    . SER A 1 71 ? 7.371   33.211  2.594   1.00 45.52  ? 743 SER A O    1 
ATOM   1168 C CB   . SER A 1 71 ? 7.749   30.200  1.354   1.00 24.77  ? 743 SER A CB   1 
ATOM   1169 O OG   . SER A 1 71 ? 8.331   29.023  1.885   1.00 66.44  ? 743 SER A OG   1 
ATOM   1170 H H    . SER A 1 71 ? 5.447   29.587  1.910   1.00 37.16  ? 743 SER A H    1 
ATOM   1171 H HA   . SER A 1 71 ? 7.325   30.822  3.255   1.00 43.64  ? 743 SER A HA   1 
ATOM   1172 H HB2  . SER A 1 71 ? 7.205   29.967  0.586   1.00 29.80  ? 743 SER A HB2  1 
ATOM   1173 H HB3  . SER A 1 71 ? 8.453   30.812  1.090   1.00 29.80  ? 743 SER A HB3  1 
ATOM   1174 H HG   . SER A 1 71 ? 8.815   28.655  1.306   1.00 79.80  ? 743 SER A HG   1 
ATOM   1175 N N    . SER A 1 72 ? 5.703   32.637  1.197   1.00 30.63  ? 744 SER A N    1 
ATOM   1176 C CA   . SER A 1 72 ? 5.432   34.032  0.887   1.00 49.78  ? 744 SER A CA   1 
ATOM   1177 C C    . SER A 1 72 ? 5.013   34.791  2.143   1.00 34.59  ? 744 SER A C    1 
ATOM   1178 O O    . SER A 1 72 ? 5.441   35.934  2.357   1.00 36.06  ? 744 SER A O    1 
ATOM   1179 C CB   . SER A 1 72 ? 4.370   34.132  -0.207  1.00 30.54  ? 744 SER A CB   1 
ATOM   1180 O OG   . SER A 1 72 ? 4.155   35.483  -0.572  1.00 66.43  ? 744 SER A OG   1 
ATOM   1181 H H    . SER A 1 72 ? 5.207   32.067  0.785   1.00 36.83  ? 744 SER A H    1 
ATOM   1182 H HA   . SER A 1 72 ? 6.245   34.441  0.550   1.00 59.81  ? 744 SER A HA   1 
ATOM   1183 H HB2  . SER A 1 72 ? 4.670   33.637  -0.985  1.00 36.72  ? 744 SER A HB2  1 
ATOM   1184 H HB3  . SER A 1 72 ? 3.539   33.757  0.125   1.00 36.72  ? 744 SER A HB3  1 
ATOM   1185 H HG   . SER A 1 72 ? 3.570   35.528  -1.173  1.00 79.78  ? 744 SER A HG   1 
ATOM   1186 N N    . LEU A 1 73 ? 4.201   34.158  3.001   1.00 48.57  ? 745 LEU A N    1 
ATOM   1187 C CA   . LEU A 1 73 ? 3.787   34.801  4.250   1.00 33.75  ? 745 LEU A CA   1 
ATOM   1188 C C    . LEU A 1 73 ? 4.981   35.064  5.158   1.00 23.61  ? 745 LEU A C    1 
ATOM   1189 O O    . LEU A 1 73 ? 5.103   36.146  5.745   1.00 26.61  ? 745 LEU A O    1 
ATOM   1190 C CB   . LEU A 1 73 ? 2.755   33.950  4.988   1.00 31.06  ? 745 LEU A CB   1 
ATOM   1191 C CG   . LEU A 1 73 ? 1.314   33.961  4.475   1.00 45.76  ? 745 LEU A CG   1 
ATOM   1192 C CD1  . LEU A 1 73 ? 0.442   33.003  5.289   1.00 47.73  ? 745 LEU A CD1  1 
ATOM   1193 C CD2  . LEU A 1 73 ? 0.738   35.354  4.532   1.00 60.96  ? 745 LEU A CD2  1 
ATOM   1194 H H    . LEU A 1 73 ? 3.883   33.368  2.883   1.00 58.36  ? 745 LEU A H    1 
ATOM   1195 H HA   . LEU A 1 73 ? 3.376   35.654  4.042   1.00 40.57  ? 745 LEU A HA   1 
ATOM   1196 H HB2  . LEU A 1 73 ? 3.057   33.029  4.964   1.00 37.35  ? 745 LEU A HB2  1 
ATOM   1197 H HB3  . LEU A 1 73 ? 2.728   34.249  5.910   1.00 37.35  ? 745 LEU A HB3  1 
ATOM   1198 H HG   . LEU A 1 73 ? 1.303   33.667  3.551   1.00 54.98  ? 745 LEU A HG   1 
ATOM   1199 H HD11 . LEU A 1 73 ? -0.464  33.029  4.943   1.00 57.35  ? 745 LEU A HD11 1 
ATOM   1200 H HD12 . LEU A 1 73 ? 0.802   32.105  5.208   1.00 57.35  ? 745 LEU A HD12 1 
ATOM   1201 H HD13 . LEU A 1 73 ? 0.450   33.281  6.218   1.00 57.35  ? 745 LEU A HD13 1 
ATOM   1202 H HD21 . LEU A 1 73 ? -0.174  35.332  4.202   1.00 73.23  ? 745 LEU A HD21 1 
ATOM   1203 H HD22 . LEU A 1 73 ? 0.750   35.663  5.452   1.00 73.23  ? 745 LEU A HD22 1 
ATOM   1204 H HD23 . LEU A 1 73 ? 1.277   35.941  3.978   1.00 73.23  ? 745 LEU A HD23 1 
ATOM   1205 N N    . ARG A 1 74 ? 5.854   34.072  5.321   1.00 25.74  ? 746 ARG A N    1 
ATOM   1206 C CA   . ARG A 1 74 ? 7.055   34.310  6.124   1.00 57.64  ? 746 ARG A CA   1 
ATOM   1207 C C    . ARG A 1 74 ? 7.861   35.481  5.571   1.00 38.42  ? 746 ARG A C    1 
ATOM   1208 O O    . ARG A 1 74 ? 8.340   36.333  6.328   1.00 31.14  ? 746 ARG A O    1 
ATOM   1209 C CB   . ARG A 1 74 ? 7.924   33.059  6.182   1.00 47.72  ? 746 ARG A CB   1 
ATOM   1210 C CG   . ARG A 1 74 ? 7.271   31.878  6.878   1.00 41.55  ? 746 ARG A CG   1 
ATOM   1211 C CD   . ARG A 1 74 ? 7.869   30.585  6.377   1.00 94.41  ? 746 ARG A CD   1 
ATOM   1212 N NE   . ARG A 1 74 ? 7.614   29.463  7.270   1.00 100.82 ? 746 ARG A NE   1 
ATOM   1213 C CZ   . ARG A 1 74 ? 7.845   28.195  6.950   1.00 109.00 ? 746 ARG A CZ   1 
ATOM   1214 N NH1  . ARG A 1 74 ? 8.319   27.880  5.748   1.00 91.78  ? 746 ARG A NH1  1 
ATOM   1215 N NH2  . ARG A 1 74 ? 7.583   27.234  7.826   1.00 86.96  ? 746 ARG A NH2  1 
ATOM   1216 H H    . ARG A 1 74 ? 5.782   33.281  4.992   1.00 30.96  ? 746 ARG A H    1 
ATOM   1217 H HA   . ARG A 1 74 ? 6.789   34.532  7.031   1.00 69.24  ? 746 ARG A HA   1 
ATOM   1218 H HB2  . ARG A 1 74 ? 8.137   32.787  5.276   1.00 57.33  ? 746 ARG A HB2  1 
ATOM   1219 H HB3  . ARG A 1 74 ? 8.741   33.270  6.661   1.00 57.33  ? 746 ARG A HB3  1 
ATOM   1220 H HG2  . ARG A 1 74 ? 7.425   31.940  7.833   1.00 49.93  ? 746 ARG A HG2  1 
ATOM   1221 H HG3  . ARG A 1 74 ? 6.320   31.874  6.685   1.00 49.93  ? 746 ARG A HG3  1 
ATOM   1222 H HD2  . ARG A 1 74 ? 7.485   30.372  5.512   1.00 113.37 ? 746 ARG A HD2  1 
ATOM   1223 H HD3  . ARG A 1 74 ? 8.831   30.691  6.296   1.00 113.37 ? 746 ARG A HD3  1 
ATOM   1224 H HE   . ARG A 1 74 ? 7.383   29.637  8.079   1.00 121.06 ? 746 ARG A HE   1 
ATOM   1225 H HH11 . ARG A 1 74 ? 8.489   28.501  5.176   1.00 110.21 ? 746 ARG A HH11 1 
ATOM   1226 H HH12 . ARG A 1 74 ? 8.463   27.057  5.544   1.00 110.21 ? 746 ARG A HH12 1 
ATOM   1227 H HH21 . ARG A 1 74 ? 7.273   27.434  8.603   1.00 104.43 ? 746 ARG A HH21 1 
ATOM   1228 H HH22 . ARG A 1 74 ? 7.727   26.412  7.619   1.00 104.43 ? 746 ARG A HH22 1 
ATOM   1229 N N    . ALA A 1 75 ? 8.046   35.527  4.254   1.00 34.51  ? 747 ALA A N    1 
ATOM   1230 C CA   . ALA A 1 75 ? 8.771   36.642  3.657   1.00 22.98  ? 747 ALA A CA   1 
ATOM   1231 C C    . ALA A 1 75 ? 8.120   37.970  4.023   1.00 27.18  ? 747 ALA A C    1 
ATOM   1232 O O    . ALA A 1 75 ? 8.807   38.942  4.373   1.00 35.00  ? 747 ALA A O    1 
ATOM   1233 C CB   . ALA A 1 75 ? 8.831   36.474  2.138   1.00 42.00  ? 747 ALA A CB   1 
ATOM   1234 H H    . ALA A 1 75 ? 7.767   34.937  3.693   1.00 41.48  ? 747 ALA A H    1 
ATOM   1235 H HA   . ALA A 1 75 ? 9.680   36.649  3.996   1.00 27.65  ? 747 ALA A HA   1 
ATOM   1236 H HB1  . ALA A 1 75 ? 9.316   37.223  1.757   1.00 50.48  ? 747 ALA A HB1  1 
ATOM   1237 H HB2  . ALA A 1 75 ? 9.287   35.644  1.930   1.00 50.48  ? 747 ALA A HB2  1 
ATOM   1238 H HB3  . ALA A 1 75 ? 7.927   36.452  1.787   1.00 50.48  ? 747 ALA A HB3  1 
ATOM   1239 N N    . SER A 1 76 ? 6.789   38.036  3.929   1.00 32.54  ? 748 SER A N    1 
ATOM   1240 C CA   . SER A 1 76 ? 6.090   39.269  4.275   1.00 42.03  ? 748 SER A CA   1 
ATOM   1241 C C    . SER A 1 76 ? 6.313   39.640  5.737   1.00 42.02  ? 748 SER A C    1 
ATOM   1242 O O    . SER A 1 76 ? 6.554   40.809  6.060   1.00 28.03  ? 748 SER A O    1 
ATOM   1243 C CB   . SER A 1 76 ? 4.598   39.129  3.988   1.00 43.92  ? 748 SER A CB   1 
ATOM   1244 O OG   . SER A 1 76 ? 4.354   38.961  2.603   1.00 93.73  ? 748 SER A OG   1 
ATOM   1245 H H    . SER A 1 76 ? 6.280   37.392  3.673   1.00 39.12  ? 748 SER A H    1 
ATOM   1246 H HA   . SER A 1 76 ? 6.434   39.992  3.726   1.00 50.51  ? 748 SER A HA   1 
ATOM   1247 H HB2  . SER A 1 76 ? 4.258   38.354  4.463   1.00 52.78  ? 748 SER A HB2  1 
ATOM   1248 H HB3  . SER A 1 76 ? 4.143   39.930  4.292   1.00 52.78  ? 748 SER A HB3  1 
ATOM   1249 H HG   . SER A 1 76 ? 3.530   38.886  2.463   1.00 112.55 ? 748 SER A HG   1 
ATOM   1250 N N    . LEU A 1 77 ? 6.254   38.653  6.635   1.00 36.12  ? 749 LEU A N    1 
ATOM   1251 C CA   . LEU A 1 77 ? 6.431   38.933  8.056   1.00 33.71  ? 749 LEU A CA   1 
ATOM   1252 C C    . LEU A 1 77 ? 7.826   39.472  8.342   1.00 45.28  ? 749 LEU A C    1 
ATOM   1253 O O    . LEU A 1 77 ? 7.989   40.425  9.120   1.00 38.64  ? 749 LEU A O    1 
ATOM   1254 C CB   . LEU A 1 77 ? 6.178   37.671  8.880   1.00 45.63  ? 749 LEU A CB   1 
ATOM   1255 C CG   . LEU A 1 77 ? 6.283   37.857  10.394  1.00 34.30  ? 749 LEU A CG   1 
ATOM   1256 C CD1  . LEU A 1 77 ? 5.209   38.810  10.856  1.00 37.78  ? 749 LEU A CD1  1 
ATOM   1257 C CD2  . LEU A 1 77 ? 6.167   36.529  11.126  1.00 40.58  ? 749 LEU A CD2  1 
ATOM   1258 H H    . LEU A 1 77 ? 6.114   37.826  6.448   1.00 43.42  ? 749 LEU A H    1 
ATOM   1259 H HA   . LEU A 1 77 ? 5.787   39.605  8.329   1.00 40.53  ? 749 LEU A HA   1 
ATOM   1260 H HB2  . LEU A 1 77 ? 5.284   37.350  8.687   1.00 54.83  ? 749 LEU A HB2  1 
ATOM   1261 H HB3  . LEU A 1 77 ? 6.829   36.999  8.622   1.00 54.83  ? 749 LEU A HB3  1 
ATOM   1262 H HG   . LEU A 1 77 ? 7.146   38.246  10.608  1.00 41.23  ? 749 LEU A HG   1 
ATOM   1263 H HD11 . LEU A 1 77 ? 5.280   38.923  11.817  1.00 45.40  ? 749 LEU A HD11 1 
ATOM   1264 H HD12 . LEU A 1 77 ? 5.332   39.663  10.412  1.00 45.40  ? 749 LEU A HD12 1 
ATOM   1265 H HD13 . LEU A 1 77 ? 4.341   38.440  10.630  1.00 45.40  ? 749 LEU A HD13 1 
ATOM   1266 H HD21 . LEU A 1 77 ? 6.238   36.688  12.081  1.00 48.77  ? 749 LEU A HD21 1 
ATOM   1267 H HD22 . LEU A 1 77 ? 5.308   36.129  10.920  1.00 48.77  ? 749 LEU A HD22 1 
ATOM   1268 H HD23 . LEU A 1 77 ? 6.883   35.944  10.834  1.00 48.77  ? 749 LEU A HD23 1 
ATOM   1269 N N    . GLU A 1 78 ? 8.845   38.861  7.734   1.00 61.42  ? 750 GLU A N    1 
ATOM   1270 C CA   . GLU A 1 78 ? 10.213  39.334  7.926   1.00 48.04  ? 750 GLU A CA   1 
ATOM   1271 C C    . GLU A 1 78 ? 10.363  40.757  7.414   1.00 30.10  ? 750 GLU A C    1 
ATOM   1272 O O    . GLU A 1 78 ? 10.877  41.634  8.120   1.00 56.47  ? 750 GLU A O    1 
ATOM   1273 C CB   . GLU A 1 78 ? 11.205  38.411  7.220   1.00 46.51  ? 750 GLU A CB   1 
ATOM   1274 C CG   . GLU A 1 78 ? 11.370  37.052  7.881   1.00 87.38  ? 750 GLU A CG   1 
ATOM   1275 C CD   . GLU A 1 78 ? 11.901  37.152  9.297   1.00 108.35 ? 750 GLU A CD   1 
ATOM   1276 O OE1  . GLU A 1 78 ? 12.796  37.991  9.538   1.00 113.97 ? 750 GLU A OE1  1 
ATOM   1277 O OE2  . GLU A 1 78 ? 11.415  36.397  10.170  1.00 81.72  ? 750 GLU A OE2  1 
ATOM   1278 H H    . GLU A 1 78 ? 8.771   38.181  7.212   1.00 73.77  ? 750 GLU A H    1 
ATOM   1279 H HA   . GLU A 1 78 ? 10.420  39.331  8.873   1.00 57.72  ? 750 GLU A HA   1 
ATOM   1280 H HB2  . GLU A 1 78 ? 10.898  38.262  6.311   1.00 55.89  ? 750 GLU A HB2  1 
ATOM   1281 H HB3  . GLU A 1 78 ? 12.074  38.840  7.206   1.00 55.89  ? 750 GLU A HB3  1 
ATOM   1282 H HG2  . GLU A 1 78 ? 10.509  36.610  7.914   1.00 104.93 ? 750 GLU A HG2  1 
ATOM   1283 H HG3  . GLU A 1 78 ? 11.996  36.522  7.363   1.00 104.93 ? 750 GLU A HG3  1 
ATOM   1284 N N    . ILE A 1 79 ? 9.934   41.004  6.176   1.00 37.43  ? 751 ILE A N    1 
ATOM   1285 C CA   . ILE A 1 79 ? 10.041  42.351  5.626   1.00 38.47  ? 751 ILE A CA   1 
ATOM   1286 C C    . ILE A 1 79 ? 9.319   43.347  6.524   1.00 41.39  ? 751 ILE A C    1 
ATOM   1287 O O    . ILE A 1 79 ? 9.769   44.486  6.694   1.00 41.20  ? 751 ILE A O    1 
ATOM   1288 C CB   . ILE A 1 79 ? 9.501   42.388  4.184   1.00 39.12  ? 751 ILE A CB   1 
ATOM   1289 C CG1  . ILE A 1 79 ? 10.443  41.622  3.259   1.00 55.63  ? 751 ILE A CG1  1 
ATOM   1290 C CG2  . ILE A 1 79 ? 9.341   43.828  3.698   1.00 51.91  ? 751 ILE A CG2  1 
ATOM   1291 C CD1  . ILE A 1 79 ? 9.966   41.536  1.818   1.00 71.36  ? 751 ILE A CD1  1 
ATOM   1292 H H    . ILE A 1 79 ? 9.584   40.423  5.647   1.00 44.99  ? 751 ILE A H    1 
ATOM   1293 H HA   . ILE A 1 79 ? 10.978  42.603  5.598   1.00 46.23  ? 751 ILE A HA   1 
ATOM   1294 H HB   . ILE A 1 79 ? 8.632   41.957  4.168   1.00 47.02  ? 751 ILE A HB   1 
ATOM   1295 H HG12 . ILE A 1 79 ? 11.306  42.064  3.258   1.00 66.83  ? 751 ILE A HG12 1 
ATOM   1296 H HG13 . ILE A 1 79 ? 10.540  40.716  3.593   1.00 66.83  ? 751 ILE A HG13 1 
ATOM   1297 H HG21 . ILE A 1 79 ? 9.000   43.818  2.790   1.00 62.37  ? 751 ILE A HG21 1 
ATOM   1298 H HG22 . ILE A 1 79 ? 8.718   44.290  4.280   1.00 62.37  ? 751 ILE A HG22 1 
ATOM   1299 H HG23 . ILE A 1 79 ? 10.205  44.266  3.722   1.00 62.37  ? 751 ILE A HG23 1 
ATOM   1300 H HD11 . ILE A 1 79 ? 10.617  41.037  1.300   1.00 85.70  ? 751 ILE A HD11 1 
ATOM   1301 H HD12 . ILE A 1 79 ? 9.108   41.083  1.797   1.00 85.70  ? 751 ILE A HD12 1 
ATOM   1302 H HD13 . ILE A 1 79 ? 9.876   42.434  1.462   1.00 85.70  ? 751 ILE A HD13 1 
ATOM   1303 N N    . GLU A 1 80 ? 8.196   42.942  7.118   1.00 38.55  ? 752 GLU A N    1 
ATOM   1304 C CA   . GLU A 1 80 ? 7.423   43.899  7.903   1.00 45.37  ? 752 GLU A CA   1 
ATOM   1305 C C    . GLU A 1 80 ? 8.112   44.208  9.224   1.00 27.89  ? 752 GLU A C    1 
ATOM   1306 O O    . GLU A 1 80 ? 8.203   45.374  9.623   1.00 39.19  ? 752 GLU A O    1 
ATOM   1307 C CB   . GLU A 1 80 ? 6.011   43.380  8.146   1.00 37.89  ? 752 GLU A CB   1 
ATOM   1308 C CG   . GLU A 1 80 ? 5.034   44.479  8.497   1.00 50.24  ? 752 GLU A CG   1 
ATOM   1309 C CD   . GLU A 1 80 ? 4.683   45.352  7.302   1.00 92.19  ? 752 GLU A CD   1 
ATOM   1310 O OE1  . GLU A 1 80 ? 4.301   44.789  6.251   1.00 76.73  ? 752 GLU A OE1  1 
ATOM   1311 O OE2  . GLU A 1 80 ? 4.797   46.596  7.410   1.00 75.41  ? 752 GLU A OE2  1 
ATOM   1312 H H    . GLU A 1 80 ? 7.870   42.147  7.084   1.00 46.34  ? 752 GLU A H    1 
ATOM   1313 H HA   . GLU A 1 80 ? 7.353   44.728  7.404   1.00 54.51  ? 752 GLU A HA   1 
ATOM   1314 H HB2  . GLU A 1 80 ? 5.692   42.943  7.340   1.00 45.54  ? 752 GLU A HB2  1 
ATOM   1315 H HB3  . GLU A 1 80 ? 6.029   42.748  8.881   1.00 45.54  ? 752 GLU A HB3  1 
ATOM   1316 H HG2  . GLU A 1 80 ? 4.215   44.079  8.829   1.00 60.37  ? 752 GLU A HG2  1 
ATOM   1317 H HG3  . GLU A 1 80 ? 5.427   45.045  9.179   1.00 60.37  ? 752 GLU A HG3  1 
ATOM   1318 N N    . LEU A 1 81 ? 8.621   43.188  9.917   1.00 37.73  ? 753 LEU A N    1 
ATOM   1319 C CA   . LEU A 1 81 ? 9.340   43.471  11.154  1.00 32.02  ? 753 LEU A CA   1 
ATOM   1320 C C    . LEU A 1 81 ? 10.606  44.270  10.880  1.00 39.01  ? 753 LEU A C    1 
ATOM   1321 O O    . LEU A 1 81 ? 10.985  45.130  11.684  1.00 44.62  ? 753 LEU A O    1 
ATOM   1322 C CB   . LEU A 1 81 ? 9.659   42.174  11.896  1.00 32.99  ? 753 LEU A CB   1 
ATOM   1323 C CG   . LEU A 1 81 ? 8.442   41.390  12.415  1.00 43.30  ? 753 LEU A CG   1 
ATOM   1324 C CD1  . LEU A 1 81 ? 8.893   40.162  13.204  1.00 36.34  ? 753 LEU A CD1  1 
ATOM   1325 C CD2  . LEU A 1 81 ? 7.503   42.261  13.265  1.00 42.14  ? 753 LEU A CD2  1 
ATOM   1326 H H    . LEU A 1 81 ? 8.565   42.356  9.703   1.00 45.35  ? 753 LEU A H    1 
ATOM   1327 H HA   . LEU A 1 81 ? 8.771   44.007  11.729  1.00 38.50  ? 753 LEU A HA   1 
ATOM   1328 H HB2  . LEU A 1 81 ? 10.147  41.590  11.294  1.00 39.67  ? 753 LEU A HB2  1 
ATOM   1329 H HB3  . LEU A 1 81 ? 10.215  42.388  12.661  1.00 39.67  ? 753 LEU A HB3  1 
ATOM   1330 H HG   . LEU A 1 81 ? 7.933   41.075  11.652  1.00 52.04  ? 753 LEU A HG   1 
ATOM   1331 H HD11 . LEU A 1 81 ? 8.109   39.685  13.520  1.00 43.68  ? 753 LEU A HD11 1 
ATOM   1332 H HD12 . LEU A 1 81 ? 9.417   39.589  12.623  1.00 43.68  ? 753 LEU A HD12 1 
ATOM   1333 H HD13 . LEU A 1 81 ? 9.430   40.451  13.957  1.00 43.68  ? 753 LEU A HD13 1 
ATOM   1334 H HD21 . LEU A 1 81 ? 6.757   41.719  13.565  1.00 50.64  ? 753 LEU A HD21 1 
ATOM   1335 H HD22 . LEU A 1 81 ? 7.994   42.600  14.029  1.00 50.64  ? 753 LEU A HD22 1 
ATOM   1336 H HD23 . LEU A 1 81 ? 7.181   42.999  12.724  1.00 50.64  ? 753 LEU A HD23 1 
ATOM   1337 N N    . SER A 1 82 ? 11.237  44.056  9.724   1.00 58.02  ? 754 SER A N    1 
ATOM   1338 C CA   . SER A 1 82 ? 12.411  44.848  9.374   1.00 37.54  ? 754 SER A CA   1 
ATOM   1339 C C    . SER A 1 82 ? 12.035  46.299  9.093   1.00 35.11  ? 754 SER A C    1 
ATOM   1340 O O    . SER A 1 82 ? 12.659  47.225  9.625   1.00 49.26  ? 754 SER A O    1 
ATOM   1341 C CB   . SER A 1 82 ? 13.119  44.228  8.174   1.00 48.40  ? 754 SER A CB   1 
ATOM   1342 O OG   . SER A 1 82 ? 13.703  42.988  8.534   1.00 95.31  ? 754 SER A OG   1 
ATOM   1343 H H    . SER A 1 82 ? 11.010  43.470  9.137   1.00 69.70  ? 754 SER A H    1 
ATOM   1344 H HA   . SER A 1 82 ? 13.029  44.840  10.122  1.00 45.12  ? 754 SER A HA   1 
ATOM   1345 H HB2  . SER A 1 82 ? 12.473  44.081  7.466   1.00 58.15  ? 754 SER A HB2  1 
ATOM   1346 H HB3  . SER A 1 82 ? 13.816  44.830  7.870   1.00 58.15  ? 754 SER A HB3  1 
ATOM   1347 H HG   . SER A 1 82 ? 14.092  42.650  7.871   1.00 114.45 ? 754 SER A HG   1 
ATOM   1348 N N    . ASN A 1 83 ? 11.030  46.519  8.240   1.00 24.14  ? 755 ASN A N    1 
ATOM   1349 C CA   . ASN A 1 83 ? 10.559  47.876  7.968   1.00 33.49  ? 755 ASN A CA   1 
ATOM   1350 C C    . ASN A 1 83 ? 10.171  48.586  9.259   1.00 51.80  ? 755 ASN A C    1 
ATOM   1351 O O    . ASN A 1 83 ? 10.444  49.783  9.436   1.00 58.32  ? 755 ASN A O    1 
ATOM   1352 C CB   . ASN A 1 83 ? 9.371   47.820  6.999   1.00 43.61  ? 755 ASN A CB   1 
ATOM   1353 C CG   . ASN A 1 83 ? 8.721   49.173  6.774   1.00 60.86  ? 755 ASN A CG   1 
ATOM   1354 O OD1  . ASN A 1 83 ? 9.396   50.190  6.623   1.00 62.39  ? 755 ASN A OD1  1 
ATOM   1355 N ND2  . ASN A 1 83 ? 7.393   49.188  6.746   1.00 93.12  ? 755 ASN A ND2  1 
ATOM   1356 H H    . ASN A 1 83 ? 10.610  45.904  7.811   1.00 29.04  ? 755 ASN A H    1 
ATOM   1357 H HA   . ASN A 1 83 ? 11.271  48.383  7.546   1.00 40.26  ? 755 ASN A HA   1 
ATOM   1358 H HB2  . ASN A 1 83 ? 9.681   47.490  6.141   1.00 52.40  ? 755 ASN A HB2  1 
ATOM   1359 H HB3  . ASN A 1 83 ? 8.699   47.221  7.361   1.00 52.40  ? 755 ASN A HB3  1 
ATOM   1360 H HD21 . ASN A 1 83 ? 6.974   49.928  6.622   1.00 111.82 ? 755 ASN A HD21 1 
ATOM   1361 H HD22 . ASN A 1 83 ? 6.952   48.457  6.855   1.00 111.82 ? 755 ASN A HD22 1 
ATOM   1362 N N    . LEU A 1 84 ? 9.550   47.856  10.182  1.00 53.46  ? 756 LEU A N    1 
ATOM   1363 C CA   . LEU A 1 84 ? 9.158   48.443  11.454  1.00 67.76  ? 756 LEU A CA   1 
ATOM   1364 C C    . LEU A 1 84 ? 10.380  48.840  12.271  1.00 42.78  ? 756 LEU A C    1 
ATOM   1365 O O    . LEU A 1 84 ? 10.448  49.955  12.802  1.00 53.90  ? 756 LEU A O    1 
ATOM   1366 C CB   . LEU A 1 84 ? 8.288   47.452  12.223  1.00 50.55  ? 756 LEU A CB   1 
ATOM   1367 C CG   . LEU A 1 84 ? 7.675   47.956  13.521  1.00 52.06  ? 756 LEU A CG   1 
ATOM   1368 C CD1  . LEU A 1 84 ? 6.354   48.664  13.241  1.00 65.17  ? 756 LEU A CD1  1 
ATOM   1369 C CD2  . LEU A 1 84 ? 7.489   46.803  14.479  1.00 57.17  ? 756 LEU A CD2  1 
ATOM   1370 H H    . LEU A 1 84 ? 9.347   47.025  10.095  1.00 64.22  ? 756 LEU A H    1 
ATOM   1371 H HA   . LEU A 1 84 ? 8.632   49.242  11.288  1.00 81.38  ? 756 LEU A HA   1 
ATOM   1372 H HB2  . LEU A 1 84 ? 7.557   47.179  11.647  1.00 60.73  ? 756 LEU A HB2  1 
ATOM   1373 H HB3  . LEU A 1 84 ? 8.830   46.679  12.443  1.00 60.73  ? 756 LEU A HB3  1 
ATOM   1374 H HG   . LEU A 1 84 ? 8.279   48.595  13.931  1.00 62.55  ? 756 LEU A HG   1 
ATOM   1375 H HD11 . LEU A 1 84 ? 5.981   48.977  14.079  1.00 78.28  ? 756 LEU A HD11 1 
ATOM   1376 H HD12 . LEU A 1 84 ? 6.518   49.415  12.650  1.00 78.28  ? 756 LEU A HD12 1 
ATOM   1377 H HD13 . LEU A 1 84 ? 5.745   48.039  12.819  1.00 78.28  ? 756 LEU A HD13 1 
ATOM   1378 H HD21 . LEU A 1 84 ? 7.098   47.136  15.301  1.00 68.67  ? 756 LEU A HD21 1 
ATOM   1379 H HD22 . LEU A 1 84 ? 6.900   46.148  14.073  1.00 68.67  ? 756 LEU A HD22 1 
ATOM   1380 H HD23 . LEU A 1 84 ? 8.354   46.403  14.661  1.00 68.67  ? 756 LEU A HD23 1 
ATOM   1381 N N    . LYS A 1 85 ? 11.355  47.936  12.392  1.00 42.38  ? 757 LYS A N    1 
ATOM   1382 C CA   . LYS A 1 85 ? 12.554  48.266  13.154  1.00 63.31  ? 757 LYS A CA   1 
ATOM   1383 C C    . LYS A 1 85 ? 13.270  49.460  12.543  1.00 53.84  ? 757 LYS A C    1 
ATOM   1384 O O    . LYS A 1 85 ? 13.830  50.292  13.265  1.00 58.91  ? 757 LYS A O    1 
ATOM   1385 C CB   . LYS A 1 85 ? 13.489  47.062  13.224  1.00 48.19  ? 757 LYS A CB   1 
ATOM   1386 C CG   . LYS A 1 85 ? 14.665  47.263  14.144  1.00 48.74  ? 757 LYS A CG   1 
ATOM   1387 C CD   . LYS A 1 85 ? 15.574  46.046  14.126  1.00 79.89  ? 757 LYS A CD   1 
ATOM   1388 C CE   . LYS A 1 85 ? 16.983  46.386  14.584  1.00 72.71  ? 757 LYS A CE   1 
ATOM   1389 N NZ   . LYS A 1 85 ? 17.040  46.809  16.007  1.00 88.73  ? 757 LYS A NZ   1 
ATOM   1390 H H    . LYS A 1 85 ? 11.346  47.146  12.051  1.00 50.93  ? 757 LYS A H    1 
ATOM   1391 H HA   . LYS A 1 85 ? 12.299  48.500  14.060  1.00 76.04  ? 757 LYS A HA   1 
ATOM   1392 H HB2  . LYS A 1 85 ? 12.989  46.295  13.544  1.00 57.90  ? 757 LYS A HB2  1 
ATOM   1393 H HB3  . LYS A 1 85 ? 13.834  46.882  12.335  1.00 57.90  ? 757 LYS A HB3  1 
ATOM   1394 H HG2  . LYS A 1 85 ? 15.177  48.033  13.849  1.00 58.57  ? 757 LYS A HG2  1 
ATOM   1395 H HG3  . LYS A 1 85 ? 14.347  47.394  15.051  1.00 58.57  ? 757 LYS A HG3  1 
ATOM   1396 H HD2  . LYS A 1 85 ? 15.216  45.372  14.723  1.00 95.94  ? 757 LYS A HD2  1 
ATOM   1397 H HD3  . LYS A 1 85 ? 15.625  45.700  13.221  1.00 95.94  ? 757 LYS A HD3  1 
ATOM   1398 H HE2  . LYS A 1 85 ? 17.547  45.604  14.481  1.00 87.32  ? 757 LYS A HE2  1 
ATOM   1399 H HE3  . LYS A 1 85 ? 17.324  47.115  14.041  1.00 87.32  ? 757 LYS A HE3  1 
ATOM   1400 H HZ1  . LYS A 1 85 ? 17.879  46.998  16.235  1.00 106.55 ? 757 LYS A HZ1  1 
ATOM   1401 H HZ2  . LYS A 1 85 ? 16.536  47.533  16.130  1.00 106.55 ? 757 LYS A HZ2  1 
ATOM   1402 H HZ3  . LYS A 1 85 ? 16.739  46.154  16.531  1.00 106.55 ? 757 LYS A HZ3  1 
ATOM   1403 N N    . ALA A 1 86 ? 13.234  49.576  11.215  1.00 57.83  ? 758 ALA A N    1 
ATOM   1404 C CA   . ALA A 1 86 ? 13.887  50.695  10.544  1.00 48.11  ? 758 ALA A CA   1 
ATOM   1405 C C    . ALA A 1 86 ? 13.179  52.011  10.853  1.00 50.02  ? 758 ALA A C    1 
ATOM   1406 O O    . ALA A 1 86 ? 13.823  53.001  11.226  1.00 59.73  ? 758 ALA A O    1 
ATOM   1407 C CB   . ALA A 1 86 ? 13.935  50.442  9.036   1.00 31.15  ? 758 ALA A CB   1 
ATOM   1408 H H    . ALA A 1 86 ? 12.841  49.023  10.686  1.00 69.47  ? 758 ALA A H    1 
ATOM   1409 H HA   . ALA A 1 86 ? 14.800  50.765  10.864  1.00 57.81  ? 758 ALA A HA   1 
ATOM   1410 H HB1  . ALA A 1 86 ? 14.371  51.193  8.604   1.00 37.46  ? 758 ALA A HB1  1 
ATOM   1411 H HB2  . ALA A 1 86 ? 14.435  49.628  8.869   1.00 37.46  ? 758 ALA A HB2  1 
ATOM   1412 H HB3  . ALA A 1 86 ? 13.029  50.349  8.703   1.00 37.46  ? 758 ALA A HB3  1 
ATOM   1413 N N    . GLU A 1 87 ? 11.853  52.050  10.699  1.00 49.08  ? 759 GLU A N    1 
ATOM   1414 C CA   . GLU A 1 87 ? 11.126  53.270  11.046  1.00 34.91  ? 759 GLU A CA   1 
ATOM   1415 C C    . GLU A 1 87 ? 11.295  53.627  12.522  1.00 74.56  ? 759 GLU A C    1 
ATOM   1416 O O    . GLU A 1 87 ? 11.276  54.812  12.884  1.00 56.75  ? 759 GLU A O    1 
ATOM   1417 C CB   . GLU A 1 87 ? 9.646   53.128  10.701  1.00 42.80  ? 759 GLU A CB   1 
ATOM   1418 C CG   . GLU A 1 87 ? 9.382   52.992  9.211   1.00 62.07  ? 759 GLU A CG   1 
ATOM   1419 C CD   . GLU A 1 87 ? 7.919   53.172  8.849   1.00 91.57  ? 759 GLU A CD   1 
ATOM   1420 O OE1  . GLU A 1 87 ? 7.183   53.813  9.632   1.00 95.09  ? 759 GLU A OE1  1 
ATOM   1421 O OE2  . GLU A 1 87 ? 7.504   52.673  7.781   1.00 89.89  ? 759 GLU A OE2  1 
ATOM   1422 H H    . GLU A 1 87 ? 11.366  51.404  10.407  1.00 58.97  ? 759 GLU A H    1 
ATOM   1423 H HA   . GLU A 1 87 ? 11.482  54.005  10.521  1.00 41.97  ? 759 GLU A HA   1 
ATOM   1424 H HB2  . GLU A 1 87 ? 9.297   52.336  11.138  1.00 51.43  ? 759 GLU A HB2  1 
ATOM   1425 H HB3  . GLU A 1 87 ? 9.173   53.914  11.016  1.00 51.43  ? 759 GLU A HB3  1 
ATOM   1426 H HG2  . GLU A 1 87 ? 9.892   53.667  8.738   1.00 74.56  ? 759 GLU A HG2  1 
ATOM   1427 H HG3  . GLU A 1 87 ? 9.655   52.107  8.923   1.00 74.56  ? 759 GLU A HG3  1 
ATOM   1428 N N    . LEU A 1 88 ? 11.477  52.626  13.390  1.00 54.46  ? 760 LEU A N    1 
ATOM   1429 C CA   . LEU A 1 88 ? 11.720  52.935  14.796  1.00 38.55  ? 760 LEU A CA   1 
ATOM   1430 C C    . LEU A 1 88 ? 13.101  53.543  14.990  1.00 38.71  ? 760 LEU A C    1 
ATOM   1431 O O    . LEU A 1 88 ? 13.263  54.490  15.763  1.00 61.46  ? 760 LEU A O    1 
ATOM   1432 C CB   . LEU A 1 88 ? 11.574  51.685  15.661  1.00 54.38  ? 760 LEU A CB   1 
ATOM   1433 C CG   . LEU A 1 88 ? 10.181  51.218  16.080  1.00 49.94  ? 760 LEU A CG   1 
ATOM   1434 C CD1  . LEU A 1 88 ? 10.326  49.958  16.908  1.00 57.37  ? 760 LEU A CD1  1 
ATOM   1435 C CD2  . LEU A 1 88 ? 9.442   52.279  16.871  1.00 51.95  ? 760 LEU A CD2  1 
ATOM   1436 H H    . LEU A 1 88 ? 11.464  51.788  13.196  1.00 65.43  ? 760 LEU A H    1 
ATOM   1437 H HA   . LEU A 1 88 ? 11.062  53.584  15.094  1.00 46.33  ? 760 LEU A HA   1 
ATOM   1438 H HB2  . LEU A 1 88 ? 11.979  50.947  15.180  1.00 65.33  ? 760 LEU A HB2  1 
ATOM   1439 H HB3  . LEU A 1 88 ? 12.073  51.836  16.479  1.00 65.33  ? 760 LEU A HB3  1 
ATOM   1440 H HG   . LEU A 1 88 ? 9.660   51.007  15.289  1.00 60.00  ? 760 LEU A HG   1 
ATOM   1441 H HD11 . LEU A 1 88 ? 9.445   49.654  17.179  1.00 68.92  ? 760 LEU A HD11 1 
ATOM   1442 H HD12 . LEU A 1 88 ? 10.760  49.276  16.371  1.00 68.92  ? 760 LEU A HD12 1 
ATOM   1443 H HD13 . LEU A 1 88 ? 10.863  50.155  17.691  1.00 68.92  ? 760 LEU A HD13 1 
ATOM   1444 H HD21 . LEU A 1 88 ? 8.567   51.939  17.114  1.00 62.41  ? 760 LEU A HD21 1 
ATOM   1445 H HD22 . LEU A 1 88 ? 9.950   52.488  17.670  1.00 62.41  ? 760 LEU A HD22 1 
ATOM   1446 H HD23 . LEU A 1 88 ? 9.348   53.073  16.321  1.00 62.41  ? 760 LEU A HD23 1 
ATOM   1447 N N    . LEU A 1 89 ? 14.115  52.988  14.325  1.00 67.39  ? 761 LEU A N    1 
ATOM   1448 C CA   . LEU A 1 89 ? 15.440  53.600  14.346  1.00 46.09  ? 761 LEU A CA   1 
ATOM   1449 C C    . LEU A 1 89 ? 15.394  55.029  13.815  1.00 59.70  ? 761 LEU A C    1 
ATOM   1450 O O    . LEU A 1 89 ? 16.228  55.862  14.189  1.00 75.92  ? 761 LEU A O    1 
ATOM   1451 C CB   . LEU A 1 89 ? 16.409  52.756  13.520  1.00 50.44  ? 761 LEU A CB   1 
ATOM   1452 C CG   . LEU A 1 89 ? 17.853  53.246  13.408  1.00 87.62  ? 761 LEU A CG   1 
ATOM   1453 C CD1  . LEU A 1 89 ? 18.579  53.046  14.729  1.00 72.93  ? 761 LEU A CD1  1 
ATOM   1454 C CD2  . LEU A 1 89 ? 18.574  52.547  12.254  1.00 42.82  ? 761 LEU A CD2  1 
ATOM   1455 H H    . LEU A 1 89 ? 14.062  52.266  13.861  1.00 80.94  ? 761 LEU A H    1 
ATOM   1456 H HA   . LEU A 1 89 ? 15.764  53.626  15.259  1.00 55.38  ? 761 LEU A HA   1 
ATOM   1457 H HB2  . LEU A 1 89 ? 16.441  51.869  13.910  1.00 60.60  ? 761 LEU A HB2  1 
ATOM   1458 H HB3  . LEU A 1 89 ? 16.059  52.695  12.618  1.00 60.60  ? 761 LEU A HB3  1 
ATOM   1459 H HG   . LEU A 1 89 ? 17.845  54.197  13.217  1.00 105.22 ? 761 LEU A HG   1 
ATOM   1460 H HD11 . LEU A 1 89 ? 19.492  53.362  14.639  1.00 87.59  ? 761 LEU A HD11 1 
ATOM   1461 H HD12 . LEU A 1 89 ? 18.121  53.550  15.420  1.00 87.59  ? 761 LEU A HD12 1 
ATOM   1462 H HD13 . LEU A 1 89 ? 18.576  52.101  14.951  1.00 87.59  ? 761 LEU A HD13 1 
ATOM   1463 H HD21 . LEU A 1 89 ? 19.486  52.876  12.205  1.00 51.46  ? 761 LEU A HD21 1 
ATOM   1464 H HD22 . LEU A 1 89 ? 18.576  51.591  12.416  1.00 51.46  ? 761 LEU A HD22 1 
ATOM   1465 H HD23 . LEU A 1 89 ? 18.107  52.742  11.425  1.00 51.46  ? 761 LEU A HD23 1 
ATOM   1466 N N    . SER A 1 90 ? 14.448  55.320  12.926  1.00 55.38  ? 762 SER A N    1 
ATOM   1467 C CA   . SER A 1 90 ? 14.308  56.680  12.413  1.00 65.70  ? 762 SER A CA   1 
ATOM   1468 C C    . SER A 1 90 ? 13.688  57.601  13.464  1.00 57.85  ? 762 SER A C    1 
ATOM   1469 O O    . SER A 1 90 ? 14.210  58.694  13.737  1.00 88.28  ? 762 SER A O    1 
ATOM   1470 C CB   . SER A 1 90 ? 13.463  56.665  11.138  1.00 42.14  ? 762 SER A CB   1 
ATOM   1471 O OG   . SER A 1 90 ? 13.682  57.824  10.357  1.00 88.60  ? 762 SER A OG   1 
ATOM   1472 H H    . SER A 1 90 ? 13.882  54.757  12.606  1.00 66.53  ? 762 SER A H    1 
ATOM   1473 H HA   . SER A 1 90 ? 15.185  57.026  12.188  1.00 78.92  ? 762 SER A HA   1 
ATOM   1474 H HB2  . SER A 1 90 ? 13.699  55.884  10.615  1.00 50.64  ? 762 SER A HB2  1 
ATOM   1475 H HB3  . SER A 1 90 ? 12.525  56.625  11.384  1.00 50.64  ? 762 SER A HB3  1 
ATOM   1476 H HG   . SER A 1 90 ? 13.210  57.796  9.663   1.00 106.40 ? 762 SER A HG   1 
ATOM   1477 N N    . VAL A 1 91 ? 12.571  57.175  14.058  1.00 53.89  ? 763 VAL A N    1 
ATOM   1478 C CA   . VAL A 1 91 ? 11.893  57.994  15.064  1.00 51.56  ? 763 VAL A CA   1 
ATOM   1479 C C    . VAL A 1 91 ? 12.798  58.219  16.269  1.00 68.05  ? 763 VAL A C    1 
ATOM   1480 O O    . VAL A 1 91 ? 12.802  59.301  16.870  1.00 72.59  ? 763 VAL A O    1 
ATOM   1481 C CB   . VAL A 1 91 ? 10.555  57.345  15.471  1.00 35.60  ? 763 VAL A CB   1 
ATOM   1482 C CG1  . VAL A 1 91 ? 9.975   58.005  16.722  1.00 61.10  ? 763 VAL A CG1  1 
ATOM   1483 C CG2  . VAL A 1 91 ? 9.557   57.449  14.340  1.00 51.90  ? 763 VAL A CG2  1 
ATOM   1484 H H    . VAL A 1 91 ? 12.188  56.421  13.897  1.00 64.74  ? 763 VAL A H    1 
ATOM   1485 H HA   . VAL A 1 91 ? 11.695  58.862  14.677  1.00 61.95  ? 763 VAL A HA   1 
ATOM   1486 H HB   . VAL A 1 91 ? 10.701  56.406  15.662  1.00 42.80  ? 763 VAL A HB   1 
ATOM   1487 H HG11 . VAL A 1 91 ? 9.137   57.572  16.947  1.00 73.39  ? 763 VAL A HG11 1 
ATOM   1488 H HG12 . VAL A 1 91 ? 10.606  57.906  17.453  1.00 73.39  ? 763 VAL A HG12 1 
ATOM   1489 H HG13 . VAL A 1 91 ? 9.824   58.947  16.541  1.00 73.39  ? 763 VAL A HG13 1 
ATOM   1490 H HG21 . VAL A 1 91 ? 8.724   57.035  14.616  1.00 62.35  ? 763 VAL A HG21 1 
ATOM   1491 H HG22 . VAL A 1 91 ? 9.410   58.385  14.133  1.00 62.35  ? 763 VAL A HG22 1 
ATOM   1492 H HG23 . VAL A 1 91 ? 9.913   56.990  13.563  1.00 62.35  ? 763 VAL A HG23 1 
ATOM   1493 N N    . LYS A 1 92 ? 13.582  57.204  16.642  1.00 62.08  ? 764 LYS A N    1 
ATOM   1494 C CA   . LYS A 1 92 ? 14.450  57.334  17.806  1.00 45.52  ? 764 LYS A CA   1 
ATOM   1495 C C    . LYS A 1 92 ? 15.451  58.463  17.617  1.00 72.51  ? 764 LYS A C    1 
ATOM   1496 O O    . LYS A 1 92 ? 15.728  59.217  18.552  1.00 81.02  ? 764 LYS A O    1 
ATOM   1497 C CB   . LYS A 1 92 ? 15.176  56.015  18.071  1.00 53.66  ? 764 LYS A CB   1 
ATOM   1498 C CG   . LYS A 1 92 ? 16.277  56.116  19.117  1.00 46.55  ? 764 LYS A CG   1 
ATOM   1499 C CD   . LYS A 1 92 ? 16.842  54.751  19.465  1.00 71.38  ? 764 LYS A CD   1 
ATOM   1500 C CE   . LYS A 1 92 ? 18.028  54.863  20.414  1.00 68.06  ? 764 LYS A CE   1 
ATOM   1501 N NZ   . LYS A 1 92 ? 19.179  55.576  19.791  1.00 100.10 ? 764 LYS A NZ   1 
ATOM   1502 H H    . LYS A 1 92 ? 13.627  56.443  16.243  1.00 74.57  ? 764 LYS A H    1 
ATOM   1503 H HA   . LYS A 1 92 ? 13.909  57.540  18.583  1.00 54.70  ? 764 LYS A HA   1 
ATOM   1504 H HB2  . LYS A 1 92 ? 14.531  55.361  18.382  1.00 64.47  ? 764 LYS A HB2  1 
ATOM   1505 H HB3  . LYS A 1 92 ? 15.580  55.710  17.244  1.00 64.47  ? 764 LYS A HB3  1 
ATOM   1506 H HG2  . LYS A 1 92 ? 16.998  56.663  18.771  1.00 55.93  ? 764 LYS A HG2  1 
ATOM   1507 H HG3  . LYS A 1 92 ? 15.914  56.509  19.926  1.00 55.93  ? 764 LYS A HG3  1 
ATOM   1508 H HD2  . LYS A 1 92 ? 16.155  54.221  19.899  1.00 85.73  ? 764 LYS A HD2  1 
ATOM   1509 H HD3  . LYS A 1 92 ? 17.143  54.312  18.654  1.00 85.73  ? 764 LYS A HD3  1 
ATOM   1510 H HE2  . LYS A 1 92 ? 17.758  55.357  21.204  1.00 81.74  ? 764 LYS A HE2  1 
ATOM   1511 H HE3  . LYS A 1 92 ? 18.322  53.973  20.661  1.00 81.74  ? 764 LYS A HE3  1 
ATOM   1512 H HZ1  . LYS A 1 92 ? 19.450  55.139  19.065  1.00 120.19 ? 764 LYS A HZ1  1 
ATOM   1513 H HZ2  . LYS A 1 92 ? 18.936  56.400  19.559  1.00 120.19 ? 764 LYS A HZ2  1 
ATOM   1514 H HZ3  . LYS A 1 92 ? 19.855  55.625  20.368  1.00 120.19 ? 764 LYS A HZ3  1 
ATOM   1515 N N    . LYS A 1 93 ? 15.996  58.609  16.410  1.00 42.07  ? 765 LYS A N    1 
ATOM   1516 C CA   . LYS A 1 93 ? 16.956  59.680  16.166  1.00 77.83  ? 765 LYS A CA   1 
ATOM   1517 C C    . LYS A 1 93 ? 16.258  61.028  16.022  1.00 67.45  ? 765 LYS A C    1 
ATOM   1518 O O    . LYS A 1 93 ? 16.733  62.043  16.558  1.00 74.80  ? 765 LYS A O    1 
ATOM   1519 C CB   . LYS A 1 93 ? 17.791  59.352  14.930  1.00 82.83  ? 765 LYS A CB   1 
ATOM   1520 C CG   . LYS A 1 93 ? 18.753  58.197  15.169  1.00 54.08  ? 765 LYS A CG   1 
ATOM   1521 C CD   . LYS A 1 93 ? 19.502  57.794  13.913  1.00 51.94  ? 765 LYS A CD   1 
ATOM   1522 C CE   . LYS A 1 93 ? 20.666  56.863  14.235  1.00 92.13  ? 765 LYS A CE   1 
ATOM   1523 N NZ   . LYS A 1 93 ? 21.717  57.533  15.058  1.00 87.22  ? 765 LYS A NZ   1 
ATOM   1524 H H    . LYS A 1 93 ? 15.830  58.111  15.728  1.00 50.56  ? 765 LYS A H    1 
ATOM   1525 H HA   . LYS A 1 93 ? 17.559  59.738  16.924  1.00 93.47  ? 765 LYS A HA   1 
ATOM   1526 H HB2  . LYS A 1 93 ? 17.198  59.104  14.204  1.00 99.47  ? 765 LYS A HB2  1 
ATOM   1527 H HB3  . LYS A 1 93 ? 18.313  60.132  14.684  1.00 99.47  ? 765 LYS A HB3  1 
ATOM   1528 H HG2  . LYS A 1 93 ? 19.406  58.462  15.836  1.00 64.97  ? 765 LYS A HG2  1 
ATOM   1529 H HG3  . LYS A 1 93 ? 18.253  57.428  15.480  1.00 64.97  ? 765 LYS A HG3  1 
ATOM   1530 H HD2  . LYS A 1 93 ? 18.898  57.328  13.314  1.00 62.40  ? 765 LYS A HD2  1 
ATOM   1531 H HD3  . LYS A 1 93 ? 19.857  58.587  13.483  1.00 62.40  ? 765 LYS A HD3  1 
ATOM   1532 H HE2  . LYS A 1 93 ? 20.333  56.100  14.733  1.00 110.63 ? 765 LYS A HE2  1 
ATOM   1533 H HE3  . LYS A 1 93 ? 21.075  56.569  13.406  1.00 110.63 ? 765 LYS A HE3  1 
ATOM   1534 H HZ1  . LYS A 1 93 ? 22.044  58.236  14.621  1.00 104.74 ? 765 LYS A HZ1  1 
ATOM   1535 H HZ2  . LYS A 1 93 ? 21.369  57.810  15.829  1.00 104.74 ? 765 LYS A HZ2  1 
ATOM   1536 H HZ3  . LYS A 1 93 ? 22.379  56.964  15.227  1.00 104.74 ? 765 LYS A HZ3  1 
ATOM   1537 N N    . GLN A 1 94 ? 15.120  61.057  15.321  1.00 58.38  ? 766 GLN A N    1 
ATOM   1538 C CA   . GLN A 1 94 ? 14.319  62.276  15.299  1.00 65.68  ? 766 GLN A CA   1 
ATOM   1539 C C    . GLN A 1 94 ? 14.069  62.785  16.712  1.00 62.15  ? 766 GLN A C    1 
ATOM   1540 O O    . GLN A 1 94 ? 14.011  64.000  16.937  1.00 116.33 ? 766 GLN A O    1 
ATOM   1541 C CB   . GLN A 1 94 ? 12.987  62.034  14.585  1.00 60.99  ? 766 GLN A CB   1 
ATOM   1542 C CG   . GLN A 1 94 ? 13.131  61.551  13.157  1.00 78.99  ? 766 GLN A CG   1 
ATOM   1543 C CD   . GLN A 1 94 ? 12.136  62.212  12.225  1.00 121.47 ? 766 GLN A CD   1 
ATOM   1544 O OE1  . GLN A 1 94 ? 10.937  61.939  12.280  1.00 136.19 ? 766 GLN A OE1  1 
ATOM   1545 N NE2  . GLN A 1 94 ? 12.630  63.099  11.369  1.00 74.65  ? 766 GLN A NE2  1 
ATOM   1546 H H    . GLN A 1 94 ? 14.800  60.402  14.863  1.00 70.13  ? 766 GLN A H    1 
ATOM   1547 H HA   . GLN A 1 94 ? 14.800  62.963  14.813  1.00 78.89  ? 766 GLN A HA   1 
ATOM   1548 H HB2  . GLN A 1 94 ? 12.488  61.362  15.076  1.00 73.26  ? 766 GLN A HB2  1 
ATOM   1549 H HB3  . GLN A 1 94 ? 12.488  62.865  14.567  1.00 73.26  ? 766 GLN A HB3  1 
ATOM   1550 H HG2  . GLN A 1 94 ? 14.025  61.757  12.841  1.00 94.86  ? 766 GLN A HG2  1 
ATOM   1551 H HG3  . GLN A 1 94 ? 12.980  60.593  13.129  1.00 94.86  ? 766 GLN A HG3  1 
ATOM   1552 H HE21 . GLN A 1 94 ? 13.474  63.266  11.363  1.00 89.66  ? 766 GLN A HE21 1 
ATOM   1553 H HE22 . GLN A 1 94 ? 12.108  63.503  10.819  1.00 89.66  ? 766 GLN A HE22 1 
ATOM   1554 N N    . LEU A 1 95 ? 13.924  61.871  17.674  1.00 92.98  ? 767 LEU A N    1 
ATOM   1555 C CA   . LEU A 1 95 ? 13.753  62.261  19.070  1.00 68.68  ? 767 LEU A CA   1 
ATOM   1556 C C    . LEU A 1 95 ? 15.078  62.620  19.735  1.00 69.27  ? 767 LEU A C    1 
ATOM   1557 O O    . LEU A 1 95 ? 15.123  63.540  20.556  1.00 113.11 ? 767 LEU A O    1 
ATOM   1558 C CB   . LEU A 1 95 ? 13.072  61.141  19.863  1.00 80.25  ? 767 LEU A CB   1 
ATOM   1559 C CG   . LEU A 1 95 ? 11.610  60.820  19.541  1.00 93.04  ? 767 LEU A CG   1 
ATOM   1560 C CD1  . LEU A 1 95 ? 11.028  59.931  20.628  1.00 100.22 ? 767 LEU A CD1  1 
ATOM   1561 C CD2  . LEU A 1 95 ? 10.760  62.075  19.367  1.00 61.80  ? 767 LEU A CD2  1 
ATOM   1562 H H    . LEU A 1 95 ? 13.922  61.021  17.543  1.00 111.65 ? 767 LEU A H    1 
ATOM   1563 H HA   . LEU A 1 95 ? 13.180  63.044  19.109  1.00 82.49  ? 767 LEU A HA   1 
ATOM   1564 H HB2  . LEU A 1 95 ? 13.579  60.327  19.722  1.00 96.38  ? 767 LEU A HB2  1 
ATOM   1565 H HB3  . LEU A 1 95 ? 13.108  61.377  20.803  1.00 96.38  ? 767 LEU A HB3  1 
ATOM   1566 H HG   . LEU A 1 95 ? 11.578  60.324  18.707  1.00 111.73 ? 767 LEU A HG   1 
ATOM   1567 H HD11 . LEU A 1 95 ? 10.103  59.734  20.413  1.00 120.33 ? 767 LEU A HD11 1 
ATOM   1568 H HD12 . LEU A 1 95 ? 11.541  59.108  20.670  1.00 120.33 ? 767 LEU A HD12 1 
ATOM   1569 H HD13 . LEU A 1 95 ? 11.079  60.397  21.478  1.00 120.33 ? 767 LEU A HD13 1 
ATOM   1570 H HD21 . LEU A 1 95 ? 9.848   61.814  19.165  1.00 74.23  ? 767 LEU A HD21 1 
ATOM   1571 H HD22 . LEU A 1 95 ? 10.784  62.588  20.190  1.00 74.23  ? 767 LEU A HD22 1 
ATOM   1572 H HD23 . LEU A 1 95 ? 11.123  62.603  18.638  1.00 74.23  ? 767 LEU A HD23 1 
ATOM   1573 N N    . GLU A 1 96 ? 16.154  61.898  19.407  1.00 63.40  ? 768 GLU A N    1 
ATOM   1574 C CA   . GLU A 1 96 ? 17.482  62.300  19.861  1.00 72.46  ? 768 GLU A CA   1 
ATOM   1575 C C    . GLU A 1 96 ? 17.726  63.766  19.553  1.00 113.30 ? 768 GLU A C    1 
ATOM   1576 O O    . GLU A 1 96 ? 18.508  64.426  20.247  1.00 109.35 ? 768 GLU A O    1 
ATOM   1577 C CB   . GLU A 1 96 ? 18.568  61.426  19.220  1.00 88.36  ? 768 GLU A CB   1 
ATOM   1578 C CG   . GLU A 1 96 ? 18.656  60.008  19.787  1.00 113.80 ? 768 GLU A CG   1 
ATOM   1579 C CD   . GLU A 1 96 ? 18.920  59.983  21.284  1.00 153.25 ? 768 GLU A CD   1 
ATOM   1580 O OE1  . GLU A 1 96 ? 19.423  60.993  21.823  1.00 142.25 ? 768 GLU A OE1  1 
ATOM   1581 O OE2  . GLU A 1 96 ? 18.616  58.953  21.924  1.00 120.60 ? 768 GLU A OE2  1 
ATOM   1582 H H    . GLU A 1 96 ? 16.140  61.182  18.929  1.00 76.15  ? 768 GLU A H    1 
ATOM   1583 H HA   . GLU A 1 96 ? 17.534  62.184  20.823  1.00 87.02  ? 768 GLU A HA   1 
ATOM   1584 H HB2  . GLU A 1 96 ? 18.386  61.351  18.270  1.00 106.10 ? 768 GLU A HB2  1 
ATOM   1585 H HB3  . GLU A 1 96 ? 19.428  61.852  19.355  1.00 106.10 ? 768 GLU A HB3  1 
ATOM   1586 H HG2  . GLU A 1 96 ? 17.817  59.550  19.624  1.00 136.63 ? 768 GLU A HG2  1 
ATOM   1587 H HG3  . GLU A 1 96 ? 19.381  59.537  19.348  1.00 136.63 ? 768 GLU A HG3  1 
ATOM   1588 N N    . ILE A 1 97 ? 17.071  64.296  18.524  1.00 131.40 ? 769 ILE A N    1 
ATOM   1589 C CA   . ILE A 1 97 ? 16.909  65.752  18.443  1.00 98.04  ? 769 ILE A CA   1 
ATOM   1590 C C    . ILE A 1 97 ? 15.775  66.168  19.379  1.00 74.05  ? 769 ILE A C    1 
ATOM   1591 O O    . ILE A 1 97 ? 15.951  67.012  20.254  1.00 60.31  ? 769 ILE A O    1 
ATOM   1592 C CB   . ILE A 1 97 ? 16.621  66.239  17.019  1.00 107.69 ? 769 ILE A CB   1 
ATOM   1593 C CG1  . ILE A 1 97 ? 17.686  65.725  16.054  1.00 117.29 ? 769 ILE A CG1  1 
ATOM   1594 C CG2  . ILE A 1 97 ? 16.593  67.765  16.981  1.00 70.09  ? 769 ILE A CG2  1 
ATOM   1595 C CD1  . ILE A 1 97 ? 17.122  65.333  14.718  1.00 86.35  ? 769 ILE A CD1  1 
ATOM   1596 H H    . ILE A 1 97 ? 16.720  63.853  17.876  1.00 157.76 ? 769 ILE A H    1 
ATOM   1597 H HA   . ILE A 1 97 ? 17.724  66.180  18.748  1.00 117.72 ? 769 ILE A HA   1 
ATOM   1598 H HB   . ILE A 1 97 ? 15.755  65.902  16.741  1.00 129.31 ? 769 ILE A HB   1 
ATOM   1599 H HG12 . ILE A 1 97 ? 18.343  66.424  15.907  1.00 140.82 ? 769 ILE A HG12 1 
ATOM   1600 H HG13 . ILE A 1 97 ? 18.112  64.944  16.440  1.00 140.82 ? 769 ILE A HG13 1 
ATOM   1601 H HG21 . ILE A 1 97 ? 16.410  68.054  16.073  1.00 84.18  ? 769 ILE A HG21 1 
ATOM   1602 H HG22 . ILE A 1 97 ? 15.896  68.083  17.576  1.00 84.18  ? 769 ILE A HG22 1 
ATOM   1603 H HG23 . ILE A 1 97 ? 17.455  68.104  17.269  1.00 84.18  ? 769 ILE A HG23 1 
ATOM   1604 H HD11 . ILE A 1 97 ? 17.842  65.016  14.152  1.00 103.69 ? 769 ILE A HD11 1 
ATOM   1605 H HD12 . ILE A 1 97 ? 16.467  64.628  14.847  1.00 103.69 ? 769 ILE A HD12 1 
ATOM   1606 H HD13 . ILE A 1 97 ? 16.699  66.106  14.315  1.00 103.69 ? 769 ILE A HD13 1 
HETATM 1607 C C    . ACT B 2 .  ? 6.136   8.557   -6.409  1.00 114.99 ? 801 ACT A C    1 
HETATM 1608 O O    . ACT B 2 .  ? 5.991   9.753   -5.982  1.00 86.85  ? 801 ACT A O    1 
HETATM 1609 O OXT  . ACT B 2 .  ? 5.682   8.025   -7.488  1.00 55.87  ? 801 ACT A OXT  1 
HETATM 1610 C CH3  . ACT B 2 .  ? 6.998   7.589   -5.490  1.00 68.63  ? 801 ACT A CH3  1 
HETATM 1611 H H1   . ACT B 2 .  ? 7.759   7.259   -5.992  1.00 82.43  ? 801 ACT A H1   1 
HETATM 1612 H H2   . ACT B 2 .  ? 7.349   8.083   -4.733  1.00 82.43  ? 801 ACT A H2   1 
HETATM 1613 H H3   . ACT B 2 .  ? 6.473   6.837   -5.171  1.00 82.43  ? 801 ACT A H3   1 
HETATM 1614 O O    . HOH C 3 .  ? 6.209   26.115  6.667   1.00 83.48  ? 901 HOH A O    1 
HETATM 1615 O O    . HOH C 3 .  ? 0.615   -5.850  2.273   0.50 38.16  ? 902 HOH A O    1 
HETATM 1616 O O    . HOH C 3 .  ? -0.421  -27.581 2.629   1.00 53.24  ? 903 HOH A O    1 
HETATM 1617 O O    . HOH C 3 .  ? 9.146   63.318  13.885  1.00 61.38  ? 904 HOH A O    1 
HETATM 1618 O O    . HOH C 3 .  ? -2.025  17.728  0.726   1.00 49.54  ? 905 HOH A O    1 
HETATM 1619 O O    . HOH C 3 .  ? 1.363   26.023  -7.654  1.00 43.62  ? 906 HOH A O    1 
HETATM 1620 O O    . HOH C 3 .  ? -14.769 -44.826 -10.626 1.00 63.89  ? 907 HOH A O    1 
HETATM 1621 O O    . HOH C 3 .  ? -9.365  5.607   -0.161  1.00 58.85  ? 908 HOH A O    1 
HETATM 1622 O O    . HOH C 3 .  ? 0.180   -25.523 4.689   1.00 61.04  ? 909 HOH A O    1 
HETATM 1623 O O    . HOH C 3 .  ? -15.095 -42.717 0.731   1.00 73.62  ? 910 HOH A O    1 
HETATM 1624 O O    . HOH C 3 .  ? 3.978   21.314  -9.859  1.00 57.40  ? 911 HOH A O    1 
HETATM 1625 O O    . HOH C 3 .  ? 3.541   35.008  -4.361  1.00 46.26  ? 912 HOH A O    1 
HETATM 1626 O O    . HOH C 3 .  ? 7.334   5.092   -9.698  1.00 65.09  ? 913 HOH A O    1 
HETATM 1627 O O    . HOH C 3 .  ? -5.245  -70.287 -7.091  1.00 68.35  ? 914 HOH A O    1 
HETATM 1628 O O    . HOH C 3 .  ? -1.472  32.230  -4.618  1.00 63.16  ? 915 HOH A O    1 
HETATM 1629 O O    . HOH C 3 .  ? 2.144   24.650  -11.217 1.00 55.65  ? 916 HOH A O    1 
# 
